data_1K4N
# 
_entry.id   1K4N 
# 
_audit_conform.dict_name       mmcif_pdbx.dic 
_audit_conform.dict_version    5.399 
_audit_conform.dict_location   http://mmcif.pdb.org/dictionaries/ascii/mmcif_pdbx.dic 
# 
loop_
_database_2.database_id 
_database_2.database_code 
_database_2.pdbx_database_accession 
_database_2.pdbx_DOI 
PDB   1K4N         pdb_00001k4n 10.2210/pdb1k4n/pdb 
RCSB  RCSB014555   ?            ?                   
WWPDB D_1000014555 ?            ?                   
# 
loop_
_pdbx_audit_revision_history.ordinal 
_pdbx_audit_revision_history.data_content_type 
_pdbx_audit_revision_history.major_revision 
_pdbx_audit_revision_history.minor_revision 
_pdbx_audit_revision_history.revision_date 
1 'Structure model' 1 0 2002-08-14 
2 'Structure model' 1 1 2008-04-27 
3 'Structure model' 1 2 2011-07-13 
4 'Structure model' 1 3 2024-11-20 
# 
_pdbx_audit_revision_details.ordinal             1 
_pdbx_audit_revision_details.revision_ordinal    1 
_pdbx_audit_revision_details.data_content_type   'Structure model' 
_pdbx_audit_revision_details.provider            repository 
_pdbx_audit_revision_details.type                'Initial release' 
_pdbx_audit_revision_details.description         ? 
_pdbx_audit_revision_details.details             ? 
# 
loop_
_pdbx_audit_revision_group.ordinal 
_pdbx_audit_revision_group.revision_ordinal 
_pdbx_audit_revision_group.data_content_type 
_pdbx_audit_revision_group.group 
1 2 'Structure model' 'Version format compliance' 
2 3 'Structure model' 'Version format compliance' 
3 4 'Structure model' 'Data collection'           
4 4 'Structure model' 'Database references'       
5 4 'Structure model' 'Derived calculations'      
6 4 'Structure model' 'Refinement description'    
7 4 'Structure model' 'Structure summary'         
# 
loop_
_pdbx_audit_revision_category.ordinal 
_pdbx_audit_revision_category.revision_ordinal 
_pdbx_audit_revision_category.data_content_type 
_pdbx_audit_revision_category.category 
1 4 'Structure model' chem_comp_atom            
2 4 'Structure model' chem_comp_bond            
3 4 'Structure model' database_2                
4 4 'Structure model' pdbx_entry_details        
5 4 'Structure model' pdbx_modification_feature 
6 4 'Structure model' software                  
7 4 'Structure model' struct_conn               
8 4 'Structure model' struct_ref_seq_dif        
# 
loop_
_pdbx_audit_revision_item.ordinal 
_pdbx_audit_revision_item.revision_ordinal 
_pdbx_audit_revision_item.data_content_type 
_pdbx_audit_revision_item.item 
1 4 'Structure model' '_database_2.pdbx_DOI'                
2 4 'Structure model' '_database_2.pdbx_database_accession' 
3 4 'Structure model' '_software.classification'            
4 4 'Structure model' '_software.name'                      
5 4 'Structure model' '_struct_conn.pdbx_leaving_atom_flag' 
6 4 'Structure model' '_struct_ref_seq_dif.details'         
# 
_pdbx_database_status.status_code                     REL 
_pdbx_database_status.entry_id                        1K4N 
_pdbx_database_status.recvd_initial_deposition_date   2001-10-08 
_pdbx_database_status.deposit_site                    RCSB 
_pdbx_database_status.process_site                    RCSB 
_pdbx_database_status.SG_entry                        Y 
_pdbx_database_status.status_code_sf                  ? 
_pdbx_database_status.status_code_mr                  ? 
_pdbx_database_status.pdb_format_compatible           Y 
_pdbx_database_status.status_code_cs                  ? 
_pdbx_database_status.status_code_nmr_data            ? 
_pdbx_database_status.methods_development_category    ? 
# 
_pdbx_database_related.db_name        TargetDB 
_pdbx_database_related.db_id          APC070 
_pdbx_database_related.details        . 
_pdbx_database_related.content_type   unspecified 
# 
loop_
_audit_author.name 
_audit_author.pdbx_ordinal 
'Zhang, R.G.'                                   1 
'Joachimiak, A.'                                2 
'Edwards, A.'                                   3 
'Savchenko, A.'                                 4 
'Skarina, T.'                                   5 
'Midwest Center for Structural Genomics (MCSG)' 6 
# 
_citation.id                        primary 
_citation.title                     
'Conserved protein YecM from Escherichia coli shows structural homology to metal-binding isomerases and oxygenases.' 
_citation.journal_abbrev            Proteins 
_citation.journal_volume            51 
_citation.page_first                311 
_citation.page_last                 314 
_citation.year                      2003 
_citation.journal_id_ASTM           PSFGEY 
_citation.country                   US 
_citation.journal_id_ISSN           0887-3585 
_citation.journal_id_CSD            0867 
_citation.book_publisher            ? 
_citation.pdbx_database_id_PubMed   12660999 
_citation.pdbx_database_id_DOI      10.1002/prot.10307 
# 
loop_
_citation_author.citation_id 
_citation_author.name 
_citation_author.ordinal 
_citation_author.identifier_ORCID 
primary 'Zhang, R.G.'    1 ? 
primary 'Duke, N.'       2 ? 
primary 'Laskowski, R.'  3 ? 
primary 'Evdokimova, E.' 4 ? 
primary 'Skarina, T.'    5 ? 
primary 'Edwards, A.'    6 ? 
primary 'Joachimiak, A.' 7 ? 
primary 'Savchenko, A.'  8 ? 
# 
loop_
_entity.id 
_entity.type 
_entity.src_method 
_entity.pdbx_description 
_entity.formula_weight 
_entity.pdbx_number_of_molecules 
_entity.pdbx_ec 
_entity.pdbx_mutation 
_entity.pdbx_fragment 
_entity.details 
1 polymer man 'Protein EC4020' 21811.229 1   ? ? ? ? 
2 water   nat water            18.015    253 ? ? ? ? 
# 
_entity_name_com.entity_id   1 
_entity_name_com.name        'protein yecM' 
# 
_entity_poly.entity_id                      1 
_entity_poly.type                           'polypeptide(L)' 
_entity_poly.nstd_linkage                   no 
_entity_poly.nstd_monomer                   yes 
_entity_poly.pdbx_seq_one_letter_code       
;GH(MSE)I(MSE)ANWQSIDELQDIASDLPRFIHALDELSRRLGLNITPLTADHISLRCHQNATAERWRRGFEQCGELLS
EN(MSE)INGRPICLFKLHEPVQVAHWQFSIVELPWPGEKRYPHEGWEHIEIVLPGDPETLNARALALLSDEGLSLPGIS
VKTSSPKGEHERLPNPTLAVTDGKTTIKFHPWSIEEIVASEQSA
;
_entity_poly.pdbx_seq_one_letter_code_can   
;GHMIMANWQSIDELQDIASDLPRFIHALDELSRRLGLNITPLTADHISLRCHQNATAERWRRGFEQCGELLSENMINGRP
ICLFKLHEPVQVAHWQFSIVELPWPGEKRYPHEGWEHIEIVLPGDPETLNARALALLSDEGLSLPGISVKTSSPKGEHER
LPNPTLAVTDGKTTIKFHPWSIEEIVASEQSA
;
_entity_poly.pdbx_strand_id                 A 
_entity_poly.pdbx_target_identifier         APC070 
# 
_pdbx_entity_nonpoly.entity_id   2 
_pdbx_entity_nonpoly.name        water 
_pdbx_entity_nonpoly.comp_id     HOH 
# 
loop_
_entity_poly_seq.entity_id 
_entity_poly_seq.num 
_entity_poly_seq.mon_id 
_entity_poly_seq.hetero 
1 1   GLY n 
1 2   HIS n 
1 3   MSE n 
1 4   ILE n 
1 5   MSE n 
1 6   ALA n 
1 7   ASN n 
1 8   TRP n 
1 9   GLN n 
1 10  SER n 
1 11  ILE n 
1 12  ASP n 
1 13  GLU n 
1 14  LEU n 
1 15  GLN n 
1 16  ASP n 
1 17  ILE n 
1 18  ALA n 
1 19  SER n 
1 20  ASP n 
1 21  LEU n 
1 22  PRO n 
1 23  ARG n 
1 24  PHE n 
1 25  ILE n 
1 26  HIS n 
1 27  ALA n 
1 28  LEU n 
1 29  ASP n 
1 30  GLU n 
1 31  LEU n 
1 32  SER n 
1 33  ARG n 
1 34  ARG n 
1 35  LEU n 
1 36  GLY n 
1 37  LEU n 
1 38  ASN n 
1 39  ILE n 
1 40  THR n 
1 41  PRO n 
1 42  LEU n 
1 43  THR n 
1 44  ALA n 
1 45  ASP n 
1 46  HIS n 
1 47  ILE n 
1 48  SER n 
1 49  LEU n 
1 50  ARG n 
1 51  CYS n 
1 52  HIS n 
1 53  GLN n 
1 54  ASN n 
1 55  ALA n 
1 56  THR n 
1 57  ALA n 
1 58  GLU n 
1 59  ARG n 
1 60  TRP n 
1 61  ARG n 
1 62  ARG n 
1 63  GLY n 
1 64  PHE n 
1 65  GLU n 
1 66  GLN n 
1 67  CYS n 
1 68  GLY n 
1 69  GLU n 
1 70  LEU n 
1 71  LEU n 
1 72  SER n 
1 73  GLU n 
1 74  ASN n 
1 75  MSE n 
1 76  ILE n 
1 77  ASN n 
1 78  GLY n 
1 79  ARG n 
1 80  PRO n 
1 81  ILE n 
1 82  CYS n 
1 83  LEU n 
1 84  PHE n 
1 85  LYS n 
1 86  LEU n 
1 87  HIS n 
1 88  GLU n 
1 89  PRO n 
1 90  VAL n 
1 91  GLN n 
1 92  VAL n 
1 93  ALA n 
1 94  HIS n 
1 95  TRP n 
1 96  GLN n 
1 97  PHE n 
1 98  SER n 
1 99  ILE n 
1 100 VAL n 
1 101 GLU n 
1 102 LEU n 
1 103 PRO n 
1 104 TRP n 
1 105 PRO n 
1 106 GLY n 
1 107 GLU n 
1 108 LYS n 
1 109 ARG n 
1 110 TYR n 
1 111 PRO n 
1 112 HIS n 
1 113 GLU n 
1 114 GLY n 
1 115 TRP n 
1 116 GLU n 
1 117 HIS n 
1 118 ILE n 
1 119 GLU n 
1 120 ILE n 
1 121 VAL n 
1 122 LEU n 
1 123 PRO n 
1 124 GLY n 
1 125 ASP n 
1 126 PRO n 
1 127 GLU n 
1 128 THR n 
1 129 LEU n 
1 130 ASN n 
1 131 ALA n 
1 132 ARG n 
1 133 ALA n 
1 134 LEU n 
1 135 ALA n 
1 136 LEU n 
1 137 LEU n 
1 138 SER n 
1 139 ASP n 
1 140 GLU n 
1 141 GLY n 
1 142 LEU n 
1 143 SER n 
1 144 LEU n 
1 145 PRO n 
1 146 GLY n 
1 147 ILE n 
1 148 SER n 
1 149 VAL n 
1 150 LYS n 
1 151 THR n 
1 152 SER n 
1 153 SER n 
1 154 PRO n 
1 155 LYS n 
1 156 GLY n 
1 157 GLU n 
1 158 HIS n 
1 159 GLU n 
1 160 ARG n 
1 161 LEU n 
1 162 PRO n 
1 163 ASN n 
1 164 PRO n 
1 165 THR n 
1 166 LEU n 
1 167 ALA n 
1 168 VAL n 
1 169 THR n 
1 170 ASP n 
1 171 GLY n 
1 172 LYS n 
1 173 THR n 
1 174 THR n 
1 175 ILE n 
1 176 LYS n 
1 177 PHE n 
1 178 HIS n 
1 179 PRO n 
1 180 TRP n 
1 181 SER n 
1 182 ILE n 
1 183 GLU n 
1 184 GLU n 
1 185 ILE n 
1 186 VAL n 
1 187 ALA n 
1 188 SER n 
1 189 GLU n 
1 190 GLN n 
1 191 SER n 
1 192 ALA n 
# 
_entity_src_gen.entity_id                          1 
_entity_src_gen.pdbx_src_id                        1 
_entity_src_gen.pdbx_alt_source_flag               sample 
_entity_src_gen.pdbx_seq_type                      ? 
_entity_src_gen.pdbx_beg_seq_num                   ? 
_entity_src_gen.pdbx_end_seq_num                   ? 
_entity_src_gen.gene_src_common_name               ? 
_entity_src_gen.gene_src_genus                     Escherichia 
_entity_src_gen.pdbx_gene_src_gene                 ? 
_entity_src_gen.gene_src_species                   ? 
_entity_src_gen.gene_src_strain                    ? 
_entity_src_gen.gene_src_tissue                    ? 
_entity_src_gen.gene_src_tissue_fraction           ? 
_entity_src_gen.gene_src_details                   ? 
_entity_src_gen.pdbx_gene_src_fragment             ? 
_entity_src_gen.pdbx_gene_src_scientific_name      'Escherichia coli' 
_entity_src_gen.pdbx_gene_src_ncbi_taxonomy_id     562 
_entity_src_gen.pdbx_gene_src_variant              ? 
_entity_src_gen.pdbx_gene_src_cell_line            ? 
_entity_src_gen.pdbx_gene_src_atcc                 ? 
_entity_src_gen.pdbx_gene_src_organ                ? 
_entity_src_gen.pdbx_gene_src_organelle            ? 
_entity_src_gen.pdbx_gene_src_cell                 ? 
_entity_src_gen.pdbx_gene_src_cellular_location    ? 
_entity_src_gen.host_org_common_name               ? 
_entity_src_gen.pdbx_host_org_scientific_name      'Escherichia coli' 
_entity_src_gen.pdbx_host_org_ncbi_taxonomy_id     562 
_entity_src_gen.host_org_genus                     Escherichia 
_entity_src_gen.pdbx_host_org_gene                 ? 
_entity_src_gen.pdbx_host_org_organ                ? 
_entity_src_gen.host_org_species                   ? 
_entity_src_gen.pdbx_host_org_tissue               ? 
_entity_src_gen.pdbx_host_org_tissue_fraction      ? 
_entity_src_gen.pdbx_host_org_strain               ? 
_entity_src_gen.pdbx_host_org_variant              ? 
_entity_src_gen.pdbx_host_org_cell_line            ? 
_entity_src_gen.pdbx_host_org_atcc                 ? 
_entity_src_gen.pdbx_host_org_culture_collection   ? 
_entity_src_gen.pdbx_host_org_cell                 ? 
_entity_src_gen.pdbx_host_org_organelle            ? 
_entity_src_gen.pdbx_host_org_cellular_location    ? 
_entity_src_gen.pdbx_host_org_vector_type          plasmid 
_entity_src_gen.pdbx_host_org_vector               ? 
_entity_src_gen.host_org_details                   ? 
_entity_src_gen.expression_system_id               ? 
_entity_src_gen.plasmid_name                       ? 
_entity_src_gen.plasmid_details                    ? 
_entity_src_gen.pdbx_description                   ? 
# 
loop_
_chem_comp.id 
_chem_comp.type 
_chem_comp.mon_nstd_flag 
_chem_comp.name 
_chem_comp.pdbx_synonyms 
_chem_comp.formula 
_chem_comp.formula_weight 
ALA 'L-peptide linking' y ALANINE          ? 'C3 H7 N O2'     89.093  
ARG 'L-peptide linking' y ARGININE         ? 'C6 H15 N4 O2 1' 175.209 
ASN 'L-peptide linking' y ASPARAGINE       ? 'C4 H8 N2 O3'    132.118 
ASP 'L-peptide linking' y 'ASPARTIC ACID'  ? 'C4 H7 N O4'     133.103 
CYS 'L-peptide linking' y CYSTEINE         ? 'C3 H7 N O2 S'   121.158 
GLN 'L-peptide linking' y GLUTAMINE        ? 'C5 H10 N2 O3'   146.144 
GLU 'L-peptide linking' y 'GLUTAMIC ACID'  ? 'C5 H9 N O4'     147.129 
GLY 'peptide linking'   y GLYCINE          ? 'C2 H5 N O2'     75.067  
HIS 'L-peptide linking' y HISTIDINE        ? 'C6 H10 N3 O2 1' 156.162 
HOH non-polymer         . WATER            ? 'H2 O'           18.015  
ILE 'L-peptide linking' y ISOLEUCINE       ? 'C6 H13 N O2'    131.173 
LEU 'L-peptide linking' y LEUCINE          ? 'C6 H13 N O2'    131.173 
LYS 'L-peptide linking' y LYSINE           ? 'C6 H15 N2 O2 1' 147.195 
MET 'L-peptide linking' y METHIONINE       ? 'C5 H11 N O2 S'  149.211 
MSE 'L-peptide linking' n SELENOMETHIONINE ? 'C5 H11 N O2 Se' 196.106 
PHE 'L-peptide linking' y PHENYLALANINE    ? 'C9 H11 N O2'    165.189 
PRO 'L-peptide linking' y PROLINE          ? 'C5 H9 N O2'     115.130 
SER 'L-peptide linking' y SERINE           ? 'C3 H7 N O3'     105.093 
THR 'L-peptide linking' y THREONINE        ? 'C4 H9 N O3'     119.119 
TRP 'L-peptide linking' y TRYPTOPHAN       ? 'C11 H12 N2 O2'  204.225 
TYR 'L-peptide linking' y TYROSINE         ? 'C9 H11 N O3'    181.189 
VAL 'L-peptide linking' y VALINE           ? 'C5 H11 N O2'    117.146 
# 
loop_
_pdbx_poly_seq_scheme.asym_id 
_pdbx_poly_seq_scheme.entity_id 
_pdbx_poly_seq_scheme.seq_id 
_pdbx_poly_seq_scheme.mon_id 
_pdbx_poly_seq_scheme.ndb_seq_num 
_pdbx_poly_seq_scheme.pdb_seq_num 
_pdbx_poly_seq_scheme.auth_seq_num 
_pdbx_poly_seq_scheme.pdb_mon_id 
_pdbx_poly_seq_scheme.auth_mon_id 
_pdbx_poly_seq_scheme.pdb_strand_id 
_pdbx_poly_seq_scheme.pdb_ins_code 
_pdbx_poly_seq_scheme.hetero 
A 1 1   GLY 1   1   1   GLY GLY A . n 
A 1 2   HIS 2   2   2   HIS HIS A . n 
A 1 3   MSE 3   3   3   MSE MSE A . n 
A 1 4   ILE 4   4   4   ILE ILE A . n 
A 1 5   MSE 5   5   5   MSE MSE A . n 
A 1 6   ALA 6   6   6   ALA ALA A . n 
A 1 7   ASN 7   7   7   ASN ASN A . n 
A 1 8   TRP 8   8   8   TRP TRP A . n 
A 1 9   GLN 9   9   9   GLN GLN A . n 
A 1 10  SER 10  10  10  SER SER A . n 
A 1 11  ILE 11  11  11  ILE ILE A . n 
A 1 12  ASP 12  12  12  ASP ASP A . n 
A 1 13  GLU 13  13  13  GLU GLU A . n 
A 1 14  LEU 14  14  14  LEU LEU A . n 
A 1 15  GLN 15  15  15  GLN GLN A . n 
A 1 16  ASP 16  16  16  ASP ASP A . n 
A 1 17  ILE 17  17  17  ILE ILE A . n 
A 1 18  ALA 18  18  18  ALA ALA A . n 
A 1 19  SER 19  19  19  SER SER A . n 
A 1 20  ASP 20  20  20  ASP ASP A . n 
A 1 21  LEU 21  21  21  LEU LEU A . n 
A 1 22  PRO 22  22  22  PRO PRO A . n 
A 1 23  ARG 23  23  23  ARG ARG A . n 
A 1 24  PHE 24  24  24  PHE PHE A . n 
A 1 25  ILE 25  25  25  ILE ILE A . n 
A 1 26  HIS 26  26  26  HIS HIS A . n 
A 1 27  ALA 27  27  27  ALA ALA A . n 
A 1 28  LEU 28  28  28  LEU LEU A . n 
A 1 29  ASP 29  29  29  ASP ASP A . n 
A 1 30  GLU 30  30  30  GLU GLU A . n 
A 1 31  LEU 31  31  31  LEU LEU A . n 
A 1 32  SER 32  32  32  SER SER A . n 
A 1 33  ARG 33  33  33  ARG ARG A . n 
A 1 34  ARG 34  34  34  ARG ARG A . n 
A 1 35  LEU 35  35  35  LEU LEU A . n 
A 1 36  GLY 36  36  36  GLY GLY A . n 
A 1 37  LEU 37  37  37  LEU LEU A . n 
A 1 38  ASN 38  38  38  ASN ASN A . n 
A 1 39  ILE 39  39  39  ILE ILE A . n 
A 1 40  THR 40  40  40  THR THR A . n 
A 1 41  PRO 41  41  41  PRO PRO A . n 
A 1 42  LEU 42  42  42  LEU LEU A . n 
A 1 43  THR 43  43  43  THR THR A . n 
A 1 44  ALA 44  44  44  ALA ALA A . n 
A 1 45  ASP 45  45  45  ASP ASP A . n 
A 1 46  HIS 46  46  46  HIS HIS A . n 
A 1 47  ILE 47  47  47  ILE ILE A . n 
A 1 48  SER 48  48  48  SER SER A . n 
A 1 49  LEU 49  49  49  LEU LEU A . n 
A 1 50  ARG 50  50  50  ARG ARG A . n 
A 1 51  CYS 51  51  51  CYS CYS A . n 
A 1 52  HIS 52  52  52  HIS HIS A . n 
A 1 53  GLN 53  53  53  GLN GLN A . n 
A 1 54  ASN 54  54  54  ASN ASN A . n 
A 1 55  ALA 55  55  55  ALA ALA A . n 
A 1 56  THR 56  56  56  THR THR A . n 
A 1 57  ALA 57  57  57  ALA ALA A . n 
A 1 58  GLU 58  58  58  GLU GLU A . n 
A 1 59  ARG 59  59  59  ARG ARG A . n 
A 1 60  TRP 60  60  60  TRP TRP A . n 
A 1 61  ARG 61  61  61  ARG ARG A . n 
A 1 62  ARG 62  62  62  ARG ARG A . n 
A 1 63  GLY 63  63  63  GLY GLY A . n 
A 1 64  PHE 64  64  64  PHE PHE A . n 
A 1 65  GLU 65  65  65  GLU GLU A . n 
A 1 66  GLN 66  66  66  GLN GLN A . n 
A 1 67  CYS 67  67  67  CYS CYS A . n 
A 1 68  GLY 68  68  68  GLY GLY A . n 
A 1 69  GLU 69  69  69  GLU GLU A . n 
A 1 70  LEU 70  70  70  LEU LEU A . n 
A 1 71  LEU 71  71  71  LEU LEU A . n 
A 1 72  SER 72  72  72  SER SER A . n 
A 1 73  GLU 73  73  73  GLU GLU A . n 
A 1 74  ASN 74  74  74  ASN ASN A . n 
A 1 75  MSE 75  75  75  MSE MSE A . n 
A 1 76  ILE 76  76  76  ILE ILE A . n 
A 1 77  ASN 77  77  77  ASN ASN A . n 
A 1 78  GLY 78  78  78  GLY GLY A . n 
A 1 79  ARG 79  79  79  ARG ARG A . n 
A 1 80  PRO 80  80  80  PRO PRO A . n 
A 1 81  ILE 81  81  81  ILE ILE A . n 
A 1 82  CYS 82  82  82  CYS CYS A . n 
A 1 83  LEU 83  83  83  LEU LEU A . n 
A 1 84  PHE 84  84  84  PHE PHE A . n 
A 1 85  LYS 85  85  85  LYS LYS A . n 
A 1 86  LEU 86  86  86  LEU LEU A . n 
A 1 87  HIS 87  87  87  HIS HIS A . n 
A 1 88  GLU 88  88  88  GLU GLU A . n 
A 1 89  PRO 89  89  89  PRO PRO A . n 
A 1 90  VAL 90  90  90  VAL VAL A . n 
A 1 91  GLN 91  91  91  GLN GLN A . n 
A 1 92  VAL 92  92  92  VAL VAL A . n 
A 1 93  ALA 93  93  93  ALA ALA A . n 
A 1 94  HIS 94  94  94  HIS HIS A . n 
A 1 95  TRP 95  95  95  TRP TRP A . n 
A 1 96  GLN 96  96  96  GLN GLN A . n 
A 1 97  PHE 97  97  97  PHE PHE A . n 
A 1 98  SER 98  98  98  SER SER A . n 
A 1 99  ILE 99  99  99  ILE ILE A . n 
A 1 100 VAL 100 100 100 VAL VAL A . n 
A 1 101 GLU 101 101 101 GLU GLU A . n 
A 1 102 LEU 102 102 102 LEU LEU A . n 
A 1 103 PRO 103 103 103 PRO PRO A . n 
A 1 104 TRP 104 104 104 TRP TRP A . n 
A 1 105 PRO 105 105 105 PRO PRO A . n 
A 1 106 GLY 106 106 106 GLY GLY A . n 
A 1 107 GLU 107 107 107 GLU GLU A . n 
A 1 108 LYS 108 108 108 LYS LYS A . n 
A 1 109 ARG 109 109 109 ARG ARG A . n 
A 1 110 TYR 110 110 110 TYR TYR A . n 
A 1 111 PRO 111 111 111 PRO PRO A . n 
A 1 112 HIS 112 112 112 HIS HIS A . n 
A 1 113 GLU 113 113 113 GLU GLU A . n 
A 1 114 GLY 114 114 114 GLY GLY A . n 
A 1 115 TRP 115 115 115 TRP TRP A . n 
A 1 116 GLU 116 116 116 GLU GLU A . n 
A 1 117 HIS 117 117 117 HIS HIS A . n 
A 1 118 ILE 118 118 118 ILE ILE A . n 
A 1 119 GLU 119 119 119 GLU GLU A . n 
A 1 120 ILE 120 120 120 ILE ILE A . n 
A 1 121 VAL 121 121 121 VAL VAL A . n 
A 1 122 LEU 122 122 122 LEU LEU A . n 
A 1 123 PRO 123 123 123 PRO PRO A . n 
A 1 124 GLY 124 124 124 GLY GLY A . n 
A 1 125 ASP 125 125 125 ASP ASP A . n 
A 1 126 PRO 126 126 126 PRO PRO A . n 
A 1 127 GLU 127 127 127 GLU GLU A . n 
A 1 128 THR 128 128 128 THR THR A . n 
A 1 129 LEU 129 129 129 LEU LEU A . n 
A 1 130 ASN 130 130 130 ASN ASN A . n 
A 1 131 ALA 131 131 131 ALA ALA A . n 
A 1 132 ARG 132 132 132 ARG ARG A . n 
A 1 133 ALA 133 133 133 ALA ALA A . n 
A 1 134 LEU 134 134 134 LEU LEU A . n 
A 1 135 ALA 135 135 135 ALA ALA A . n 
A 1 136 LEU 136 136 136 LEU LEU A . n 
A 1 137 LEU 137 137 137 LEU LEU A . n 
A 1 138 SER 138 138 138 SER SER A . n 
A 1 139 ASP 139 139 139 ASP ASP A . n 
A 1 140 GLU 140 140 140 GLU GLU A . n 
A 1 141 GLY 141 141 141 GLY GLY A . n 
A 1 142 LEU 142 142 142 LEU LEU A . n 
A 1 143 SER 143 143 143 SER SER A . n 
A 1 144 LEU 144 144 144 LEU LEU A . n 
A 1 145 PRO 145 145 145 PRO PRO A . n 
A 1 146 GLY 146 146 146 GLY GLY A . n 
A 1 147 ILE 147 147 147 ILE ILE A . n 
A 1 148 SER 148 148 148 SER SER A . n 
A 1 149 VAL 149 149 149 VAL VAL A . n 
A 1 150 LYS 150 150 150 LYS LYS A . n 
A 1 151 THR 151 151 151 THR THR A . n 
A 1 152 SER 152 152 152 SER SER A . n 
A 1 153 SER 153 153 ?   ?   ?   A . n 
A 1 154 PRO 154 154 ?   ?   ?   A . n 
A 1 155 LYS 155 155 ?   ?   ?   A . n 
A 1 156 GLY 156 156 ?   ?   ?   A . n 
A 1 157 GLU 157 157 ?   ?   ?   A . n 
A 1 158 HIS 158 158 ?   ?   ?   A . n 
A 1 159 GLU 159 159 ?   ?   ?   A . n 
A 1 160 ARG 160 160 160 ARG ARG A . n 
A 1 161 LEU 161 161 161 LEU LEU A . n 
A 1 162 PRO 162 162 162 PRO PRO A . n 
A 1 163 ASN 163 163 163 ASN ASN A . n 
A 1 164 PRO 164 164 164 PRO PRO A . n 
A 1 165 THR 165 165 165 THR THR A . n 
A 1 166 LEU 166 166 166 LEU LEU A . n 
A 1 167 ALA 167 167 167 ALA ALA A . n 
A 1 168 VAL 168 168 168 VAL VAL A . n 
A 1 169 THR 169 169 169 THR THR A . n 
A 1 170 ASP 170 170 170 ASP ASP A . n 
A 1 171 GLY 171 171 171 GLY GLY A . n 
A 1 172 LYS 172 172 172 LYS LYS A . n 
A 1 173 THR 173 173 173 THR THR A . n 
A 1 174 THR 174 174 174 THR THR A . n 
A 1 175 ILE 175 175 175 ILE ILE A . n 
A 1 176 LYS 176 176 176 LYS LYS A . n 
A 1 177 PHE 177 177 177 PHE PHE A . n 
A 1 178 HIS 178 178 178 HIS HIS A . n 
A 1 179 PRO 179 179 179 PRO PRO A . n 
A 1 180 TRP 180 180 180 TRP TRP A . n 
A 1 181 SER 181 181 181 SER SER A . n 
A 1 182 ILE 182 182 182 ILE ILE A . n 
A 1 183 GLU 183 183 183 GLU GLU A . n 
A 1 184 GLU 184 184 184 GLU GLU A . n 
A 1 185 ILE 185 185 185 ILE ILE A . n 
A 1 186 VAL 186 186 186 VAL VAL A . n 
A 1 187 ALA 187 187 187 ALA ALA A . n 
A 1 188 SER 188 188 188 SER SER A . n 
A 1 189 GLU 189 189 189 GLU GLU A . n 
A 1 190 GLN 190 190 190 GLN GLN A . n 
A 1 191 SER 191 191 ?   ?   ?   A . n 
A 1 192 ALA 192 192 ?   ?   ?   A . n 
# 
loop_
_pdbx_nonpoly_scheme.asym_id 
_pdbx_nonpoly_scheme.entity_id 
_pdbx_nonpoly_scheme.mon_id 
_pdbx_nonpoly_scheme.ndb_seq_num 
_pdbx_nonpoly_scheme.pdb_seq_num 
_pdbx_nonpoly_scheme.auth_seq_num 
_pdbx_nonpoly_scheme.pdb_mon_id 
_pdbx_nonpoly_scheme.auth_mon_id 
_pdbx_nonpoly_scheme.pdb_strand_id 
_pdbx_nonpoly_scheme.pdb_ins_code 
B 2 HOH 1   200 200 HOH TIP A . 
B 2 HOH 2   201 201 HOH TIP A . 
B 2 HOH 3   202 202 HOH TIP A . 
B 2 HOH 4   203 203 HOH TIP A . 
B 2 HOH 5   204 204 HOH TIP A . 
B 2 HOH 6   205 205 HOH TIP A . 
B 2 HOH 7   206 206 HOH TIP A . 
B 2 HOH 8   207 207 HOH TIP A . 
B 2 HOH 9   208 208 HOH TIP A . 
B 2 HOH 10  209 209 HOH TIP A . 
B 2 HOH 11  210 210 HOH TIP A . 
B 2 HOH 12  211 211 HOH TIP A . 
B 2 HOH 13  212 212 HOH TIP A . 
B 2 HOH 14  213 213 HOH TIP A . 
B 2 HOH 15  214 214 HOH TIP A . 
B 2 HOH 16  215 215 HOH TIP A . 
B 2 HOH 17  216 216 HOH TIP A . 
B 2 HOH 18  217 217 HOH TIP A . 
B 2 HOH 19  218 218 HOH TIP A . 
B 2 HOH 20  219 219 HOH TIP A . 
B 2 HOH 21  220 220 HOH TIP A . 
B 2 HOH 22  221 221 HOH TIP A . 
B 2 HOH 23  222 222 HOH TIP A . 
B 2 HOH 24  223 223 HOH TIP A . 
B 2 HOH 25  224 224 HOH TIP A . 
B 2 HOH 26  225 225 HOH TIP A . 
B 2 HOH 27  226 226 HOH TIP A . 
B 2 HOH 28  227 227 HOH TIP A . 
B 2 HOH 29  228 228 HOH TIP A . 
B 2 HOH 30  229 229 HOH TIP A . 
B 2 HOH 31  230 230 HOH TIP A . 
B 2 HOH 32  231 231 HOH TIP A . 
B 2 HOH 33  232 232 HOH TIP A . 
B 2 HOH 34  233 233 HOH TIP A . 
B 2 HOH 35  234 234 HOH TIP A . 
B 2 HOH 36  235 235 HOH TIP A . 
B 2 HOH 37  236 236 HOH TIP A . 
B 2 HOH 38  237 237 HOH TIP A . 
B 2 HOH 39  238 238 HOH TIP A . 
B 2 HOH 40  239 239 HOH TIP A . 
B 2 HOH 41  240 240 HOH TIP A . 
B 2 HOH 42  241 241 HOH TIP A . 
B 2 HOH 43  242 242 HOH TIP A . 
B 2 HOH 44  243 243 HOH TIP A . 
B 2 HOH 45  244 244 HOH TIP A . 
B 2 HOH 46  245 245 HOH TIP A . 
B 2 HOH 47  246 246 HOH TIP A . 
B 2 HOH 48  247 247 HOH TIP A . 
B 2 HOH 49  248 248 HOH TIP A . 
B 2 HOH 50  249 249 HOH TIP A . 
B 2 HOH 51  250 250 HOH TIP A . 
B 2 HOH 52  251 251 HOH TIP A . 
B 2 HOH 53  252 252 HOH TIP A . 
B 2 HOH 54  253 253 HOH TIP A . 
B 2 HOH 55  254 254 HOH TIP A . 
B 2 HOH 56  255 255 HOH TIP A . 
B 2 HOH 57  256 256 HOH TIP A . 
B 2 HOH 58  257 257 HOH TIP A . 
B 2 HOH 59  258 258 HOH TIP A . 
B 2 HOH 60  259 259 HOH TIP A . 
B 2 HOH 61  260 260 HOH TIP A . 
B 2 HOH 62  261 261 HOH TIP A . 
B 2 HOH 63  262 262 HOH TIP A . 
B 2 HOH 64  263 263 HOH TIP A . 
B 2 HOH 65  264 264 HOH TIP A . 
B 2 HOH 66  265 265 HOH TIP A . 
B 2 HOH 67  266 266 HOH TIP A . 
B 2 HOH 68  267 267 HOH TIP A . 
B 2 HOH 69  268 268 HOH TIP A . 
B 2 HOH 70  269 269 HOH TIP A . 
B 2 HOH 71  270 270 HOH TIP A . 
B 2 HOH 72  271 271 HOH TIP A . 
B 2 HOH 73  272 272 HOH TIP A . 
B 2 HOH 74  273 273 HOH TIP A . 
B 2 HOH 75  274 274 HOH TIP A . 
B 2 HOH 76  275 275 HOH TIP A . 
B 2 HOH 77  276 276 HOH TIP A . 
B 2 HOH 78  277 277 HOH TIP A . 
B 2 HOH 79  278 278 HOH TIP A . 
B 2 HOH 80  279 279 HOH TIP A . 
B 2 HOH 81  280 280 HOH TIP A . 
B 2 HOH 82  282 282 HOH TIP A . 
B 2 HOH 83  283 283 HOH TIP A . 
B 2 HOH 84  284 284 HOH TIP A . 
B 2 HOH 85  285 285 HOH TIP A . 
B 2 HOH 86  286 286 HOH TIP A . 
B 2 HOH 87  287 287 HOH TIP A . 
B 2 HOH 88  288 288 HOH TIP A . 
B 2 HOH 89  289 289 HOH TIP A . 
B 2 HOH 90  290 290 HOH TIP A . 
B 2 HOH 91  291 291 HOH TIP A . 
B 2 HOH 92  292 292 HOH TIP A . 
B 2 HOH 93  293 293 HOH TIP A . 
B 2 HOH 94  294 294 HOH TIP A . 
B 2 HOH 95  295 295 HOH TIP A . 
B 2 HOH 96  296 296 HOH TIP A . 
B 2 HOH 97  297 297 HOH TIP A . 
B 2 HOH 98  298 298 HOH TIP A . 
B 2 HOH 99  299 299 HOH TIP A . 
B 2 HOH 100 300 300 HOH TIP A . 
B 2 HOH 101 301 301 HOH TIP A . 
B 2 HOH 102 302 302 HOH TIP A . 
B 2 HOH 103 303 303 HOH TIP A . 
B 2 HOH 104 304 304 HOH TIP A . 
B 2 HOH 105 305 305 HOH TIP A . 
B 2 HOH 106 306 306 HOH TIP A . 
B 2 HOH 107 307 307 HOH TIP A . 
B 2 HOH 108 308 308 HOH TIP A . 
B 2 HOH 109 309 309 HOH TIP A . 
B 2 HOH 110 310 310 HOH TIP A . 
B 2 HOH 111 311 311 HOH TIP A . 
B 2 HOH 112 312 312 HOH TIP A . 
B 2 HOH 113 313 313 HOH TIP A . 
B 2 HOH 114 314 314 HOH TIP A . 
B 2 HOH 115 315 315 HOH TIP A . 
B 2 HOH 116 316 316 HOH TIP A . 
B 2 HOH 117 317 317 HOH TIP A . 
B 2 HOH 118 318 318 HOH TIP A . 
B 2 HOH 119 319 319 HOH TIP A . 
B 2 HOH 120 320 320 HOH TIP A . 
B 2 HOH 121 321 321 HOH TIP A . 
B 2 HOH 122 322 322 HOH TIP A . 
B 2 HOH 123 323 323 HOH TIP A . 
B 2 HOH 124 324 324 HOH TIP A . 
B 2 HOH 125 325 325 HOH TIP A . 
B 2 HOH 126 326 326 HOH TIP A . 
B 2 HOH 127 327 327 HOH TIP A . 
B 2 HOH 128 328 328 HOH TIP A . 
B 2 HOH 129 329 329 HOH TIP A . 
B 2 HOH 130 330 330 HOH TIP A . 
B 2 HOH 131 331 331 HOH TIP A . 
B 2 HOH 132 332 332 HOH TIP A . 
B 2 HOH 133 333 333 HOH TIP A . 
B 2 HOH 134 334 334 HOH TIP A . 
B 2 HOH 135 335 335 HOH TIP A . 
B 2 HOH 136 336 336 HOH TIP A . 
B 2 HOH 137 337 337 HOH TIP A . 
B 2 HOH 138 338 338 HOH TIP A . 
B 2 HOH 139 339 339 HOH TIP A . 
B 2 HOH 140 340 340 HOH TIP A . 
B 2 HOH 141 341 341 HOH TIP A . 
B 2 HOH 142 342 342 HOH TIP A . 
B 2 HOH 143 343 343 HOH TIP A . 
B 2 HOH 144 344 344 HOH TIP A . 
B 2 HOH 145 345 345 HOH TIP A . 
B 2 HOH 146 346 346 HOH TIP A . 
B 2 HOH 147 347 347 HOH TIP A . 
B 2 HOH 148 348 348 HOH TIP A . 
B 2 HOH 149 349 349 HOH TIP A . 
B 2 HOH 150 350 350 HOH TIP A . 
B 2 HOH 151 351 351 HOH TIP A . 
B 2 HOH 152 352 352 HOH TIP A . 
B 2 HOH 153 353 353 HOH TIP A . 
B 2 HOH 154 354 354 HOH TIP A . 
B 2 HOH 155 355 355 HOH TIP A . 
B 2 HOH 156 356 356 HOH TIP A . 
B 2 HOH 157 357 357 HOH TIP A . 
B 2 HOH 158 358 358 HOH TIP A . 
B 2 HOH 159 359 359 HOH TIP A . 
B 2 HOH 160 360 360 HOH TIP A . 
B 2 HOH 161 361 361 HOH TIP A . 
B 2 HOH 162 362 362 HOH TIP A . 
B 2 HOH 163 363 363 HOH TIP A . 
B 2 HOH 164 364 364 HOH TIP A . 
B 2 HOH 165 365 365 HOH TIP A . 
B 2 HOH 166 366 366 HOH TIP A . 
B 2 HOH 167 367 367 HOH TIP A . 
B 2 HOH 168 368 368 HOH TIP A . 
B 2 HOH 169 369 369 HOH TIP A . 
B 2 HOH 170 370 370 HOH TIP A . 
B 2 HOH 171 371 371 HOH TIP A . 
B 2 HOH 172 372 372 HOH TIP A . 
B 2 HOH 173 373 373 HOH TIP A . 
B 2 HOH 174 374 374 HOH TIP A . 
B 2 HOH 175 375 375 HOH TIP A . 
B 2 HOH 176 376 376 HOH TIP A . 
B 2 HOH 177 377 377 HOH TIP A . 
B 2 HOH 178 378 378 HOH TIP A . 
B 2 HOH 179 379 379 HOH TIP A . 
B 2 HOH 180 380 380 HOH TIP A . 
B 2 HOH 181 381 381 HOH TIP A . 
B 2 HOH 182 382 382 HOH TIP A . 
B 2 HOH 183 383 383 HOH TIP A . 
B 2 HOH 184 384 384 HOH TIP A . 
B 2 HOH 185 385 385 HOH TIP A . 
B 2 HOH 186 386 386 HOH TIP A . 
B 2 HOH 187 387 387 HOH TIP A . 
B 2 HOH 188 388 388 HOH TIP A . 
B 2 HOH 189 389 389 HOH TIP A . 
B 2 HOH 190 390 390 HOH TIP A . 
B 2 HOH 191 391 391 HOH TIP A . 
B 2 HOH 192 392 392 HOH TIP A . 
B 2 HOH 193 393 393 HOH TIP A . 
B 2 HOH 194 394 394 HOH TIP A . 
B 2 HOH 195 395 395 HOH TIP A . 
B 2 HOH 196 396 396 HOH TIP A . 
B 2 HOH 197 397 397 HOH TIP A . 
B 2 HOH 198 398 398 HOH TIP A . 
B 2 HOH 199 399 399 HOH TIP A . 
B 2 HOH 200 400 400 HOH TIP A . 
B 2 HOH 201 401 401 HOH TIP A . 
B 2 HOH 202 402 402 HOH TIP A . 
B 2 HOH 203 403 403 HOH TIP A . 
B 2 HOH 204 404 404 HOH TIP A . 
B 2 HOH 205 405 405 HOH TIP A . 
B 2 HOH 206 406 406 HOH TIP A . 
B 2 HOH 207 407 407 HOH TIP A . 
B 2 HOH 208 408 408 HOH TIP A . 
B 2 HOH 209 409 409 HOH TIP A . 
B 2 HOH 210 410 410 HOH TIP A . 
B 2 HOH 211 411 411 HOH TIP A . 
B 2 HOH 212 412 412 HOH TIP A . 
B 2 HOH 213 413 413 HOH TIP A . 
B 2 HOH 214 414 414 HOH TIP A . 
B 2 HOH 215 415 415 HOH TIP A . 
B 2 HOH 216 416 416 HOH TIP A . 
B 2 HOH 217 417 417 HOH TIP A . 
B 2 HOH 218 418 418 HOH TIP A . 
B 2 HOH 219 419 419 HOH TIP A . 
B 2 HOH 220 420 420 HOH TIP A . 
B 2 HOH 221 421 421 HOH TIP A . 
B 2 HOH 222 422 422 HOH TIP A . 
B 2 HOH 223 423 423 HOH TIP A . 
B 2 HOH 224 424 424 HOH TIP A . 
B 2 HOH 225 425 425 HOH TIP A . 
B 2 HOH 226 426 426 HOH TIP A . 
B 2 HOH 227 427 427 HOH TIP A . 
B 2 HOH 228 428 428 HOH TIP A . 
B 2 HOH 229 429 429 HOH TIP A . 
B 2 HOH 230 430 430 HOH TIP A . 
B 2 HOH 231 431 431 HOH TIP A . 
B 2 HOH 232 432 432 HOH TIP A . 
B 2 HOH 233 433 433 HOH TIP A . 
B 2 HOH 234 434 434 HOH TIP A . 
B 2 HOH 235 435 435 HOH TIP A . 
B 2 HOH 236 436 436 HOH TIP A . 
B 2 HOH 237 437 437 HOH TIP A . 
B 2 HOH 238 438 438 HOH TIP A . 
B 2 HOH 239 439 439 HOH TIP A . 
B 2 HOH 240 440 440 HOH TIP A . 
B 2 HOH 241 441 441 HOH TIP A . 
B 2 HOH 242 442 442 HOH TIP A . 
B 2 HOH 243 443 443 HOH TIP A . 
B 2 HOH 244 444 444 HOH TIP A . 
B 2 HOH 245 445 445 HOH TIP A . 
B 2 HOH 246 446 446 HOH TIP A . 
B 2 HOH 247 447 447 HOH TIP A . 
B 2 HOH 248 448 448 HOH TIP A . 
B 2 HOH 249 449 449 HOH TIP A . 
B 2 HOH 250 450 450 HOH TIP A . 
B 2 HOH 251 451 451 HOH TIP A . 
B 2 HOH 252 452 452 HOH TIP A . 
B 2 HOH 253 453 453 HOH TIP A . 
# 
loop_
_software.name 
_software.classification 
_software.version 
_software.citation_id 
_software.pdbx_ordinal 
d*TREK   'data scaling'   . ? 1 
HKL-2000 'data reduction' . ? 2 
CNS      refinement       . ? 3 
d*TREK   'data reduction' . ? 4 
HKL-2000 'data scaling'   . ? 5 
CNS      phasing          . ? 6 
# 
_cell.entry_id           1K4N 
_cell.length_a           38.661 
_cell.length_b           41.783 
_cell.length_c           105.748 
_cell.angle_alpha        90.00 
_cell.angle_beta         90.00 
_cell.angle_gamma        90.00 
_cell.Z_PDB              4 
_cell.pdbx_unique_axis   ? 
# 
_symmetry.entry_id                         1K4N 
_symmetry.space_group_name_H-M             'P 21 21 21' 
_symmetry.pdbx_full_space_group_name_H-M   ? 
_symmetry.cell_setting                     ? 
_symmetry.Int_Tables_number                19 
_symmetry.space_group_name_Hall            ? 
# 
_exptl.entry_id          1K4N 
_exptl.method            'X-RAY DIFFRACTION' 
_exptl.crystals_number   1 
# 
_exptl_crystal.id                    1 
_exptl_crystal.density_meas          ? 
_exptl_crystal.density_Matthews      1.96 
_exptl_crystal.density_percent_sol   37.18 
_exptl_crystal.description           ? 
_exptl_crystal.F_000                 ? 
_exptl_crystal.preparation           ? 
# 
_exptl_crystal_grow.crystal_id      1 
_exptl_crystal_grow.method          'VAPOR DIFFUSION, HANGING DROP' 
_exptl_crystal_grow.temp            298 
_exptl_crystal_grow.temp_details    ? 
_exptl_crystal_grow.pH              ? 
_exptl_crystal_grow.pdbx_details    'VAPOR DIFFUSION, HANGING DROP, temperature 298K' 
_exptl_crystal_grow.pdbx_pH_range   . 
# 
_diffrn.id                     1 
_diffrn.ambient_temp           100 
_diffrn.ambient_temp_details   ? 
_diffrn.crystal_id             1 
# 
_diffrn_detector.diffrn_id              1 
_diffrn_detector.detector               CCD 
_diffrn_detector.type                   SBC-2 
_diffrn_detector.pdbx_collection_date   2001-08-08 
_diffrn_detector.details                mirrors 
# 
_diffrn_radiation.diffrn_id                        1 
_diffrn_radiation.wavelength_id                    1 
_diffrn_radiation.pdbx_monochromatic_or_laue_m_l   M 
_diffrn_radiation.monochromator                    'Si 111 CHANNEL' 
_diffrn_radiation.pdbx_diffrn_protocol             MAD 
_diffrn_radiation.pdbx_scattering_type             x-ray 
# 
loop_
_diffrn_radiation_wavelength.id 
_diffrn_radiation_wavelength.wavelength 
_diffrn_radiation_wavelength.wt 
1 0.9795  1.0 
2 0.9798  1.0 
3 0.94656 1.0 
# 
_diffrn_source.diffrn_id                   1 
_diffrn_source.source                      SYNCHROTRON 
_diffrn_source.type                        'APS BEAMLINE 19-ID' 
_diffrn_source.pdbx_synchrotron_site       APS 
_diffrn_source.pdbx_synchrotron_beamline   19-ID 
_diffrn_source.pdbx_wavelength             ? 
_diffrn_source.pdbx_wavelength_list        '0.9795, 0.9798, 0.94656' 
# 
_reflns.entry_id                     1K4N 
_reflns.observed_criterion_sigma_I   4.0 
_reflns.observed_criterion_sigma_F   2.0 
_reflns.d_resolution_low             50.0 
_reflns.d_resolution_high            1.6 
_reflns.number_obs                   24275 
_reflns.number_all                   24450 
_reflns.percent_possible_obs         99.3 
_reflns.pdbx_Rmerge_I_obs            0.049 
_reflns.pdbx_Rsym_value              ? 
_reflns.pdbx_netI_over_sigmaI        25.1 
_reflns.B_iso_Wilson_estimate        13.5 
_reflns.pdbx_redundancy              7.9 
_reflns.R_free_details               ? 
_reflns.limit_h_max                  ? 
_reflns.limit_h_min                  ? 
_reflns.limit_k_max                  ? 
_reflns.limit_k_min                  ? 
_reflns.limit_l_max                  ? 
_reflns.limit_l_min                  ? 
_reflns.observed_criterion_F_max     ? 
_reflns.observed_criterion_F_min     ? 
_reflns.pdbx_chi_squared             ? 
_reflns.pdbx_scaling_rejects         ? 
_reflns.pdbx_diffrn_id               1 
_reflns.pdbx_ordinal                 1 
# 
_reflns_shell.d_res_high             1.58 
_reflns_shell.d_res_low              1.66 
_reflns_shell.percent_possible_all   99.4 
_reflns_shell.Rmerge_I_obs           0.258 
_reflns_shell.pdbx_Rsym_value        ? 
_reflns_shell.meanI_over_sigI_obs    5.3 
_reflns_shell.pdbx_redundancy        5.0 
_reflns_shell.percent_possible_obs   ? 
_reflns_shell.number_unique_all      3402 
_reflns_shell.number_measured_all    ? 
_reflns_shell.number_measured_obs    ? 
_reflns_shell.number_unique_obs      ? 
_reflns_shell.pdbx_chi_squared       ? 
_reflns_shell.pdbx_diffrn_id         ? 
_reflns_shell.pdbx_ordinal           1 
# 
_refine.entry_id                                 1K4N 
_refine.ls_number_reflns_obs                     39219 
_refine.ls_number_reflns_all                     ? 
_refine.pdbx_ls_sigma_I                          ? 
_refine.pdbx_ls_sigma_F                          2.0 
_refine.pdbx_data_cutoff_high_absF               405396.38 
_refine.pdbx_data_cutoff_low_absF                0.000000 
_refine.ls_d_res_low                             38.86 
_refine.ls_d_res_high                            1.60 
_refine.ls_percent_reflns_obs                    89.8 
_refine.ls_R_factor_obs                          0.21 
_refine.ls_R_factor_all                          ? 
_refine.ls_R_factor_R_work                       0.199 
_refine.ls_R_factor_R_free                       0.217 
_refine.ls_R_factor_R_free_error                 0.005 
_refine.ls_R_factor_R_free_error_details         ? 
_refine.ls_percent_reflns_R_free                 4.9 
_refine.ls_number_reflns_R_free                  1928 
_refine.ls_number_parameters                     ? 
_refine.ls_number_restraints                     ? 
_refine.occupancy_min                            ? 
_refine.occupancy_max                            ? 
_refine.B_iso_mean                               18.5 
_refine.aniso_B[1][1]                            -0.13 
_refine.aniso_B[2][2]                            -2.11 
_refine.aniso_B[3][3]                            2.24 
_refine.aniso_B[1][2]                            0.00 
_refine.aniso_B[1][3]                            0.00 
_refine.aniso_B[2][3]                            0.00 
_refine.solvent_model_details                    'FLAT MODEL' 
_refine.solvent_model_param_ksol                 0.372806 
_refine.solvent_model_param_bsol                 45.6398 
_refine.pdbx_ls_cross_valid_method               THROUGHOUT 
_refine.details                                  ? 
_refine.pdbx_starting_model                      ? 
_refine.pdbx_method_to_determine_struct          ? 
_refine.pdbx_isotropic_thermal_model             RESTRAINED 
_refine.pdbx_stereochemistry_target_values       ? 
_refine.pdbx_stereochem_target_val_spec_case     ? 
_refine.pdbx_R_Free_selection_details            RANDOM 
_refine.pdbx_overall_ESU_R_Free                  ? 
_refine.overall_SU_B                             ? 
_refine.ls_redundancy_reflns_obs                 ? 
_refine.B_iso_min                                ? 
_refine.B_iso_max                                ? 
_refine.correlation_coeff_Fo_to_Fc               ? 
_refine.overall_SU_R_Cruickshank_DPI             ? 
_refine.overall_SU_R_free                        ? 
_refine.overall_SU_ML                            ? 
_refine.pdbx_overall_ESU_R                       ? 
_refine.pdbx_data_cutoff_high_rms_absF           ? 
_refine.correlation_coeff_Fo_to_Fc_free          ? 
_refine.pdbx_solvent_vdw_probe_radii             ? 
_refine.pdbx_solvent_ion_probe_radii             ? 
_refine.pdbx_solvent_shrinkage_radii             ? 
_refine.ls_wR_factor_R_free                      ? 
_refine.ls_wR_factor_R_work                      ? 
_refine.overall_FOM_free_R_set                   ? 
_refine.overall_FOM_work_R_set                   ? 
_refine.pdbx_refine_id                           'X-RAY DIFFRACTION' 
_refine.pdbx_diffrn_id                           1 
_refine.pdbx_TLS_residual_ADP_flag               ? 
_refine.pdbx_overall_phase_error                 ? 
_refine.pdbx_overall_SU_R_free_Cruickshank_DPI   ? 
_refine.pdbx_overall_SU_R_Blow_DPI               ? 
_refine.pdbx_overall_SU_R_free_Blow_DPI          ? 
# 
_refine_analyze.entry_id                        1K4N 
_refine_analyze.Luzzati_coordinate_error_obs    0.18 
_refine_analyze.Luzzati_sigma_a_obs             0.03 
_refine_analyze.Luzzati_d_res_low_obs           5.00 
_refine_analyze.Luzzati_coordinate_error_free   0.20 
_refine_analyze.Luzzati_sigma_a_free            0.07 
_refine_analyze.Luzzati_d_res_low_free          ? 
_refine_analyze.number_disordered_residues      ? 
_refine_analyze.occupancy_sum_hydrogen          ? 
_refine_analyze.occupancy_sum_non_hydrogen      ? 
_refine_analyze.pdbx_Luzzati_d_res_high_obs     ? 
_refine_analyze.pdbx_refine_id                  'X-RAY DIFFRACTION' 
# 
_refine_hist.pdbx_refine_id                   'X-RAY DIFFRACTION' 
_refine_hist.cycle_id                         LAST 
_refine_hist.pdbx_number_atoms_protein        1460 
_refine_hist.pdbx_number_atoms_nucleic_acid   0 
_refine_hist.pdbx_number_atoms_ligand         0 
_refine_hist.number_atoms_solvent             253 
_refine_hist.number_atoms_total               1713 
_refine_hist.d_res_high                       1.60 
_refine_hist.d_res_low                        38.86 
# 
loop_
_refine_ls_restr.type 
_refine_ls_restr.dev_ideal 
_refine_ls_restr.dev_ideal_target 
_refine_ls_restr.weight 
_refine_ls_restr.number 
_refine_ls_restr.pdbx_refine_id 
_refine_ls_restr.pdbx_restraint_function 
c_bond_d           0.005 ? ? ? 'X-RAY DIFFRACTION' ? 
c_angle_deg        1.3   ? ? ? 'X-RAY DIFFRACTION' ? 
c_dihedral_angle_d 24.4  ? ? ? 'X-RAY DIFFRACTION' ? 
c_improper_angle_d 0.87  ? ? ? 'X-RAY DIFFRACTION' ? 
# 
_refine_ls_shell.pdbx_total_number_of_bins_used   6 
_refine_ls_shell.d_res_high                       1.60 
_refine_ls_shell.d_res_low                        1.70 
_refine_ls_shell.number_reflns_R_work             5135 
_refine_ls_shell.R_factor_R_work                  0.186 
_refine_ls_shell.percent_reflns_obs               74.9 
_refine_ls_shell.R_factor_R_free                  0.195 
_refine_ls_shell.R_factor_R_free_error            0.012 
_refine_ls_shell.percent_reflns_R_free            5.2 
_refine_ls_shell.number_reflns_R_free             280 
_refine_ls_shell.number_reflns_obs                ? 
_refine_ls_shell.redundancy_reflns_obs            ? 
_refine_ls_shell.number_reflns_all                ? 
_refine_ls_shell.pdbx_refine_id                   'X-RAY DIFFRACTION' 
_refine_ls_shell.R_factor_all                     ? 
# 
loop_
_pdbx_xplor_file.serial_no 
_pdbx_xplor_file.param_file 
_pdbx_xplor_file.topol_file 
_pdbx_xplor_file.pdbx_refine_id 
1 PROTEIN_REP.PARAM PROTEIN.TOP 'X-RAY DIFFRACTION' 
2 WATER_REP.PARAM   ?           'X-RAY DIFFRACTION' 
# 
_struct.entry_id                  1K4N 
_struct.title                     'Structural Genomics, Protein EC4020' 
_struct.pdbx_model_details        ? 
_struct.pdbx_CASP_flag            ? 
_struct.pdbx_model_type_details   ? 
# 
_struct_keywords.entry_id        1K4N 
_struct_keywords.pdbx_keywords   'STRUCTURAL GENOMICS, UNKNOWN FUNCTION' 
_struct_keywords.text            
;Structural Genomics, A new fold of protein, PSI, Protein Structure Initiative, Midwest Center for Structural Genomics, MCSG, UNKNOWN FUNCTION
;
# 
loop_
_struct_asym.id 
_struct_asym.pdbx_blank_PDB_chainid_flag 
_struct_asym.pdbx_modified 
_struct_asym.entity_id 
_struct_asym.details 
A N N 1 ? 
B N N 2 ? 
# 
_struct_ref.id                         1 
_struct_ref.db_name                    UNP 
_struct_ref.db_code                    YECM_ECOLI 
_struct_ref.entity_id                  1 
_struct_ref.pdbx_seq_one_letter_code   
;MANWQSIDELQDIASDLPRFIHALDELSRRLGLNITPLTADHISLRCHQNATAERWRRGFEQCGELLSENMINGRPICLF
KLHEPVQVAHWQFSIVELPWPGEKRYPHEGWEHIEIVLPGDPETLNARALALLSDEGLSLPGISVKTSSPKGEHERLPNP
TLAVTDGKTTIKFHPWSIEEIVASEQSA
;
_struct_ref.pdbx_align_begin           1 
_struct_ref.pdbx_db_accession          P52007 
_struct_ref.pdbx_db_isoform            ? 
# 
_struct_ref_seq.align_id                      1 
_struct_ref_seq.ref_id                        1 
_struct_ref_seq.pdbx_PDB_id_code              1K4N 
_struct_ref_seq.pdbx_strand_id                A 
_struct_ref_seq.seq_align_beg                 5 
_struct_ref_seq.pdbx_seq_align_beg_ins_code   ? 
_struct_ref_seq.seq_align_end                 192 
_struct_ref_seq.pdbx_seq_align_end_ins_code   ? 
_struct_ref_seq.pdbx_db_accession             P52007 
_struct_ref_seq.db_align_beg                  1 
_struct_ref_seq.pdbx_db_align_beg_ins_code    ? 
_struct_ref_seq.db_align_end                  188 
_struct_ref_seq.pdbx_db_align_end_ins_code    ? 
_struct_ref_seq.pdbx_auth_seq_align_beg       5 
_struct_ref_seq.pdbx_auth_seq_align_end       192 
# 
loop_
_struct_ref_seq_dif.align_id 
_struct_ref_seq_dif.pdbx_pdb_id_code 
_struct_ref_seq_dif.mon_id 
_struct_ref_seq_dif.pdbx_pdb_strand_id 
_struct_ref_seq_dif.seq_num 
_struct_ref_seq_dif.pdbx_pdb_ins_code 
_struct_ref_seq_dif.pdbx_seq_db_name 
_struct_ref_seq_dif.pdbx_seq_db_accession_code 
_struct_ref_seq_dif.db_mon_id 
_struct_ref_seq_dif.pdbx_seq_db_seq_num 
_struct_ref_seq_dif.details 
_struct_ref_seq_dif.pdbx_auth_seq_num 
_struct_ref_seq_dif.pdbx_ordinal 
1 1K4N GLY A 1  ? UNP P52007 ?   ?  'cloning artifact' 1  1 
1 1K4N HIS A 2  ? UNP P52007 ?   ?  'cloning artifact' 2  2 
1 1K4N MSE A 3  ? UNP P52007 ?   ?  'cloning artifact' 3  3 
1 1K4N ILE A 4  ? UNP P52007 ?   ?  'cloning artifact' 4  4 
1 1K4N MSE A 5  ? UNP P52007 MET 1  'modified residue' 5  5 
1 1K4N MSE A 75 ? UNP P52007 MET 71 'modified residue' 75 6 
# 
_pdbx_struct_assembly.id                   1 
_pdbx_struct_assembly.details              author_defined_assembly 
_pdbx_struct_assembly.method_details       ? 
_pdbx_struct_assembly.oligomeric_details   monomeric 
_pdbx_struct_assembly.oligomeric_count     1 
# 
_pdbx_struct_assembly_gen.assembly_id       1 
_pdbx_struct_assembly_gen.oper_expression   1 
_pdbx_struct_assembly_gen.asym_id_list      A,B 
# 
_pdbx_struct_oper_list.id                   1 
_pdbx_struct_oper_list.type                 'identity operation' 
_pdbx_struct_oper_list.name                 1_555 
_pdbx_struct_oper_list.symmetry_operation   x,y,z 
_pdbx_struct_oper_list.matrix[1][1]         1.0000000000 
_pdbx_struct_oper_list.matrix[1][2]         0.0000000000 
_pdbx_struct_oper_list.matrix[1][3]         0.0000000000 
_pdbx_struct_oper_list.vector[1]            0.0000000000 
_pdbx_struct_oper_list.matrix[2][1]         0.0000000000 
_pdbx_struct_oper_list.matrix[2][2]         1.0000000000 
_pdbx_struct_oper_list.matrix[2][3]         0.0000000000 
_pdbx_struct_oper_list.vector[2]            0.0000000000 
_pdbx_struct_oper_list.matrix[3][1]         0.0000000000 
_pdbx_struct_oper_list.matrix[3][2]         0.0000000000 
_pdbx_struct_oper_list.matrix[3][3]         1.0000000000 
_pdbx_struct_oper_list.vector[3]            0.0000000000 
# 
_struct_biol.id                    1 
_struct_biol.pdbx_parent_biol_id   ? 
_struct_biol.details               ? 
# 
loop_
_struct_conf.conf_type_id 
_struct_conf.id 
_struct_conf.pdbx_PDB_helix_id 
_struct_conf.beg_label_comp_id 
_struct_conf.beg_label_asym_id 
_struct_conf.beg_label_seq_id 
_struct_conf.pdbx_beg_PDB_ins_code 
_struct_conf.end_label_comp_id 
_struct_conf.end_label_asym_id 
_struct_conf.end_label_seq_id 
_struct_conf.pdbx_end_PDB_ins_code 
_struct_conf.beg_auth_comp_id 
_struct_conf.beg_auth_asym_id 
_struct_conf.beg_auth_seq_id 
_struct_conf.end_auth_comp_id 
_struct_conf.end_auth_asym_id 
_struct_conf.end_auth_seq_id 
_struct_conf.pdbx_PDB_helix_class 
_struct_conf.details 
_struct_conf.pdbx_PDB_helix_length 
HELX_P HELX_P1 1 ASN A 7   ? GLU A 13  ? ASN A 7   GLU A 13  5 ? 7  
HELX_P HELX_P2 2 LEU A 14  ? GLY A 36  ? LEU A 14  GLY A 36  1 ? 23 
HELX_P HELX_P3 3 GLN A 53  ? GLU A 65  ? GLN A 53  GLU A 65  1 ? 13 
HELX_P HELX_P4 4 ASP A 125 ? GLU A 127 ? ASP A 125 GLU A 127 5 ? 3  
HELX_P HELX_P5 5 THR A 128 ? LEU A 136 ? THR A 128 LEU A 136 1 ? 9  
HELX_P HELX_P6 6 SER A 138 ? LEU A 144 ? SER A 138 LEU A 144 1 ? 7  
HELX_P HELX_P7 7 SER A 181 ? GLU A 189 ? SER A 181 GLU A 189 1 ? 9  
# 
_struct_conf_type.id          HELX_P 
_struct_conf_type.criteria    ? 
_struct_conf_type.reference   ? 
# 
loop_
_struct_conn.id 
_struct_conn.conn_type_id 
_struct_conn.pdbx_leaving_atom_flag 
_struct_conn.pdbx_PDB_id 
_struct_conn.ptnr1_label_asym_id 
_struct_conn.ptnr1_label_comp_id 
_struct_conn.ptnr1_label_seq_id 
_struct_conn.ptnr1_label_atom_id 
_struct_conn.pdbx_ptnr1_label_alt_id 
_struct_conn.pdbx_ptnr1_PDB_ins_code 
_struct_conn.pdbx_ptnr1_standard_comp_id 
_struct_conn.ptnr1_symmetry 
_struct_conn.ptnr2_label_asym_id 
_struct_conn.ptnr2_label_comp_id 
_struct_conn.ptnr2_label_seq_id 
_struct_conn.ptnr2_label_atom_id 
_struct_conn.pdbx_ptnr2_label_alt_id 
_struct_conn.pdbx_ptnr2_PDB_ins_code 
_struct_conn.ptnr1_auth_asym_id 
_struct_conn.ptnr1_auth_comp_id 
_struct_conn.ptnr1_auth_seq_id 
_struct_conn.ptnr2_auth_asym_id 
_struct_conn.ptnr2_auth_comp_id 
_struct_conn.ptnr2_auth_seq_id 
_struct_conn.ptnr2_symmetry 
_struct_conn.pdbx_ptnr3_label_atom_id 
_struct_conn.pdbx_ptnr3_label_seq_id 
_struct_conn.pdbx_ptnr3_label_comp_id 
_struct_conn.pdbx_ptnr3_label_asym_id 
_struct_conn.pdbx_ptnr3_label_alt_id 
_struct_conn.pdbx_ptnr3_PDB_ins_code 
_struct_conn.details 
_struct_conn.pdbx_dist_value 
_struct_conn.pdbx_value_order 
_struct_conn.pdbx_role 
covale1 covale both ? A HIS 2  C ? ? ? 1_555 A MSE 3  N ? ? A HIS 2  A MSE 3  1_555 ? ? ? ? ? ? ? 1.327 ? ? 
covale2 covale both ? A MSE 3  C ? ? ? 1_555 A ILE 4  N ? ? A MSE 3  A ILE 4  1_555 ? ? ? ? ? ? ? 1.329 ? ? 
covale3 covale both ? A ILE 4  C ? ? ? 1_555 A MSE 5  N ? ? A ILE 4  A MSE 5  1_555 ? ? ? ? ? ? ? 1.330 ? ? 
covale4 covale both ? A MSE 5  C ? ? ? 1_555 A ALA 6  N ? ? A MSE 5  A ALA 6  1_555 ? ? ? ? ? ? ? 1.328 ? ? 
covale5 covale both ? A ASN 74 C ? ? ? 1_555 A MSE 75 N ? ? A ASN 74 A MSE 75 1_555 ? ? ? ? ? ? ? 1.326 ? ? 
covale6 covale both ? A MSE 75 C ? ? ? 1_555 A ILE 76 N ? ? A MSE 75 A ILE 76 1_555 ? ? ? ? ? ? ? 1.325 ? ? 
# 
_struct_conn_type.id          covale 
_struct_conn_type.criteria    ? 
_struct_conn_type.reference   ? 
# 
loop_
_pdbx_modification_feature.ordinal 
_pdbx_modification_feature.label_comp_id 
_pdbx_modification_feature.label_asym_id 
_pdbx_modification_feature.label_seq_id 
_pdbx_modification_feature.label_alt_id 
_pdbx_modification_feature.modified_residue_label_comp_id 
_pdbx_modification_feature.modified_residue_label_asym_id 
_pdbx_modification_feature.modified_residue_label_seq_id 
_pdbx_modification_feature.modified_residue_label_alt_id 
_pdbx_modification_feature.auth_comp_id 
_pdbx_modification_feature.auth_asym_id 
_pdbx_modification_feature.auth_seq_id 
_pdbx_modification_feature.PDB_ins_code 
_pdbx_modification_feature.symmetry 
_pdbx_modification_feature.modified_residue_auth_comp_id 
_pdbx_modification_feature.modified_residue_auth_asym_id 
_pdbx_modification_feature.modified_residue_auth_seq_id 
_pdbx_modification_feature.modified_residue_PDB_ins_code 
_pdbx_modification_feature.modified_residue_symmetry 
_pdbx_modification_feature.comp_id_linking_atom 
_pdbx_modification_feature.modified_residue_id_linking_atom 
_pdbx_modification_feature.modified_residue_id 
_pdbx_modification_feature.ref_pcm_id 
_pdbx_modification_feature.ref_comp_id 
_pdbx_modification_feature.type 
_pdbx_modification_feature.category 
1 MSE A 3  ? . . . . MSE A 3  ? 1_555 . . . . . . . MET 1 MSE Selenomethionine 'Named protein modification' 
2 MSE A 5  ? . . . . MSE A 5  ? 1_555 . . . . . . . MET 1 MSE Selenomethionine 'Named protein modification' 
3 MSE A 75 ? . . . . MSE A 75 ? 1_555 . . . . . . . MET 1 MSE Selenomethionine 'Named protein modification' 
# 
_struct_sheet.id               A 
_struct_sheet.type             ? 
_struct_sheet.number_strands   8 
_struct_sheet.details          ? 
# 
loop_
_struct_sheet_order.sheet_id 
_struct_sheet_order.range_id_1 
_struct_sheet_order.range_id_2 
_struct_sheet_order.offset 
_struct_sheet_order.sense 
A 1 2 ? anti-parallel 
A 2 3 ? anti-parallel 
A 3 4 ? parallel      
A 4 5 ? anti-parallel 
A 5 6 ? parallel      
A 6 7 ? anti-parallel 
A 7 8 ? anti-parallel 
# 
loop_
_struct_sheet_range.sheet_id 
_struct_sheet_range.id 
_struct_sheet_range.beg_label_comp_id 
_struct_sheet_range.beg_label_asym_id 
_struct_sheet_range.beg_label_seq_id 
_struct_sheet_range.pdbx_beg_PDB_ins_code 
_struct_sheet_range.end_label_comp_id 
_struct_sheet_range.end_label_asym_id 
_struct_sheet_range.end_label_seq_id 
_struct_sheet_range.pdbx_end_PDB_ins_code 
_struct_sheet_range.beg_auth_comp_id 
_struct_sheet_range.beg_auth_asym_id 
_struct_sheet_range.beg_auth_seq_id 
_struct_sheet_range.end_auth_comp_id 
_struct_sheet_range.end_auth_asym_id 
_struct_sheet_range.end_auth_seq_id 
A 1 GLY A 68  ? ILE A 76  ? GLY A 68  ILE A 76  
A 2 ARG A 79  ? VAL A 92  ? ARG A 79  VAL A 92  
A 3 TRP A 95  ? PRO A 103 ? TRP A 95  PRO A 103 
A 4 THR A 43  ? ARG A 50  ? THR A 43  ARG A 50  
A 5 GLY A 114 ? VAL A 121 ? GLY A 114 VAL A 121 
A 6 THR A 174 ? HIS A 178 ? THR A 174 HIS A 178 
A 7 LEU A 166 ? THR A 169 ? LEU A 166 THR A 169 
A 8 SER A 148 ? THR A 151 ? SER A 148 THR A 151 
# 
loop_
_pdbx_struct_sheet_hbond.sheet_id 
_pdbx_struct_sheet_hbond.range_id_1 
_pdbx_struct_sheet_hbond.range_id_2 
_pdbx_struct_sheet_hbond.range_1_label_atom_id 
_pdbx_struct_sheet_hbond.range_1_label_comp_id 
_pdbx_struct_sheet_hbond.range_1_label_asym_id 
_pdbx_struct_sheet_hbond.range_1_label_seq_id 
_pdbx_struct_sheet_hbond.range_1_PDB_ins_code 
_pdbx_struct_sheet_hbond.range_1_auth_atom_id 
_pdbx_struct_sheet_hbond.range_1_auth_comp_id 
_pdbx_struct_sheet_hbond.range_1_auth_asym_id 
_pdbx_struct_sheet_hbond.range_1_auth_seq_id 
_pdbx_struct_sheet_hbond.range_2_label_atom_id 
_pdbx_struct_sheet_hbond.range_2_label_comp_id 
_pdbx_struct_sheet_hbond.range_2_label_asym_id 
_pdbx_struct_sheet_hbond.range_2_label_seq_id 
_pdbx_struct_sheet_hbond.range_2_PDB_ins_code 
_pdbx_struct_sheet_hbond.range_2_auth_atom_id 
_pdbx_struct_sheet_hbond.range_2_auth_comp_id 
_pdbx_struct_sheet_hbond.range_2_auth_asym_id 
_pdbx_struct_sheet_hbond.range_2_auth_seq_id 
A 1 2 N ILE A 76  ? N ILE A 76  O ARG A 79  ? O ARG A 79  
A 2 3 N CYS A 82  ? N CYS A 82  O LEU A 102 ? O LEU A 102 
A 3 4 O GLU A 101 ? O GLU A 101 N ILE A 47  ? N ILE A 47  
A 4 5 N SER A 48  ? N SER A 48  O HIS A 117 ? O HIS A 117 
A 5 6 N ILE A 120 ? N ILE A 120 O LYS A 176 ? O LYS A 176 
A 6 7 O ILE A 175 ? O ILE A 175 N VAL A 168 ? N VAL A 168 
A 7 8 O ALA A 167 ? O ALA A 167 N LYS A 150 ? N LYS A 150 
# 
_pdbx_entry_details.entry_id                   1K4N 
_pdbx_entry_details.compound_details           ? 
_pdbx_entry_details.source_details             ? 
_pdbx_entry_details.nonpolymer_details         ? 
_pdbx_entry_details.sequence_details           ? 
_pdbx_entry_details.has_ligand_of_interest     ? 
_pdbx_entry_details.has_protein_modification   Y 
# 
loop_
_pdbx_validate_torsion.id 
_pdbx_validate_torsion.PDB_model_num 
_pdbx_validate_torsion.auth_comp_id 
_pdbx_validate_torsion.auth_asym_id 
_pdbx_validate_torsion.auth_seq_id 
_pdbx_validate_torsion.PDB_ins_code 
_pdbx_validate_torsion.label_alt_id 
_pdbx_validate_torsion.phi 
_pdbx_validate_torsion.psi 
1 1 ASP A 45  ? ? -109.62 -69.34  
2 1 ALA A 93  ? ? 59.43   -129.78 
3 1 GLU A 116 ? ? -132.47 -37.32  
4 1 LYS A 172 ? ? -133.40 -30.82  
# 
_pdbx_SG_project.id                    1 
_pdbx_SG_project.project_name          'PSI, Protein Structure Initiative' 
_pdbx_SG_project.full_name_of_center   'Midwest Center for Structural Genomics' 
_pdbx_SG_project.initial_of_center     MCSG 
# 
loop_
_pdbx_struct_mod_residue.id 
_pdbx_struct_mod_residue.label_asym_id 
_pdbx_struct_mod_residue.label_comp_id 
_pdbx_struct_mod_residue.label_seq_id 
_pdbx_struct_mod_residue.auth_asym_id 
_pdbx_struct_mod_residue.auth_comp_id 
_pdbx_struct_mod_residue.auth_seq_id 
_pdbx_struct_mod_residue.PDB_ins_code 
_pdbx_struct_mod_residue.parent_comp_id 
_pdbx_struct_mod_residue.details 
1 A MSE 3  A MSE 3  ? MET SELENOMETHIONINE 
2 A MSE 5  A MSE 5  ? MET SELENOMETHIONINE 
3 A MSE 75 A MSE 75 ? MET SELENOMETHIONINE 
# 
loop_
_pdbx_unobs_or_zero_occ_residues.id 
_pdbx_unobs_or_zero_occ_residues.PDB_model_num 
_pdbx_unobs_or_zero_occ_residues.polymer_flag 
_pdbx_unobs_or_zero_occ_residues.occupancy_flag 
_pdbx_unobs_or_zero_occ_residues.auth_asym_id 
_pdbx_unobs_or_zero_occ_residues.auth_comp_id 
_pdbx_unobs_or_zero_occ_residues.auth_seq_id 
_pdbx_unobs_or_zero_occ_residues.PDB_ins_code 
_pdbx_unobs_or_zero_occ_residues.label_asym_id 
_pdbx_unobs_or_zero_occ_residues.label_comp_id 
_pdbx_unobs_or_zero_occ_residues.label_seq_id 
1 1 Y 1 A SER 153 ? A SER 153 
2 1 Y 1 A PRO 154 ? A PRO 154 
3 1 Y 1 A LYS 155 ? A LYS 155 
4 1 Y 1 A GLY 156 ? A GLY 156 
5 1 Y 1 A GLU 157 ? A GLU 157 
6 1 Y 1 A HIS 158 ? A HIS 158 
7 1 Y 1 A GLU 159 ? A GLU 159 
8 1 Y 1 A SER 191 ? A SER 191 
9 1 Y 1 A ALA 192 ? A ALA 192 
# 
loop_
_chem_comp_atom.comp_id 
_chem_comp_atom.atom_id 
_chem_comp_atom.type_symbol 
_chem_comp_atom.pdbx_aromatic_flag 
_chem_comp_atom.pdbx_stereo_config 
_chem_comp_atom.pdbx_ordinal 
ALA N    N  N N 1   
ALA CA   C  N S 2   
ALA C    C  N N 3   
ALA O    O  N N 4   
ALA CB   C  N N 5   
ALA OXT  O  N N 6   
ALA H    H  N N 7   
ALA H2   H  N N 8   
ALA HA   H  N N 9   
ALA HB1  H  N N 10  
ALA HB2  H  N N 11  
ALA HB3  H  N N 12  
ALA HXT  H  N N 13  
ARG N    N  N N 14  
ARG CA   C  N S 15  
ARG C    C  N N 16  
ARG O    O  N N 17  
ARG CB   C  N N 18  
ARG CG   C  N N 19  
ARG CD   C  N N 20  
ARG NE   N  N N 21  
ARG CZ   C  N N 22  
ARG NH1  N  N N 23  
ARG NH2  N  N N 24  
ARG OXT  O  N N 25  
ARG H    H  N N 26  
ARG H2   H  N N 27  
ARG HA   H  N N 28  
ARG HB2  H  N N 29  
ARG HB3  H  N N 30  
ARG HG2  H  N N 31  
ARG HG3  H  N N 32  
ARG HD2  H  N N 33  
ARG HD3  H  N N 34  
ARG HE   H  N N 35  
ARG HH11 H  N N 36  
ARG HH12 H  N N 37  
ARG HH21 H  N N 38  
ARG HH22 H  N N 39  
ARG HXT  H  N N 40  
ASN N    N  N N 41  
ASN CA   C  N S 42  
ASN C    C  N N 43  
ASN O    O  N N 44  
ASN CB   C  N N 45  
ASN CG   C  N N 46  
ASN OD1  O  N N 47  
ASN ND2  N  N N 48  
ASN OXT  O  N N 49  
ASN H    H  N N 50  
ASN H2   H  N N 51  
ASN HA   H  N N 52  
ASN HB2  H  N N 53  
ASN HB3  H  N N 54  
ASN HD21 H  N N 55  
ASN HD22 H  N N 56  
ASN HXT  H  N N 57  
ASP N    N  N N 58  
ASP CA   C  N S 59  
ASP C    C  N N 60  
ASP O    O  N N 61  
ASP CB   C  N N 62  
ASP CG   C  N N 63  
ASP OD1  O  N N 64  
ASP OD2  O  N N 65  
ASP OXT  O  N N 66  
ASP H    H  N N 67  
ASP H2   H  N N 68  
ASP HA   H  N N 69  
ASP HB2  H  N N 70  
ASP HB3  H  N N 71  
ASP HD2  H  N N 72  
ASP HXT  H  N N 73  
CYS N    N  N N 74  
CYS CA   C  N R 75  
CYS C    C  N N 76  
CYS O    O  N N 77  
CYS CB   C  N N 78  
CYS SG   S  N N 79  
CYS OXT  O  N N 80  
CYS H    H  N N 81  
CYS H2   H  N N 82  
CYS HA   H  N N 83  
CYS HB2  H  N N 84  
CYS HB3  H  N N 85  
CYS HG   H  N N 86  
CYS HXT  H  N N 87  
GLN N    N  N N 88  
GLN CA   C  N S 89  
GLN C    C  N N 90  
GLN O    O  N N 91  
GLN CB   C  N N 92  
GLN CG   C  N N 93  
GLN CD   C  N N 94  
GLN OE1  O  N N 95  
GLN NE2  N  N N 96  
GLN OXT  O  N N 97  
GLN H    H  N N 98  
GLN H2   H  N N 99  
GLN HA   H  N N 100 
GLN HB2  H  N N 101 
GLN HB3  H  N N 102 
GLN HG2  H  N N 103 
GLN HG3  H  N N 104 
GLN HE21 H  N N 105 
GLN HE22 H  N N 106 
GLN HXT  H  N N 107 
GLU N    N  N N 108 
GLU CA   C  N S 109 
GLU C    C  N N 110 
GLU O    O  N N 111 
GLU CB   C  N N 112 
GLU CG   C  N N 113 
GLU CD   C  N N 114 
GLU OE1  O  N N 115 
GLU OE2  O  N N 116 
GLU OXT  O  N N 117 
GLU H    H  N N 118 
GLU H2   H  N N 119 
GLU HA   H  N N 120 
GLU HB2  H  N N 121 
GLU HB3  H  N N 122 
GLU HG2  H  N N 123 
GLU HG3  H  N N 124 
GLU HE2  H  N N 125 
GLU HXT  H  N N 126 
GLY N    N  N N 127 
GLY CA   C  N N 128 
GLY C    C  N N 129 
GLY O    O  N N 130 
GLY OXT  O  N N 131 
GLY H    H  N N 132 
GLY H2   H  N N 133 
GLY HA2  H  N N 134 
GLY HA3  H  N N 135 
GLY HXT  H  N N 136 
HIS N    N  N N 137 
HIS CA   C  N S 138 
HIS C    C  N N 139 
HIS O    O  N N 140 
HIS CB   C  N N 141 
HIS CG   C  Y N 142 
HIS ND1  N  Y N 143 
HIS CD2  C  Y N 144 
HIS CE1  C  Y N 145 
HIS NE2  N  Y N 146 
HIS OXT  O  N N 147 
HIS H    H  N N 148 
HIS H2   H  N N 149 
HIS HA   H  N N 150 
HIS HB2  H  N N 151 
HIS HB3  H  N N 152 
HIS HD1  H  N N 153 
HIS HD2  H  N N 154 
HIS HE1  H  N N 155 
HIS HE2  H  N N 156 
HIS HXT  H  N N 157 
HOH O    O  N N 158 
HOH H1   H  N N 159 
HOH H2   H  N N 160 
ILE N    N  N N 161 
ILE CA   C  N S 162 
ILE C    C  N N 163 
ILE O    O  N N 164 
ILE CB   C  N S 165 
ILE CG1  C  N N 166 
ILE CG2  C  N N 167 
ILE CD1  C  N N 168 
ILE OXT  O  N N 169 
ILE H    H  N N 170 
ILE H2   H  N N 171 
ILE HA   H  N N 172 
ILE HB   H  N N 173 
ILE HG12 H  N N 174 
ILE HG13 H  N N 175 
ILE HG21 H  N N 176 
ILE HG22 H  N N 177 
ILE HG23 H  N N 178 
ILE HD11 H  N N 179 
ILE HD12 H  N N 180 
ILE HD13 H  N N 181 
ILE HXT  H  N N 182 
LEU N    N  N N 183 
LEU CA   C  N S 184 
LEU C    C  N N 185 
LEU O    O  N N 186 
LEU CB   C  N N 187 
LEU CG   C  N N 188 
LEU CD1  C  N N 189 
LEU CD2  C  N N 190 
LEU OXT  O  N N 191 
LEU H    H  N N 192 
LEU H2   H  N N 193 
LEU HA   H  N N 194 
LEU HB2  H  N N 195 
LEU HB3  H  N N 196 
LEU HG   H  N N 197 
LEU HD11 H  N N 198 
LEU HD12 H  N N 199 
LEU HD13 H  N N 200 
LEU HD21 H  N N 201 
LEU HD22 H  N N 202 
LEU HD23 H  N N 203 
LEU HXT  H  N N 204 
LYS N    N  N N 205 
LYS CA   C  N S 206 
LYS C    C  N N 207 
LYS O    O  N N 208 
LYS CB   C  N N 209 
LYS CG   C  N N 210 
LYS CD   C  N N 211 
LYS CE   C  N N 212 
LYS NZ   N  N N 213 
LYS OXT  O  N N 214 
LYS H    H  N N 215 
LYS H2   H  N N 216 
LYS HA   H  N N 217 
LYS HB2  H  N N 218 
LYS HB3  H  N N 219 
LYS HG2  H  N N 220 
LYS HG3  H  N N 221 
LYS HD2  H  N N 222 
LYS HD3  H  N N 223 
LYS HE2  H  N N 224 
LYS HE3  H  N N 225 
LYS HZ1  H  N N 226 
LYS HZ2  H  N N 227 
LYS HZ3  H  N N 228 
LYS HXT  H  N N 229 
MET N    N  N N 230 
MET CA   C  N S 231 
MET C    C  N N 232 
MET O    O  N N 233 
MET CB   C  N N 234 
MET CG   C  N N 235 
MET SD   S  N N 236 
MET CE   C  N N 237 
MET OXT  O  N N 238 
MET H    H  N N 239 
MET H2   H  N N 240 
MET HA   H  N N 241 
MET HB2  H  N N 242 
MET HB3  H  N N 243 
MET HG2  H  N N 244 
MET HG3  H  N N 245 
MET HE1  H  N N 246 
MET HE2  H  N N 247 
MET HE3  H  N N 248 
MET HXT  H  N N 249 
MSE N    N  N N 250 
MSE CA   C  N S 251 
MSE C    C  N N 252 
MSE O    O  N N 253 
MSE OXT  O  N N 254 
MSE CB   C  N N 255 
MSE CG   C  N N 256 
MSE SE   SE N N 257 
MSE CE   C  N N 258 
MSE H    H  N N 259 
MSE H2   H  N N 260 
MSE HA   H  N N 261 
MSE HXT  H  N N 262 
MSE HB2  H  N N 263 
MSE HB3  H  N N 264 
MSE HG2  H  N N 265 
MSE HG3  H  N N 266 
MSE HE1  H  N N 267 
MSE HE2  H  N N 268 
MSE HE3  H  N N 269 
PHE N    N  N N 270 
PHE CA   C  N S 271 
PHE C    C  N N 272 
PHE O    O  N N 273 
PHE CB   C  N N 274 
PHE CG   C  Y N 275 
PHE CD1  C  Y N 276 
PHE CD2  C  Y N 277 
PHE CE1  C  Y N 278 
PHE CE2  C  Y N 279 
PHE CZ   C  Y N 280 
PHE OXT  O  N N 281 
PHE H    H  N N 282 
PHE H2   H  N N 283 
PHE HA   H  N N 284 
PHE HB2  H  N N 285 
PHE HB3  H  N N 286 
PHE HD1  H  N N 287 
PHE HD2  H  N N 288 
PHE HE1  H  N N 289 
PHE HE2  H  N N 290 
PHE HZ   H  N N 291 
PHE HXT  H  N N 292 
PRO N    N  N N 293 
PRO CA   C  N S 294 
PRO C    C  N N 295 
PRO O    O  N N 296 
PRO CB   C  N N 297 
PRO CG   C  N N 298 
PRO CD   C  N N 299 
PRO OXT  O  N N 300 
PRO H    H  N N 301 
PRO HA   H  N N 302 
PRO HB2  H  N N 303 
PRO HB3  H  N N 304 
PRO HG2  H  N N 305 
PRO HG3  H  N N 306 
PRO HD2  H  N N 307 
PRO HD3  H  N N 308 
PRO HXT  H  N N 309 
SER N    N  N N 310 
SER CA   C  N S 311 
SER C    C  N N 312 
SER O    O  N N 313 
SER CB   C  N N 314 
SER OG   O  N N 315 
SER OXT  O  N N 316 
SER H    H  N N 317 
SER H2   H  N N 318 
SER HA   H  N N 319 
SER HB2  H  N N 320 
SER HB3  H  N N 321 
SER HG   H  N N 322 
SER HXT  H  N N 323 
THR N    N  N N 324 
THR CA   C  N S 325 
THR C    C  N N 326 
THR O    O  N N 327 
THR CB   C  N R 328 
THR OG1  O  N N 329 
THR CG2  C  N N 330 
THR OXT  O  N N 331 
THR H    H  N N 332 
THR H2   H  N N 333 
THR HA   H  N N 334 
THR HB   H  N N 335 
THR HG1  H  N N 336 
THR HG21 H  N N 337 
THR HG22 H  N N 338 
THR HG23 H  N N 339 
THR HXT  H  N N 340 
TRP N    N  N N 341 
TRP CA   C  N S 342 
TRP C    C  N N 343 
TRP O    O  N N 344 
TRP CB   C  N N 345 
TRP CG   C  Y N 346 
TRP CD1  C  Y N 347 
TRP CD2  C  Y N 348 
TRP NE1  N  Y N 349 
TRP CE2  C  Y N 350 
TRP CE3  C  Y N 351 
TRP CZ2  C  Y N 352 
TRP CZ3  C  Y N 353 
TRP CH2  C  Y N 354 
TRP OXT  O  N N 355 
TRP H    H  N N 356 
TRP H2   H  N N 357 
TRP HA   H  N N 358 
TRP HB2  H  N N 359 
TRP HB3  H  N N 360 
TRP HD1  H  N N 361 
TRP HE1  H  N N 362 
TRP HE3  H  N N 363 
TRP HZ2  H  N N 364 
TRP HZ3  H  N N 365 
TRP HH2  H  N N 366 
TRP HXT  H  N N 367 
TYR N    N  N N 368 
TYR CA   C  N S 369 
TYR C    C  N N 370 
TYR O    O  N N 371 
TYR CB   C  N N 372 
TYR CG   C  Y N 373 
TYR CD1  C  Y N 374 
TYR CD2  C  Y N 375 
TYR CE1  C  Y N 376 
TYR CE2  C  Y N 377 
TYR CZ   C  Y N 378 
TYR OH   O  N N 379 
TYR OXT  O  N N 380 
TYR H    H  N N 381 
TYR H2   H  N N 382 
TYR HA   H  N N 383 
TYR HB2  H  N N 384 
TYR HB3  H  N N 385 
TYR HD1  H  N N 386 
TYR HD2  H  N N 387 
TYR HE1  H  N N 388 
TYR HE2  H  N N 389 
TYR HH   H  N N 390 
TYR HXT  H  N N 391 
VAL N    N  N N 392 
VAL CA   C  N S 393 
VAL C    C  N N 394 
VAL O    O  N N 395 
VAL CB   C  N N 396 
VAL CG1  C  N N 397 
VAL CG2  C  N N 398 
VAL OXT  O  N N 399 
VAL H    H  N N 400 
VAL H2   H  N N 401 
VAL HA   H  N N 402 
VAL HB   H  N N 403 
VAL HG11 H  N N 404 
VAL HG12 H  N N 405 
VAL HG13 H  N N 406 
VAL HG21 H  N N 407 
VAL HG22 H  N N 408 
VAL HG23 H  N N 409 
VAL HXT  H  N N 410 
# 
loop_
_chem_comp_bond.comp_id 
_chem_comp_bond.atom_id_1 
_chem_comp_bond.atom_id_2 
_chem_comp_bond.value_order 
_chem_comp_bond.pdbx_aromatic_flag 
_chem_comp_bond.pdbx_stereo_config 
_chem_comp_bond.pdbx_ordinal 
ALA N   CA   sing N N 1   
ALA N   H    sing N N 2   
ALA N   H2   sing N N 3   
ALA CA  C    sing N N 4   
ALA CA  CB   sing N N 5   
ALA CA  HA   sing N N 6   
ALA C   O    doub N N 7   
ALA C   OXT  sing N N 8   
ALA CB  HB1  sing N N 9   
ALA CB  HB2  sing N N 10  
ALA CB  HB3  sing N N 11  
ALA OXT HXT  sing N N 12  
ARG N   CA   sing N N 13  
ARG N   H    sing N N 14  
ARG N   H2   sing N N 15  
ARG CA  C    sing N N 16  
ARG CA  CB   sing N N 17  
ARG CA  HA   sing N N 18  
ARG C   O    doub N N 19  
ARG C   OXT  sing N N 20  
ARG CB  CG   sing N N 21  
ARG CB  HB2  sing N N 22  
ARG CB  HB3  sing N N 23  
ARG CG  CD   sing N N 24  
ARG CG  HG2  sing N N 25  
ARG CG  HG3  sing N N 26  
ARG CD  NE   sing N N 27  
ARG CD  HD2  sing N N 28  
ARG CD  HD3  sing N N 29  
ARG NE  CZ   sing N N 30  
ARG NE  HE   sing N N 31  
ARG CZ  NH1  sing N N 32  
ARG CZ  NH2  doub N N 33  
ARG NH1 HH11 sing N N 34  
ARG NH1 HH12 sing N N 35  
ARG NH2 HH21 sing N N 36  
ARG NH2 HH22 sing N N 37  
ARG OXT HXT  sing N N 38  
ASN N   CA   sing N N 39  
ASN N   H    sing N N 40  
ASN N   H2   sing N N 41  
ASN CA  C    sing N N 42  
ASN CA  CB   sing N N 43  
ASN CA  HA   sing N N 44  
ASN C   O    doub N N 45  
ASN C   OXT  sing N N 46  
ASN CB  CG   sing N N 47  
ASN CB  HB2  sing N N 48  
ASN CB  HB3  sing N N 49  
ASN CG  OD1  doub N N 50  
ASN CG  ND2  sing N N 51  
ASN ND2 HD21 sing N N 52  
ASN ND2 HD22 sing N N 53  
ASN OXT HXT  sing N N 54  
ASP N   CA   sing N N 55  
ASP N   H    sing N N 56  
ASP N   H2   sing N N 57  
ASP CA  C    sing N N 58  
ASP CA  CB   sing N N 59  
ASP CA  HA   sing N N 60  
ASP C   O    doub N N 61  
ASP C   OXT  sing N N 62  
ASP CB  CG   sing N N 63  
ASP CB  HB2  sing N N 64  
ASP CB  HB3  sing N N 65  
ASP CG  OD1  doub N N 66  
ASP CG  OD2  sing N N 67  
ASP OD2 HD2  sing N N 68  
ASP OXT HXT  sing N N 69  
CYS N   CA   sing N N 70  
CYS N   H    sing N N 71  
CYS N   H2   sing N N 72  
CYS CA  C    sing N N 73  
CYS CA  CB   sing N N 74  
CYS CA  HA   sing N N 75  
CYS C   O    doub N N 76  
CYS C   OXT  sing N N 77  
CYS CB  SG   sing N N 78  
CYS CB  HB2  sing N N 79  
CYS CB  HB3  sing N N 80  
CYS SG  HG   sing N N 81  
CYS OXT HXT  sing N N 82  
GLN N   CA   sing N N 83  
GLN N   H    sing N N 84  
GLN N   H2   sing N N 85  
GLN CA  C    sing N N 86  
GLN CA  CB   sing N N 87  
GLN CA  HA   sing N N 88  
GLN C   O    doub N N 89  
GLN C   OXT  sing N N 90  
GLN CB  CG   sing N N 91  
GLN CB  HB2  sing N N 92  
GLN CB  HB3  sing N N 93  
GLN CG  CD   sing N N 94  
GLN CG  HG2  sing N N 95  
GLN CG  HG3  sing N N 96  
GLN CD  OE1  doub N N 97  
GLN CD  NE2  sing N N 98  
GLN NE2 HE21 sing N N 99  
GLN NE2 HE22 sing N N 100 
GLN OXT HXT  sing N N 101 
GLU N   CA   sing N N 102 
GLU N   H    sing N N 103 
GLU N   H2   sing N N 104 
GLU CA  C    sing N N 105 
GLU CA  CB   sing N N 106 
GLU CA  HA   sing N N 107 
GLU C   O    doub N N 108 
GLU C   OXT  sing N N 109 
GLU CB  CG   sing N N 110 
GLU CB  HB2  sing N N 111 
GLU CB  HB3  sing N N 112 
GLU CG  CD   sing N N 113 
GLU CG  HG2  sing N N 114 
GLU CG  HG3  sing N N 115 
GLU CD  OE1  doub N N 116 
GLU CD  OE2  sing N N 117 
GLU OE2 HE2  sing N N 118 
GLU OXT HXT  sing N N 119 
GLY N   CA   sing N N 120 
GLY N   H    sing N N 121 
GLY N   H2   sing N N 122 
GLY CA  C    sing N N 123 
GLY CA  HA2  sing N N 124 
GLY CA  HA3  sing N N 125 
GLY C   O    doub N N 126 
GLY C   OXT  sing N N 127 
GLY OXT HXT  sing N N 128 
HIS N   CA   sing N N 129 
HIS N   H    sing N N 130 
HIS N   H2   sing N N 131 
HIS CA  C    sing N N 132 
HIS CA  CB   sing N N 133 
HIS CA  HA   sing N N 134 
HIS C   O    doub N N 135 
HIS C   OXT  sing N N 136 
HIS CB  CG   sing N N 137 
HIS CB  HB2  sing N N 138 
HIS CB  HB3  sing N N 139 
HIS CG  ND1  sing Y N 140 
HIS CG  CD2  doub Y N 141 
HIS ND1 CE1  doub Y N 142 
HIS ND1 HD1  sing N N 143 
HIS CD2 NE2  sing Y N 144 
HIS CD2 HD2  sing N N 145 
HIS CE1 NE2  sing Y N 146 
HIS CE1 HE1  sing N N 147 
HIS NE2 HE2  sing N N 148 
HIS OXT HXT  sing N N 149 
HOH O   H1   sing N N 150 
HOH O   H2   sing N N 151 
ILE N   CA   sing N N 152 
ILE N   H    sing N N 153 
ILE N   H2   sing N N 154 
ILE CA  C    sing N N 155 
ILE CA  CB   sing N N 156 
ILE CA  HA   sing N N 157 
ILE C   O    doub N N 158 
ILE C   OXT  sing N N 159 
ILE CB  CG1  sing N N 160 
ILE CB  CG2  sing N N 161 
ILE CB  HB   sing N N 162 
ILE CG1 CD1  sing N N 163 
ILE CG1 HG12 sing N N 164 
ILE CG1 HG13 sing N N 165 
ILE CG2 HG21 sing N N 166 
ILE CG2 HG22 sing N N 167 
ILE CG2 HG23 sing N N 168 
ILE CD1 HD11 sing N N 169 
ILE CD1 HD12 sing N N 170 
ILE CD1 HD13 sing N N 171 
ILE OXT HXT  sing N N 172 
LEU N   CA   sing N N 173 
LEU N   H    sing N N 174 
LEU N   H2   sing N N 175 
LEU CA  C    sing N N 176 
LEU CA  CB   sing N N 177 
LEU CA  HA   sing N N 178 
LEU C   O    doub N N 179 
LEU C   OXT  sing N N 180 
LEU CB  CG   sing N N 181 
LEU CB  HB2  sing N N 182 
LEU CB  HB3  sing N N 183 
LEU CG  CD1  sing N N 184 
LEU CG  CD2  sing N N 185 
LEU CG  HG   sing N N 186 
LEU CD1 HD11 sing N N 187 
LEU CD1 HD12 sing N N 188 
LEU CD1 HD13 sing N N 189 
LEU CD2 HD21 sing N N 190 
LEU CD2 HD22 sing N N 191 
LEU CD2 HD23 sing N N 192 
LEU OXT HXT  sing N N 193 
LYS N   CA   sing N N 194 
LYS N   H    sing N N 195 
LYS N   H2   sing N N 196 
LYS CA  C    sing N N 197 
LYS CA  CB   sing N N 198 
LYS CA  HA   sing N N 199 
LYS C   O    doub N N 200 
LYS C   OXT  sing N N 201 
LYS CB  CG   sing N N 202 
LYS CB  HB2  sing N N 203 
LYS CB  HB3  sing N N 204 
LYS CG  CD   sing N N 205 
LYS CG  HG2  sing N N 206 
LYS CG  HG3  sing N N 207 
LYS CD  CE   sing N N 208 
LYS CD  HD2  sing N N 209 
LYS CD  HD3  sing N N 210 
LYS CE  NZ   sing N N 211 
LYS CE  HE2  sing N N 212 
LYS CE  HE3  sing N N 213 
LYS NZ  HZ1  sing N N 214 
LYS NZ  HZ2  sing N N 215 
LYS NZ  HZ3  sing N N 216 
LYS OXT HXT  sing N N 217 
MET N   CA   sing N N 218 
MET N   H    sing N N 219 
MET N   H2   sing N N 220 
MET CA  C    sing N N 221 
MET CA  CB   sing N N 222 
MET CA  HA   sing N N 223 
MET C   O    doub N N 224 
MET C   OXT  sing N N 225 
MET CB  CG   sing N N 226 
MET CB  HB2  sing N N 227 
MET CB  HB3  sing N N 228 
MET CG  SD   sing N N 229 
MET CG  HG2  sing N N 230 
MET CG  HG3  sing N N 231 
MET SD  CE   sing N N 232 
MET CE  HE1  sing N N 233 
MET CE  HE2  sing N N 234 
MET CE  HE3  sing N N 235 
MET OXT HXT  sing N N 236 
MSE N   CA   sing N N 237 
MSE N   H    sing N N 238 
MSE N   H2   sing N N 239 
MSE CA  C    sing N N 240 
MSE CA  CB   sing N N 241 
MSE CA  HA   sing N N 242 
MSE C   O    doub N N 243 
MSE C   OXT  sing N N 244 
MSE OXT HXT  sing N N 245 
MSE CB  CG   sing N N 246 
MSE CB  HB2  sing N N 247 
MSE CB  HB3  sing N N 248 
MSE CG  SE   sing N N 249 
MSE CG  HG2  sing N N 250 
MSE CG  HG3  sing N N 251 
MSE SE  CE   sing N N 252 
MSE CE  HE1  sing N N 253 
MSE CE  HE2  sing N N 254 
MSE CE  HE3  sing N N 255 
PHE N   CA   sing N N 256 
PHE N   H    sing N N 257 
PHE N   H2   sing N N 258 
PHE CA  C    sing N N 259 
PHE CA  CB   sing N N 260 
PHE CA  HA   sing N N 261 
PHE C   O    doub N N 262 
PHE C   OXT  sing N N 263 
PHE CB  CG   sing N N 264 
PHE CB  HB2  sing N N 265 
PHE CB  HB3  sing N N 266 
PHE CG  CD1  doub Y N 267 
PHE CG  CD2  sing Y N 268 
PHE CD1 CE1  sing Y N 269 
PHE CD1 HD1  sing N N 270 
PHE CD2 CE2  doub Y N 271 
PHE CD2 HD2  sing N N 272 
PHE CE1 CZ   doub Y N 273 
PHE CE1 HE1  sing N N 274 
PHE CE2 CZ   sing Y N 275 
PHE CE2 HE2  sing N N 276 
PHE CZ  HZ   sing N N 277 
PHE OXT HXT  sing N N 278 
PRO N   CA   sing N N 279 
PRO N   CD   sing N N 280 
PRO N   H    sing N N 281 
PRO CA  C    sing N N 282 
PRO CA  CB   sing N N 283 
PRO CA  HA   sing N N 284 
PRO C   O    doub N N 285 
PRO C   OXT  sing N N 286 
PRO CB  CG   sing N N 287 
PRO CB  HB2  sing N N 288 
PRO CB  HB3  sing N N 289 
PRO CG  CD   sing N N 290 
PRO CG  HG2  sing N N 291 
PRO CG  HG3  sing N N 292 
PRO CD  HD2  sing N N 293 
PRO CD  HD3  sing N N 294 
PRO OXT HXT  sing N N 295 
SER N   CA   sing N N 296 
SER N   H    sing N N 297 
SER N   H2   sing N N 298 
SER CA  C    sing N N 299 
SER CA  CB   sing N N 300 
SER CA  HA   sing N N 301 
SER C   O    doub N N 302 
SER C   OXT  sing N N 303 
SER CB  OG   sing N N 304 
SER CB  HB2  sing N N 305 
SER CB  HB3  sing N N 306 
SER OG  HG   sing N N 307 
SER OXT HXT  sing N N 308 
THR N   CA   sing N N 309 
THR N   H    sing N N 310 
THR N   H2   sing N N 311 
THR CA  C    sing N N 312 
THR CA  CB   sing N N 313 
THR CA  HA   sing N N 314 
THR C   O    doub N N 315 
THR C   OXT  sing N N 316 
THR CB  OG1  sing N N 317 
THR CB  CG2  sing N N 318 
THR CB  HB   sing N N 319 
THR OG1 HG1  sing N N 320 
THR CG2 HG21 sing N N 321 
THR CG2 HG22 sing N N 322 
THR CG2 HG23 sing N N 323 
THR OXT HXT  sing N N 324 
TRP N   CA   sing N N 325 
TRP N   H    sing N N 326 
TRP N   H2   sing N N 327 
TRP CA  C    sing N N 328 
TRP CA  CB   sing N N 329 
TRP CA  HA   sing N N 330 
TRP C   O    doub N N 331 
TRP C   OXT  sing N N 332 
TRP CB  CG   sing N N 333 
TRP CB  HB2  sing N N 334 
TRP CB  HB3  sing N N 335 
TRP CG  CD1  doub Y N 336 
TRP CG  CD2  sing Y N 337 
TRP CD1 NE1  sing Y N 338 
TRP CD1 HD1  sing N N 339 
TRP CD2 CE2  doub Y N 340 
TRP CD2 CE3  sing Y N 341 
TRP NE1 CE2  sing Y N 342 
TRP NE1 HE1  sing N N 343 
TRP CE2 CZ2  sing Y N 344 
TRP CE3 CZ3  doub Y N 345 
TRP CE3 HE3  sing N N 346 
TRP CZ2 CH2  doub Y N 347 
TRP CZ2 HZ2  sing N N 348 
TRP CZ3 CH2  sing Y N 349 
TRP CZ3 HZ3  sing N N 350 
TRP CH2 HH2  sing N N 351 
TRP OXT HXT  sing N N 352 
TYR N   CA   sing N N 353 
TYR N   H    sing N N 354 
TYR N   H2   sing N N 355 
TYR CA  C    sing N N 356 
TYR CA  CB   sing N N 357 
TYR CA  HA   sing N N 358 
TYR C   O    doub N N 359 
TYR C   OXT  sing N N 360 
TYR CB  CG   sing N N 361 
TYR CB  HB2  sing N N 362 
TYR CB  HB3  sing N N 363 
TYR CG  CD1  doub Y N 364 
TYR CG  CD2  sing Y N 365 
TYR CD1 CE1  sing Y N 366 
TYR CD1 HD1  sing N N 367 
TYR CD2 CE2  doub Y N 368 
TYR CD2 HD2  sing N N 369 
TYR CE1 CZ   doub Y N 370 
TYR CE1 HE1  sing N N 371 
TYR CE2 CZ   sing Y N 372 
TYR CE2 HE2  sing N N 373 
TYR CZ  OH   sing N N 374 
TYR OH  HH   sing N N 375 
TYR OXT HXT  sing N N 376 
VAL N   CA   sing N N 377 
VAL N   H    sing N N 378 
VAL N   H2   sing N N 379 
VAL CA  C    sing N N 380 
VAL CA  CB   sing N N 381 
VAL CA  HA   sing N N 382 
VAL C   O    doub N N 383 
VAL C   OXT  sing N N 384 
VAL CB  CG1  sing N N 385 
VAL CB  CG2  sing N N 386 
VAL CB  HB   sing N N 387 
VAL CG1 HG11 sing N N 388 
VAL CG1 HG12 sing N N 389 
VAL CG1 HG13 sing N N 390 
VAL CG2 HG21 sing N N 391 
VAL CG2 HG22 sing N N 392 
VAL CG2 HG23 sing N N 393 
VAL OXT HXT  sing N N 394 
# 
_atom_sites.entry_id                    1K4N 
_atom_sites.fract_transf_matrix[1][1]   -0.00838028 
_atom_sites.fract_transf_matrix[1][2]   -0.01915836 
_atom_sites.fract_transf_matrix[1][3]   0.01522426 
_atom_sites.fract_transf_matrix[2][1]   -0.00849712 
_atom_sites.fract_transf_matrix[2][2]   0.01607960 
_atom_sites.fract_transf_matrix[2][3]   0.01555743 
_atom_sites.fract_transf_matrix[3][1]   -0.00829211 
_atom_sites.fract_transf_matrix[3][2]   0.00001548 
_atom_sites.fract_transf_matrix[3][3]   -0.00454496 
_atom_sites.fract_transf_vector[1]      0.257904 
_atom_sites.fract_transf_vector[2]      0.677641 
_atom_sites.fract_transf_vector[3]      0.144370 
# 
loop_
_atom_type.symbol 
C  
N  
O  
S  
SE 
# 
loop_
_atom_site.group_PDB 
_atom_site.id 
_atom_site.type_symbol 
_atom_site.label_atom_id 
_atom_site.label_alt_id 
_atom_site.label_comp_id 
_atom_site.label_asym_id 
_atom_site.label_entity_id 
_atom_site.label_seq_id 
_atom_site.pdbx_PDB_ins_code 
_atom_site.Cartn_x 
_atom_site.Cartn_y 
_atom_site.Cartn_z 
_atom_site.occupancy 
_atom_site.B_iso_or_equiv 
_atom_site.pdbx_formal_charge 
_atom_site.auth_seq_id 
_atom_site.auth_comp_id 
_atom_site.auth_asym_id 
_atom_site.auth_atom_id 
_atom_site.pdbx_PDB_model_num 
ATOM   1    N  N   . GLY A 1 1   ? -24.531 -21.750 10.431  1.00 19.78 ? 1   GLY A N   1 
ATOM   2    C  CA  . GLY A 1 1   ? -24.254 -21.497 8.990   1.00 16.76 ? 1   GLY A CA  1 
ATOM   3    C  C   . GLY A 1 1   ? -23.012 -20.652 8.801   1.00 15.99 ? 1   GLY A C   1 
ATOM   4    O  O   . GLY A 1 1   ? -22.689 -19.817 9.650   1.00 15.49 ? 1   GLY A O   1 
ATOM   5    N  N   . HIS A 1 2   ? -22.315 -20.867 7.688   1.00 14.98 ? 2   HIS A N   1 
ATOM   6    C  CA  . HIS A 1 2   ? -21.094 -20.124 7.391   1.00 13.96 ? 2   HIS A CA  1 
ATOM   7    C  C   . HIS A 1 2   ? -21.377 -18.629 7.428   1.00 13.59 ? 2   HIS A C   1 
ATOM   8    O  O   . HIS A 1 2   ? -22.379 -18.161 6.890   1.00 14.96 ? 2   HIS A O   1 
ATOM   9    C  CB  . HIS A 1 2   ? -20.559 -20.502 6.008   1.00 14.03 ? 2   HIS A CB  1 
ATOM   10   C  CG  . HIS A 1 2   ? -19.097 -20.229 5.831   1.00 15.14 ? 2   HIS A CG  1 
ATOM   11   N  ND1 . HIS A 1 2   ? -18.121 -21.096 6.272   1.00 15.58 ? 2   HIS A ND1 1 
ATOM   12   C  CD2 . HIS A 1 2   ? -18.444 -19.183 5.269   1.00 16.05 ? 2   HIS A CD2 1 
ATOM   13   C  CE1 . HIS A 1 2   ? -16.930 -20.598 5.990   1.00 14.86 ? 2   HIS A CE1 1 
ATOM   14   N  NE2 . HIS A 1 2   ? -17.098 -19.437 5.381   1.00 16.40 ? 2   HIS A NE2 1 
HETATM 15   N  N   . MSE A 1 3   ? -20.486 -17.873 8.056   1.00 13.13 ? 3   MSE A N   1 
HETATM 16   C  CA  . MSE A 1 3   ? -20.688 -16.441 8.157   1.00 14.22 ? 3   MSE A CA  1 
HETATM 17   C  C   . MSE A 1 3   ? -20.691 -15.725 6.818   1.00 15.95 ? 3   MSE A C   1 
HETATM 18   O  O   . MSE A 1 3   ? -19.796 -15.912 5.997   1.00 13.57 ? 3   MSE A O   1 
HETATM 19   C  CB  . MSE A 1 3   ? -19.633 -15.815 9.059   1.00 16.05 ? 3   MSE A CB  1 
HETATM 20   C  CG  . MSE A 1 3   ? -19.872 -14.326 9.279   1.00 16.08 ? 3   MSE A CG  1 
HETATM 21   SE SE  . MSE A 1 3   ? -18.865 -13.638 10.756  1.00 16.73 ? 3   MSE A SE  1 
HETATM 22   C  CE  . MSE A 1 3   ? -17.210 -14.571 10.439  1.00 19.51 ? 3   MSE A CE  1 
ATOM   23   N  N   . ILE A 1 4   ? -21.720 -14.907 6.621   1.00 17.03 ? 4   ILE A N   1 
ATOM   24   C  CA  . ILE A 1 4   ? -21.893 -14.114 5.414   1.00 19.67 ? 4   ILE A CA  1 
ATOM   25   C  C   . ILE A 1 4   ? -21.044 -12.854 5.564   1.00 21.27 ? 4   ILE A C   1 
ATOM   26   O  O   . ILE A 1 4   ? -21.429 -11.915 6.265   1.00 22.28 ? 4   ILE A O   1 
ATOM   27   C  CB  . ILE A 1 4   ? -23.372 -13.705 5.233   1.00 18.54 ? 4   ILE A CB  1 
ATOM   28   C  CG1 . ILE A 1 4   ? -24.242 -14.953 5.048   1.00 19.08 ? 4   ILE A CG1 1 
ATOM   29   C  CG2 . ILE A 1 4   ? -23.510 -12.781 4.030   1.00 20.63 ? 4   ILE A CG2 1 
ATOM   30   C  CD1 . ILE A 1 4   ? -25.742 -14.687 5.170   1.00 19.56 ? 4   ILE A CD1 1 
HETATM 31   N  N   . MSE A 1 5   ? -19.880 -12.858 4.918   1.00 22.43 ? 5   MSE A N   1 
HETATM 32   C  CA  . MSE A 1 5   ? -18.948 -11.732 4.959   1.00 24.87 ? 5   MSE A CA  1 
HETATM 33   C  C   . MSE A 1 5   ? -18.586 -11.394 3.521   1.00 23.67 ? 5   MSE A C   1 
HETATM 34   O  O   . MSE A 1 5   ? -17.810 -12.113 2.892   1.00 24.73 ? 5   MSE A O   1 
HETATM 35   C  CB  . MSE A 1 5   ? -17.664 -12.107 5.710   1.00 28.19 ? 5   MSE A CB  1 
HETATM 36   C  CG  . MSE A 1 5   ? -17.852 -12.572 7.146   1.00 33.92 ? 5   MSE A CG  1 
HETATM 37   SE SE  . MSE A 1 5   ? -16.150 -12.999 8.000   1.00 41.33 ? 5   MSE A SE  1 
HETATM 38   C  CE  . MSE A 1 5   ? -16.038 -11.514 9.228   1.00 38.03 ? 5   MSE A CE  1 
ATOM   39   N  N   . ALA A 1 6   ? -19.144 -10.306 3.002   1.00 21.07 ? 6   ALA A N   1 
ATOM   40   C  CA  . ALA A 1 6   ? -18.877 -9.907  1.629   1.00 18.13 ? 6   ALA A CA  1 
ATOM   41   C  C   . ALA A 1 6   ? -17.388 -9.781  1.354   1.00 15.61 ? 6   ALA A C   1 
ATOM   42   O  O   . ALA A 1 6   ? -16.650 -9.162  2.120   1.00 15.03 ? 6   ALA A O   1 
ATOM   43   C  CB  . ALA A 1 6   ? -19.579 -8.586  1.317   1.00 19.08 ? 6   ALA A CB  1 
ATOM   44   N  N   . ASN A 1 7   ? -16.945 -10.397 0.265   1.00 12.62 ? 7   ASN A N   1 
ATOM   45   C  CA  . ASN A 1 7   ? -15.547 -10.321 -0.123  1.00 10.28 ? 7   ASN A CA  1 
ATOM   46   C  C   . ASN A 1 7   ? -15.444 -8.993  -0.874  1.00 8.77  ? 7   ASN A C   1 
ATOM   47   O  O   . ASN A 1 7   ? -16.416 -8.559  -1.500  1.00 8.95  ? 7   ASN A O   1 
ATOM   48   C  CB  . ASN A 1 7   ? -15.187 -11.498 -1.032  1.00 9.39  ? 7   ASN A CB  1 
ATOM   49   C  CG  . ASN A 1 7   ? -13.748 -11.453 -1.499  1.00 8.50  ? 7   ASN A CG  1 
ATOM   50   O  OD1 . ASN A 1 7   ? -13.438 -10.898 -2.556  1.00 10.16 ? 7   ASN A OD1 1 
ATOM   51   N  ND2 . ASN A 1 7   ? -12.859 -12.026 -0.707  1.00 10.39 ? 7   ASN A ND2 1 
ATOM   52   N  N   . TRP A 1 8   ? -14.285 -8.345  -0.808  1.00 8.79  ? 8   TRP A N   1 
ATOM   53   C  CA  . TRP A 1 8   ? -14.122 -7.057  -1.480  1.00 7.07  ? 8   TRP A CA  1 
ATOM   54   C  C   . TRP A 1 8   ? -14.440 -7.137  -2.974  1.00 7.44  ? 8   TRP A C   1 
ATOM   55   O  O   . TRP A 1 8   ? -14.932 -6.172  -3.561  1.00 7.92  ? 8   TRP A O   1 
ATOM   56   C  CB  . TRP A 1 8   ? -12.705 -6.511  -1.270  1.00 6.06  ? 8   TRP A CB  1 
ATOM   57   C  CG  . TRP A 1 8   ? -11.619 -7.241  -1.996  1.00 8.06  ? 8   TRP A CG  1 
ATOM   58   C  CD1 . TRP A 1 8   ? -11.014 -8.414  -1.626  1.00 7.97  ? 8   TRP A CD1 1 
ATOM   59   C  CD2 . TRP A 1 8   ? -10.988 -6.829  -3.212  1.00 8.51  ? 8   TRP A CD2 1 
ATOM   60   N  NE1 . TRP A 1 8   ? -10.040 -8.751  -2.542  1.00 7.11  ? 8   TRP A NE1 1 
ATOM   61   C  CE2 . TRP A 1 8   ? -10.006 -7.795  -3.525  1.00 6.35  ? 8   TRP A CE2 1 
ATOM   62   C  CE3 . TRP A 1 8   ? -11.157 -5.733  -4.071  1.00 7.98  ? 8   TRP A CE3 1 
ATOM   63   C  CZ2 . TRP A 1 8   ? -9.195  -7.699  -4.656  1.00 9.01  ? 8   TRP A CZ2 1 
ATOM   64   C  CZ3 . TRP A 1 8   ? -10.349 -5.639  -5.199  1.00 7.81  ? 8   TRP A CZ3 1 
ATOM   65   C  CH2 . TRP A 1 8   ? -9.379  -6.617  -5.478  1.00 7.02  ? 8   TRP A CH2 1 
ATOM   66   N  N   . GLN A 1 9   ? -14.184 -8.292  -3.587  1.00 7.59  ? 9   GLN A N   1 
ATOM   67   C  CA  . GLN A 1 9   ? -14.454 -8.463  -5.012  1.00 8.38  ? 9   GLN A CA  1 
ATOM   68   C  C   . GLN A 1 9   ? -15.939 -8.608  -5.351  1.00 9.34  ? 9   GLN A C   1 
ATOM   69   O  O   . GLN A 1 9   ? -16.303 -8.702  -6.526  1.00 11.51 ? 9   GLN A O   1 
ATOM   70   C  CB  . GLN A 1 9   ? -13.704 -9.679  -5.554  1.00 8.52  ? 9   GLN A CB  1 
ATOM   71   C  CG  . GLN A 1 9   ? -12.197 -9.519  -5.558  1.00 8.16  ? 9   GLN A CG  1 
ATOM   72   C  CD  . GLN A 1 9   ? -11.492 -10.645 -6.292  1.00 10.71 ? 9   GLN A CD  1 
ATOM   73   O  OE1 . GLN A 1 9   ? -11.881 -11.020 -7.399  1.00 12.97 ? 9   GLN A OE1 1 
ATOM   74   N  NE2 . GLN A 1 9   ? -10.443 -11.179 -5.686  1.00 10.81 ? 9   GLN A NE2 1 
ATOM   75   N  N   . SER A 1 10  ? -16.793 -8.637  -4.330  1.00 7.71  ? 10  SER A N   1 
ATOM   76   C  CA  . SER A 1 10  ? -18.232 -8.777  -4.543  1.00 10.14 ? 10  SER A CA  1 
ATOM   77   C  C   . SER A 1 10  ? -18.971 -7.453  -4.403  1.00 11.39 ? 10  SER A C   1 
ATOM   78   O  O   . SER A 1 10  ? -20.149 -7.357  -4.749  1.00 12.18 ? 10  SER A O   1 
ATOM   79   C  CB  . SER A 1 10  ? -18.831 -9.760  -3.533  1.00 11.76 ? 10  SER A CB  1 
ATOM   80   O  OG  . SER A 1 10  ? -18.391 -11.088 -3.755  1.00 16.59 ? 10  SER A OG  1 
ATOM   81   N  N   . ILE A 1 11  ? -18.271 -6.436  -3.910  1.00 11.07 ? 11  ILE A N   1 
ATOM   82   C  CA  . ILE A 1 11  ? -18.877 -5.133  -3.669  1.00 11.17 ? 11  ILE A CA  1 
ATOM   83   C  C   . ILE A 1 11  ? -18.993 -4.236  -4.895  1.00 10.94 ? 11  ILE A C   1 
ATOM   84   O  O   . ILE A 1 11  ? -18.003 -3.950  -5.566  1.00 10.10 ? 11  ILE A O   1 
ATOM   85   C  CB  . ILE A 1 11  ? -18.099 -4.388  -2.570  1.00 10.87 ? 11  ILE A CB  1 
ATOM   86   C  CG1 . ILE A 1 11  ? -17.951 -5.287  -1.339  1.00 14.81 ? 11  ILE A CG1 1 
ATOM   87   C  CG2 . ILE A 1 11  ? -18.815 -3.106  -2.202  1.00 12.47 ? 11  ILE A CG2 1 
ATOM   88   C  CD1 . ILE A 1 11  ? -19.259 -5.767  -0.760  1.00 14.91 ? 11  ILE A CD1 1 
ATOM   89   N  N   . ASP A 1 12  ? -20.212 -3.780  -5.171  1.00 12.30 ? 12  ASP A N   1 
ATOM   90   C  CA  . ASP A 1 12  ? -20.453 -2.920  -6.324  1.00 12.20 ? 12  ASP A CA  1 
ATOM   91   C  C   . ASP A 1 12  ? -19.553 -1.688  -6.329  1.00 11.74 ? 12  ASP A C   1 
ATOM   92   O  O   . ASP A 1 12  ? -18.982 -1.343  -7.363  1.00 12.32 ? 12  ASP A O   1 
ATOM   93   C  CB  . ASP A 1 12  ? -21.915 -2.467  -6.374  1.00 15.98 ? 12  ASP A CB  1 
ATOM   94   C  CG  . ASP A 1 12  ? -22.877 -3.607  -6.664  1.00 18.25 ? 12  ASP A CG  1 
ATOM   95   O  OD1 . ASP A 1 12  ? -22.450 -4.620  -7.257  1.00 18.70 ? 12  ASP A OD1 1 
ATOM   96   O  OD2 . ASP A 1 12  ? -24.070 -3.474  -6.315  1.00 19.60 ? 12  ASP A OD2 1 
ATOM   97   N  N   . GLU A 1 13  ? -19.425 -1.036  -5.175  1.00 10.26 ? 13  GLU A N   1 
ATOM   98   C  CA  . GLU A 1 13  ? -18.599 0.166   -5.058  1.00 9.04  ? 13  GLU A CA  1 
ATOM   99   C  C   . GLU A 1 13  ? -17.102 -0.050  -5.293  1.00 8.59  ? 13  GLU A C   1 
ATOM   100  O  O   . GLU A 1 13  ? -16.356 0.916   -5.479  1.00 9.99  ? 13  GLU A O   1 
ATOM   101  C  CB  . GLU A 1 13  ? -18.806 0.820   -3.680  1.00 9.66  ? 13  GLU A CB  1 
ATOM   102  C  CG  . GLU A 1 13  ? -20.172 1.471   -3.494  1.00 12.06 ? 13  GLU A CG  1 
ATOM   103  C  CD  . GLU A 1 13  ? -21.236 0.514   -2.969  1.00 14.50 ? 13  GLU A CD  1 
ATOM   104  O  OE1 . GLU A 1 13  ? -21.025 -0.717  -3.007  1.00 12.95 ? 13  GLU A OE1 1 
ATOM   105  O  OE2 . GLU A 1 13  ? -22.293 1.002   -2.522  1.00 17.19 ? 13  GLU A OE2 1 
ATOM   106  N  N   . LEU A 1 14  ? -16.654 -1.303  -5.294  1.00 8.88  ? 14  LEU A N   1 
ATOM   107  C  CA  . LEU A 1 14  ? -15.236 -1.595  -5.489  1.00 7.19  ? 14  LEU A CA  1 
ATOM   108  C  C   . LEU A 1 14  ? -14.925 -2.315  -6.798  1.00 8.17  ? 14  LEU A C   1 
ATOM   109  O  O   . LEU A 1 14  ? -13.806 -2.799  -6.995  1.00 7.91  ? 14  LEU A O   1 
ATOM   110  C  CB  . LEU A 1 14  ? -14.719 -2.443  -4.326  1.00 8.04  ? 14  LEU A CB  1 
ATOM   111  C  CG  . LEU A 1 14  ? -14.940 -1.890  -2.916  1.00 8.33  ? 14  LEU A CG  1 
ATOM   112  C  CD1 . LEU A 1 14  ? -14.341 -2.846  -1.885  1.00 7.08  ? 14  LEU A CD1 1 
ATOM   113  C  CD2 . LEU A 1 14  ? -14.301 -0.511  -2.812  1.00 8.50  ? 14  LEU A CD2 1 
ATOM   114  N  N   . GLN A 1 15  ? -15.898 -2.376  -7.699  1.00 9.99  ? 15  GLN A N   1 
ATOM   115  C  CA  . GLN A 1 15  ? -15.682 -3.074  -8.963  1.00 11.22 ? 15  GLN A CA  1 
ATOM   116  C  C   . GLN A 1 15  ? -14.519 -2.537  -9.780  1.00 10.34 ? 15  GLN A C   1 
ATOM   117  O  O   . GLN A 1 15  ? -13.785 -3.307  -10.406 1.00 10.78 ? 15  GLN A O   1 
ATOM   118  C  CB  . GLN A 1 15  ? -16.952 -3.051  -9.806  1.00 14.39 ? 15  GLN A CB  1 
ATOM   119  C  CG  . GLN A 1 15  ? -18.070 -3.894  -9.233  1.00 21.19 ? 15  GLN A CG  1 
ATOM   120  C  CD  . GLN A 1 15  ? -19.263 -3.969  -10.161 1.00 25.03 ? 15  GLN A CD  1 
ATOM   121  O  OE1 . GLN A 1 15  ? -19.909 -2.958  -10.442 1.00 28.65 ? 15  GLN A OE1 1 
ATOM   122  N  NE2 . GLN A 1 15  ? -19.559 -5.169  -10.649 1.00 28.13 ? 15  GLN A NE2 1 
ATOM   123  N  N   . ASP A 1 16  ? -14.329 -1.222  -9.787  1.00 10.77 ? 16  ASP A N   1 
ATOM   124  C  CA  . ASP A 1 16  ? -13.225 -0.682  -10.565 1.00 10.18 ? 16  ASP A CA  1 
ATOM   125  C  C   . ASP A 1 16  ? -11.867 -1.134  -10.039 1.00 10.78 ? 16  ASP A C   1 
ATOM   126  O  O   . ASP A 1 16  ? -11.001 -1.517  -10.828 1.00 11.45 ? 16  ASP A O   1 
ATOM   127  C  CB  . ASP A 1 16  ? -13.311 0.852   -10.666 1.00 10.10 ? 16  ASP A CB  1 
ATOM   128  C  CG  . ASP A 1 16  ? -13.242 1.550   -9.325  1.00 11.83 ? 16  ASP A CG  1 
ATOM   129  O  OD1 . ASP A 1 16  ? -13.659 0.962   -8.312  1.00 12.00 ? 16  ASP A OD1 1 
ATOM   130  O  OD2 . ASP A 1 16  ? -12.784 2.715   -9.305  1.00 12.25 ? 16  ASP A OD2 1 
ATOM   131  N  N   . ILE A 1 17  ? -11.669 -1.137  -8.721  1.00 10.35 ? 17  ILE A N   1 
ATOM   132  C  CA  . ILE A 1 17  ? -10.374 -1.579  -8.211  1.00 9.38  ? 17  ILE A CA  1 
ATOM   133  C  C   . ILE A 1 17  ? -10.201 -3.093  -8.307  1.00 10.74 ? 17  ILE A C   1 
ATOM   134  O  O   . ILE A 1 17  ? -9.072  -3.591  -8.374  1.00 10.43 ? 17  ILE A O   1 
ATOM   135  C  CB  . ILE A 1 17  ? -10.116 -1.082  -6.765  1.00 9.24  ? 17  ILE A CB  1 
ATOM   136  C  CG1 . ILE A 1 17  ? -11.169 -1.613  -5.799  1.00 10.38 ? 17  ILE A CG1 1 
ATOM   137  C  CG2 . ILE A 1 17  ? -10.106 0.434   -6.758  1.00 8.40  ? 17  ILE A CG2 1 
ATOM   138  C  CD1 . ILE A 1 17  ? -10.920 -1.192  -4.347  1.00 12.18 ? 17  ILE A CD1 1 
ATOM   139  N  N   . ALA A 1 18  ? -11.306 -3.831  -8.324  1.00 9.59  ? 18  ALA A N   1 
ATOM   140  C  CA  . ALA A 1 18  ? -11.213 -5.279  -8.479  1.00 10.01 ? 18  ALA A CA  1 
ATOM   141  C  C   . ALA A 1 18  ? -10.707 -5.522  -9.906  1.00 10.84 ? 18  ALA A C   1 
ATOM   142  O  O   . ALA A 1 18  ? -9.870  -6.389  -10.141 1.00 12.52 ? 18  ALA A O   1 
ATOM   143  C  CB  . ALA A 1 18  ? -12.578 -5.934  -8.286  1.00 11.14 ? 18  ALA A CB  1 
ATOM   144  N  N   . SER A 1 19  ? -11.212 -4.740  -10.861 1.00 9.96  ? 19  SER A N   1 
ATOM   145  C  CA  . SER A 1 19  ? -10.793 -4.883  -12.252 1.00 11.47 ? 19  SER A CA  1 
ATOM   146  C  C   . SER A 1 19  ? -9.371  -4.376  -12.476 1.00 10.41 ? 19  SER A C   1 
ATOM   147  O  O   . SER A 1 19  ? -8.693  -4.802  -13.406 1.00 10.05 ? 19  SER A O   1 
ATOM   148  C  CB  . SER A 1 19  ? -11.747 -4.121  -13.177 1.00 13.53 ? 19  SER A CB  1 
ATOM   149  O  OG  . SER A 1 19  ? -13.021 -4.742  -13.229 1.00 19.61 ? 19  SER A OG  1 
ATOM   150  N  N   . ASP A 1 20  ? -8.921  -3.473  -11.610 1.00 9.20  ? 20  ASP A N   1 
ATOM   151  C  CA  . ASP A 1 20  ? -7.596  -2.862  -11.728 1.00 9.60  ? 20  ASP A CA  1 
ATOM   152  C  C   . ASP A 1 20  ? -6.462  -3.684  -11.121 1.00 8.44  ? 20  ASP A C   1 
ATOM   153  O  O   . ASP A 1 20  ? -5.286  -3.424  -11.399 1.00 9.40  ? 20  ASP A O   1 
ATOM   154  C  CB  . ASP A 1 20  ? -7.624  -1.472  -11.059 1.00 9.87  ? 20  ASP A CB  1 
ATOM   155  C  CG  . ASP A 1 20  ? -6.398  -0.630  -11.385 1.00 11.10 ? 20  ASP A CG  1 
ATOM   156  O  OD1 . ASP A 1 20  ? -6.092  -0.458  -12.587 1.00 10.67 ? 20  ASP A OD1 1 
ATOM   157  O  OD2 . ASP A 1 20  ? -5.744  -0.119  -10.438 1.00 10.62 ? 20  ASP A OD2 1 
ATOM   158  N  N   . LEU A 1 21  ? -6.799  -4.691  -10.323 1.00 8.68  ? 21  LEU A N   1 
ATOM   159  C  CA  . LEU A 1 21  ? -5.759  -5.468  -9.663  1.00 9.12  ? 21  LEU A CA  1 
ATOM   160  C  C   . LEU A 1 21  ? -4.787  -6.215  -10.588 1.00 8.41  ? 21  LEU A C   1 
ATOM   161  O  O   . LEU A 1 21  ? -3.584  -6.157  -10.376 1.00 7.67  ? 21  LEU A O   1 
ATOM   162  C  CB  . LEU A 1 21  ? -6.371  -6.426  -8.636  1.00 9.14  ? 21  LEU A CB  1 
ATOM   163  C  CG  . LEU A 1 21  ? -5.349  -7.095  -7.707  1.00 8.97  ? 21  LEU A CG  1 
ATOM   164  C  CD1 . LEU A 1 21  ? -4.506  -6.040  -7.005  1.00 10.19 ? 21  LEU A CD1 1 
ATOM   165  C  CD2 . LEU A 1 21  ? -6.074  -7.961  -6.691  1.00 9.50  ? 21  LEU A CD2 1 
ATOM   166  N  N   . PRO A 1 22  ? -5.284  -6.907  -11.626 1.00 9.38  ? 22  PRO A N   1 
ATOM   167  C  CA  . PRO A 1 22  ? -4.319  -7.607  -12.490 1.00 8.91  ? 22  PRO A CA  1 
ATOM   168  C  C   . PRO A 1 22  ? -3.226  -6.688  -13.041 1.00 8.18  ? 22  PRO A C   1 
ATOM   169  O  O   . PRO A 1 22  ? -2.056  -7.067  -13.096 1.00 9.28  ? 22  PRO A O   1 
ATOM   170  C  CB  . PRO A 1 22  ? -5.204  -8.205  -13.580 1.00 9.47  ? 22  PRO A CB  1 
ATOM   171  C  CG  . PRO A 1 22  ? -6.463  -8.552  -12.812 1.00 9.18  ? 22  PRO A CG  1 
ATOM   172  C  CD  . PRO A 1 22  ? -6.668  -7.296  -11.953 1.00 10.10 ? 22  PRO A CD  1 
ATOM   173  N  N   . ARG A 1 23  ? -3.606  -5.477  -13.443 1.00 7.97  ? 23  ARG A N   1 
ATOM   174  C  CA  . ARG A 1 23  ? -2.643  -4.512  -13.968 1.00 8.61  ? 23  ARG A CA  1 
ATOM   175  C  C   . ARG A 1 23  ? -1.559  -4.258  -12.928 1.00 8.45  ? 23  ARG A C   1 
ATOM   176  O  O   . ARG A 1 23  ? -0.359  -4.255  -13.231 1.00 8.88  ? 23  ARG A O   1 
ATOM   177  C  CB  . ARG A 1 23  ? -3.330  -3.176  -14.284 1.00 8.19  ? 23  ARG A CB  1 
ATOM   178  C  CG  . ARG A 1 23  ? -2.357  -2.040  -14.644 1.00 7.84  ? 23  ARG A CG  1 
ATOM   179  C  CD  . ARG A 1 23  ? -3.024  -0.661  -14.525 1.00 9.01  ? 23  ARG A CD  1 
ATOM   180  N  NE  . ARG A 1 23  ? -3.393  -0.367  -13.141 1.00 8.77  ? 23  ARG A NE  1 
ATOM   181  C  CZ  . ARG A 1 23  ? -2.530  -0.023  -12.190 1.00 10.07 ? 23  ARG A CZ  1 
ATOM   182  N  NH1 . ARG A 1 23  ? -1.239  0.089   -12.462 1.00 8.51  ? 23  ARG A NH1 1 
ATOM   183  N  NH2 . ARG A 1 23  ? -2.953  0.170   -10.947 1.00 8.27  ? 23  ARG A NH2 1 
ATOM   184  N  N   . PHE A 1 24  ? -1.998  -4.056  -11.689 1.00 7.84  ? 24  PHE A N   1 
ATOM   185  C  CA  . PHE A 1 24  ? -1.092  -3.771  -10.588 1.00 7.92  ? 24  PHE A CA  1 
ATOM   186  C  C   . PHE A 1 24  ? -0.159  -4.938  -10.263 1.00 6.91  ? 24  PHE A C   1 
ATOM   187  O  O   . PHE A 1 24  ? 1.013   -4.721  -9.952  1.00 7.65  ? 24  PHE A O   1 
ATOM   188  C  CB  . PHE A 1 24  ? -1.904  -3.386  -9.349  1.00 7.88  ? 24  PHE A CB  1 
ATOM   189  C  CG  . PHE A 1 24  ? -1.079  -2.797  -8.240  1.00 8.42  ? 24  PHE A CG  1 
ATOM   190  C  CD1 . PHE A 1 24  ? -0.330  -1.641  -8.444  1.00 8.06  ? 24  PHE A CD1 1 
ATOM   191  C  CD2 . PHE A 1 24  ? -1.083  -3.378  -6.977  1.00 7.71  ? 24  PHE A CD2 1 
ATOM   192  C  CE1 . PHE A 1 24  ? 0.400   -1.066  -7.401  1.00 9.36  ? 24  PHE A CE1 1 
ATOM   193  C  CE2 . PHE A 1 24  ? -0.356  -2.813  -5.926  1.00 9.02  ? 24  PHE A CE2 1 
ATOM   194  C  CZ  . PHE A 1 24  ? 0.384   -1.656  -6.138  1.00 9.62  ? 24  PHE A CZ  1 
ATOM   195  N  N   . ILE A 1 25  ? -0.684  -6.162  -10.324 1.00 8.38  ? 25  ILE A N   1 
ATOM   196  C  CA  . ILE A 1 25  ? 0.129   -7.347  -10.055 1.00 8.46  ? 25  ILE A CA  1 
ATOM   197  C  C   . ILE A 1 25  ? 1.295   -7.365  -11.044 1.00 9.53  ? 25  ILE A C   1 
ATOM   198  O  O   . ILE A 1 25  ? 2.440   -7.576  -10.655 1.00 8.62  ? 25  ILE A O   1 
ATOM   199  C  CB  . ILE A 1 25  ? -0.697  -8.649  -10.208 1.00 8.79  ? 25  ILE A CB  1 
ATOM   200  C  CG1 . ILE A 1 25  ? -1.888  -8.630  -9.247  1.00 14.37 ? 25  ILE A CG1 1 
ATOM   201  C  CG2 . ILE A 1 25  ? 0.177   -9.857  -9.925  1.00 10.34 ? 25  ILE A CG2 1 
ATOM   202  C  CD1 . ILE A 1 25  ? -1.517  -8.478  -7.796  1.00 16.95 ? 25  ILE A CD1 1 
ATOM   203  N  N   . HIS A 1 26  ? 1.005   -7.135  -12.321 1.00 8.52  ? 26  HIS A N   1 
ATOM   204  C  CA  . HIS A 1 26  ? 2.065   -7.098  -13.324 1.00 8.26  ? 26  HIS A CA  1 
ATOM   205  C  C   . HIS A 1 26  ? 3.057   -5.980  -12.997 1.00 9.37  ? 26  HIS A C   1 
ATOM   206  O  O   . HIS A 1 26  ? 4.271   -6.191  -13.001 1.00 9.70  ? 26  HIS A O   1 
ATOM   207  C  CB  . HIS A 1 26  ? 1.472   -6.874  -14.716 1.00 8.66  ? 26  HIS A CB  1 
ATOM   208  C  CG  . HIS A 1 26  ? 2.501   -6.761  -15.798 1.00 10.16 ? 26  HIS A CG  1 
ATOM   209  N  ND1 . HIS A 1 26  ? 3.289   -5.641  -15.969 1.00 11.77 ? 26  HIS A ND1 1 
ATOM   210  C  CD2 . HIS A 1 26  ? 2.898   -7.647  -16.741 1.00 8.68  ? 26  HIS A CD2 1 
ATOM   211  C  CE1 . HIS A 1 26  ? 4.128   -5.843  -16.971 1.00 10.68 ? 26  HIS A CE1 1 
ATOM   212  N  NE2 . HIS A 1 26  ? 3.913   -7.053  -17.456 1.00 12.51 ? 26  HIS A NE2 1 
ATOM   213  N  N   . ALA A 1 27  ? 2.532   -4.795  -12.700 1.00 8.91  ? 27  ALA A N   1 
ATOM   214  C  CA  . ALA A 1 27  ? 3.371   -3.642  -12.384 1.00 9.98  ? 27  ALA A CA  1 
ATOM   215  C  C   . ALA A 1 27  ? 4.361   -3.946  -11.262 1.00 9.87  ? 27  ALA A C   1 
ATOM   216  O  O   . ALA A 1 27  ? 5.549   -3.636  -11.366 1.00 11.22 ? 27  ALA A O   1 
ATOM   217  C  CB  . ALA A 1 27  ? 2.495   -2.454  -12.010 1.00 11.04 ? 27  ALA A CB  1 
ATOM   218  N  N   . LEU A 1 28  ? 3.871   -4.554  -10.186 1.00 9.94  ? 28  LEU A N   1 
ATOM   219  C  CA  . LEU A 1 28  ? 4.726   -4.895  -9.056  1.00 9.57  ? 28  LEU A CA  1 
ATOM   220  C  C   . LEU A 1 28  ? 5.739   -5.969  -9.418  1.00 10.45 ? 28  LEU A C   1 
ATOM   221  O  O   . LEU A 1 28  ? 6.884   -5.924  -8.976  1.00 12.70 ? 28  LEU A O   1 
ATOM   222  C  CB  . LEU A 1 28  ? 3.884   -5.401  -7.886  1.00 8.74  ? 28  LEU A CB  1 
ATOM   223  C  CG  . LEU A 1 28  ? 3.067   -4.367  -7.116  1.00 9.14  ? 28  LEU A CG  1 
ATOM   224  C  CD1 . LEU A 1 28  ? 2.215   -5.084  -6.087  1.00 8.34  ? 28  LEU A CD1 1 
ATOM   225  C  CD2 . LEU A 1 28  ? 4.001   -3.380  -6.436  1.00 9.97  ? 28  LEU A CD2 1 
ATOM   226  N  N   . ASP A 1 29  ? 5.304   -6.944  -10.210 1.00 11.77 ? 29  ASP A N   1 
ATOM   227  C  CA  . ASP A 1 29  ? 6.169   -8.043  -10.614 1.00 16.00 ? 29  ASP A CA  1 
ATOM   228  C  C   . ASP A 1 29  ? 7.323   -7.503  -11.442 1.00 17.85 ? 29  ASP A C   1 
ATOM   229  O  O   . ASP A 1 29  ? 8.481   -7.839  -11.205 1.00 19.07 ? 29  ASP A O   1 
ATOM   230  C  CB  . ASP A 1 29  ? 5.378   -9.061  -11.438 1.00 18.37 ? 29  ASP A CB  1 
ATOM   231  C  CG  . ASP A 1 29  ? 6.109   -10.377 -11.595 1.00 22.74 ? 29  ASP A CG  1 
ATOM   232  O  OD1 . ASP A 1 29  ? 5.808   -11.319 -10.832 1.00 26.01 ? 29  ASP A OD1 1 
ATOM   233  O  OD2 . ASP A 1 29  ? 6.987   -10.469 -12.474 1.00 26.43 ? 29  ASP A OD2 1 
ATOM   234  N  N   . GLU A 1 30  ? 6.993   -6.652  -12.407 1.00 19.68 ? 30  GLU A N   1 
ATOM   235  C  CA  . GLU A 1 30  ? 7.995   -6.068  -13.286 1.00 22.67 ? 30  GLU A CA  1 
ATOM   236  C  C   . GLU A 1 30  ? 8.957   -5.166  -12.523 1.00 22.32 ? 30  GLU A C   1 
ATOM   237  O  O   . GLU A 1 30  ? 10.172  -5.260  -12.695 1.00 22.45 ? 30  GLU A O   1 
ATOM   238  C  CB  . GLU A 1 30  ? 7.308   -5.282  -14.405 1.00 25.49 ? 30  GLU A CB  1 
ATOM   239  C  CG  . GLU A 1 30  ? 8.133   -5.178  -15.673 1.00 31.29 ? 30  GLU A CG  1 
ATOM   240  C  CD  . GLU A 1 30  ? 8.627   -6.535  -16.138 1.00 34.33 ? 30  GLU A CD  1 
ATOM   241  O  OE1 . GLU A 1 30  ? 7.806   -7.473  -16.216 1.00 37.03 ? 30  GLU A OE1 1 
ATOM   242  O  OE2 . GLU A 1 30  ? 9.836   -6.665  -16.425 1.00 38.04 ? 30  GLU A OE2 1 
ATOM   243  N  N   . LEU A 1 31  ? 8.416   -4.297  -11.673 1.00 21.89 ? 31  LEU A N   1 
ATOM   244  C  CA  . LEU A 1 31  ? 9.248   -3.387  -10.895 1.00 21.82 ? 31  LEU A CA  1 
ATOM   245  C  C   . LEU A 1 31  ? 10.226  -4.172  -10.027 1.00 21.69 ? 31  LEU A C   1 
ATOM   246  O  O   . LEU A 1 31  ? 11.407  -3.832  -9.948  1.00 22.60 ? 31  LEU A O   1 
ATOM   247  C  CB  . LEU A 1 31  ? 8.376   -2.486  -10.011 1.00 19.93 ? 31  LEU A CB  1 
ATOM   248  C  CG  . LEU A 1 31  ? 9.122   -1.465  -9.141  1.00 19.62 ? 31  LEU A CG  1 
ATOM   249  C  CD1 . LEU A 1 31  ? 9.934   -0.524  -10.027 1.00 19.01 ? 31  LEU A CD1 1 
ATOM   250  C  CD2 . LEU A 1 31  ? 8.127   -0.672  -8.306  1.00 19.30 ? 31  LEU A CD2 1 
ATOM   251  N  N   . SER A 1 32  ? 9.735   -5.230  -9.387  1.00 22.12 ? 32  SER A N   1 
ATOM   252  C  CA  . SER A 1 32  ? 10.576  -6.056  -8.530  1.00 23.24 ? 32  SER A CA  1 
ATOM   253  C  C   . SER A 1 32  ? 11.680  -6.743  -9.325  1.00 24.53 ? 32  SER A C   1 
ATOM   254  O  O   . SER A 1 32  ? 12.802  -6.894  -8.841  1.00 24.58 ? 32  SER A O   1 
ATOM   255  C  CB  . SER A 1 32  ? 9.728   -7.106  -7.816  1.00 23.72 ? 32  SER A CB  1 
ATOM   256  O  OG  . SER A 1 32  ? 8.778   -6.482  -6.971  1.00 25.94 ? 32  SER A OG  1 
ATOM   257  N  N   . ARG A 1 33  ? 11.354  -7.155  -10.548 1.00 24.82 ? 33  ARG A N   1 
ATOM   258  C  CA  . ARG A 1 33  ? 12.316  -7.822  -11.418 1.00 25.93 ? 33  ARG A CA  1 
ATOM   259  C  C   . ARG A 1 33  ? 13.427  -6.857  -11.834 1.00 25.30 ? 33  ARG A C   1 
ATOM   260  O  O   . ARG A 1 33  ? 14.609  -7.199  -11.784 1.00 25.93 ? 33  ARG A O   1 
ATOM   261  C  CB  . ARG A 1 33  ? 11.607  -8.379  -12.662 1.00 27.00 ? 33  ARG A CB  1 
ATOM   262  C  CG  . ARG A 1 33  ? 12.546  -9.021  -13.674 1.00 30.84 ? 33  ARG A CG  1 
ATOM   263  C  CD  . ARG A 1 33  ? 11.804  -9.646  -14.855 1.00 34.23 ? 33  ARG A CD  1 
ATOM   264  N  NE  . ARG A 1 33  ? 10.978  -10.785 -14.459 1.00 36.05 ? 33  ARG A NE  1 
ATOM   265  C  CZ  . ARG A 1 33  ? 9.706   -10.696 -14.076 1.00 37.30 ? 33  ARG A CZ  1 
ATOM   266  N  NH1 . ARG A 1 33  ? 9.099   -9.517  -14.038 1.00 38.23 ? 33  ARG A NH1 1 
ATOM   267  N  NH2 . ARG A 1 33  ? 9.040   -11.789 -13.727 1.00 37.05 ? 33  ARG A NH2 1 
ATOM   268  N  N   . ARG A 1 34  ? 13.044  -5.651  -12.241 1.00 25.61 ? 34  ARG A N   1 
ATOM   269  C  CA  . ARG A 1 34  ? 14.015  -4.643  -12.658 1.00 26.54 ? 34  ARG A CA  1 
ATOM   270  C  C   . ARG A 1 34  ? 14.919  -4.235  -11.496 1.00 27.35 ? 34  ARG A C   1 
ATOM   271  O  O   . ARG A 1 34  ? 16.121  -4.025  -11.675 1.00 27.31 ? 34  ARG A O   1 
ATOM   272  C  CB  . ARG A 1 34  ? 13.293  -3.408  -13.203 1.00 27.36 ? 34  ARG A CB  1 
ATOM   273  C  CG  . ARG A 1 34  ? 12.512  -3.658  -14.484 1.00 29.28 ? 34  ARG A CG  1 
ATOM   274  C  CD  . ARG A 1 34  ? 11.677  -2.445  -14.866 1.00 30.65 ? 34  ARG A CD  1 
ATOM   275  N  NE  . ARG A 1 34  ? 12.502  -1.286  -15.198 1.00 33.46 ? 34  ARG A NE  1 
ATOM   276  C  CZ  . ARG A 1 34  ? 12.028  -0.054  -15.353 1.00 34.30 ? 34  ARG A CZ  1 
ATOM   277  N  NH1 . ARG A 1 34  ? 10.732  0.184   -15.205 1.00 36.04 ? 34  ARG A NH1 1 
ATOM   278  N  NH2 . ARG A 1 34  ? 12.850  0.940   -15.661 1.00 35.35 ? 34  ARG A NH2 1 
ATOM   279  N  N   . LEU A 1 35  ? 14.336  -4.131  -10.304 1.00 27.10 ? 35  LEU A N   1 
ATOM   280  C  CA  . LEU A 1 35  ? 15.083  -3.742  -9.110  1.00 27.72 ? 35  LEU A CA  1 
ATOM   281  C  C   . LEU A 1 35  ? 15.857  -4.903  -8.495  1.00 27.67 ? 35  LEU A C   1 
ATOM   282  O  O   . LEU A 1 35  ? 16.653  -4.703  -7.578  1.00 29.07 ? 35  LEU A O   1 
ATOM   283  C  CB  . LEU A 1 35  ? 14.133  -3.164  -8.056  1.00 27.97 ? 35  LEU A CB  1 
ATOM   284  C  CG  . LEU A 1 35  ? 13.416  -1.853  -8.384  1.00 28.19 ? 35  LEU A CG  1 
ATOM   285  C  CD1 . LEU A 1 35  ? 12.376  -1.562  -7.312  1.00 29.39 ? 35  LEU A CD1 1 
ATOM   286  C  CD2 . LEU A 1 35  ? 14.427  -0.717  -8.480  1.00 29.41 ? 35  LEU A CD2 1 
ATOM   287  N  N   . GLY A 1 36  ? 15.622  -6.111  -8.996  1.00 28.40 ? 36  GLY A N   1 
ATOM   288  C  CA  . GLY A 1 36  ? 16.305  -7.278  -8.462  1.00 28.45 ? 36  GLY A CA  1 
ATOM   289  C  C   . GLY A 1 36  ? 15.901  -7.531  -7.022  1.00 28.84 ? 36  GLY A C   1 
ATOM   290  O  O   . GLY A 1 36  ? 16.697  -8.009  -6.211  1.00 28.04 ? 36  GLY A O   1 
ATOM   291  N  N   . LEU A 1 37  ? 14.649  -7.214  -6.708  1.00 28.67 ? 37  LEU A N   1 
ATOM   292  C  CA  . LEU A 1 37  ? 14.120  -7.385  -5.360  1.00 28.50 ? 37  LEU A CA  1 
ATOM   293  C  C   . LEU A 1 37  ? 13.494  -8.763  -5.166  1.00 28.80 ? 37  LEU A C   1 
ATOM   294  O  O   . LEU A 1 37  ? 12.602  -9.158  -5.920  1.00 28.93 ? 37  LEU A O   1 
ATOM   295  C  CB  . LEU A 1 37  ? 13.064  -6.310  -5.082  1.00 28.67 ? 37  LEU A CB  1 
ATOM   296  C  CG  . LEU A 1 37  ? 13.095  -5.573  -3.741  1.00 30.49 ? 37  LEU A CG  1 
ATOM   297  C  CD1 . LEU A 1 37  ? 11.890  -4.644  -3.662  1.00 30.18 ? 37  LEU A CD1 1 
ATOM   298  C  CD2 . LEU A 1 37  ? 13.090  -6.558  -2.585  1.00 28.94 ? 37  LEU A CD2 1 
ATOM   299  N  N   . ASN A 1 38  ? 13.962  -9.494  -4.159  1.00 28.52 ? 38  ASN A N   1 
ATOM   300  C  CA  . ASN A 1 38  ? 13.413  -10.811 -3.866  1.00 29.37 ? 38  ASN A CA  1 
ATOM   301  C  C   . ASN A 1 38  ? 12.201  -10.598 -2.963  1.00 29.01 ? 38  ASN A C   1 
ATOM   302  O  O   . ASN A 1 38  ? 12.337  -10.217 -1.802  1.00 28.64 ? 38  ASN A O   1 
ATOM   303  C  CB  . ASN A 1 38  ? 14.437  -11.689 -3.152  1.00 30.72 ? 38  ASN A CB  1 
ATOM   304  C  CG  . ASN A 1 38  ? 13.972  -13.125 -3.026  1.00 31.47 ? 38  ASN A CG  1 
ATOM   305  O  OD1 . ASN A 1 38  ? 12.804  -13.384 -2.747  1.00 33.31 ? 38  ASN A OD1 1 
ATOM   306  N  ND2 . ASN A 1 38  ? 14.886  -14.068 -3.228  1.00 34.34 ? 38  ASN A ND2 1 
ATOM   307  N  N   . ILE A 1 39  ? 11.022  -10.862 -3.511  1.00 29.30 ? 39  ILE A N   1 
ATOM   308  C  CA  . ILE A 1 39  ? 9.752   -10.672 -2.819  1.00 29.59 ? 39  ILE A CA  1 
ATOM   309  C  C   . ILE A 1 39  ? 9.341   -11.732 -1.791  1.00 29.33 ? 39  ILE A C   1 
ATOM   310  O  O   . ILE A 1 39  ? 8.736   -11.411 -0.766  1.00 26.88 ? 39  ILE A O   1 
ATOM   311  C  CB  . ILE A 1 39  ? 8.629   -10.525 -3.869  1.00 31.97 ? 39  ILE A CB  1 
ATOM   312  C  CG1 . ILE A 1 39  ? 8.696   -9.133  -4.497  1.00 31.91 ? 39  ILE A CG1 1 
ATOM   313  C  CG2 . ILE A 1 39  ? 7.278   -10.807 -3.256  1.00 34.11 ? 39  ILE A CG2 1 
ATOM   314  C  CD1 . ILE A 1 39  ? 7.732   -8.942  -5.645  1.00 34.05 ? 39  ILE A CD1 1 
ATOM   315  N  N   . THR A 1 40  ? 9.675   -12.987 -2.065  1.00 29.14 ? 40  THR A N   1 
ATOM   316  C  CA  . THR A 1 40  ? 9.310   -14.104 -1.195  1.00 28.35 ? 40  THR A CA  1 
ATOM   317  C  C   . THR A 1 40  ? 9.495   -13.947 0.319   1.00 28.35 ? 40  THR A C   1 
ATOM   318  O  O   . THR A 1 40  ? 8.586   -14.260 1.089   1.00 27.96 ? 40  THR A O   1 
ATOM   319  C  CB  . THR A 1 40  ? 10.037  -15.393 -1.636  1.00 29.16 ? 40  THR A CB  1 
ATOM   320  O  OG1 . THR A 1 40  ? 9.771   -15.639 -3.021  1.00 29.98 ? 40  THR A OG1 1 
ATOM   321  C  CG2 . THR A 1 40  ? 9.554   -16.587 -0.819  1.00 29.42 ? 40  THR A CG2 1 
ATOM   322  N  N   . PRO A 1 41  ? 10.666  -13.473 0.772   1.00 26.70 ? 41  PRO A N   1 
ATOM   323  C  CA  . PRO A 1 41  ? 10.880  -13.319 2.216   1.00 26.70 ? 41  PRO A CA  1 
ATOM   324  C  C   . PRO A 1 41  ? 10.338  -12.040 2.851   1.00 25.43 ? 41  PRO A C   1 
ATOM   325  O  O   . PRO A 1 41  ? 10.309  -11.917 4.077   1.00 26.73 ? 41  PRO A O   1 
ATOM   326  C  CB  . PRO A 1 41  ? 12.394  -13.417 2.338   1.00 26.95 ? 41  PRO A CB  1 
ATOM   327  C  CG  . PRO A 1 41  ? 12.850  -12.707 1.108   1.00 26.54 ? 41  PRO A CG  1 
ATOM   328  C  CD  . PRO A 1 41  ? 11.922  -13.244 0.032   1.00 27.31 ? 41  PRO A CD  1 
ATOM   329  N  N   . LEU A 1 42  ? 9.901   -11.095 2.027   1.00 24.77 ? 42  LEU A N   1 
ATOM   330  C  CA  . LEU A 1 42  ? 9.391   -9.824  2.534   1.00 21.76 ? 42  LEU A CA  1 
ATOM   331  C  C   . LEU A 1 42  ? 7.981   -9.904  3.120   1.00 21.01 ? 42  LEU A C   1 
ATOM   332  O  O   . LEU A 1 42  ? 7.084   -10.528 2.545   1.00 19.36 ? 42  LEU A O   1 
ATOM   333  C  CB  . LEU A 1 42  ? 9.437   -8.775  1.423   1.00 22.24 ? 42  LEU A CB  1 
ATOM   334  C  CG  . LEU A 1 42  ? 10.805  -8.614  0.749   1.00 22.39 ? 42  LEU A CG  1 
ATOM   335  C  CD1 . LEU A 1 42  ? 10.712  -7.572  -0.353  1.00 23.74 ? 42  LEU A CD1 1 
ATOM   336  C  CD2 . LEU A 1 42  ? 11.851  -8.216  1.778   1.00 23.29 ? 42  LEU A CD2 1 
ATOM   337  N  N   . THR A 1 43  ? 7.797   -9.252  4.265   1.00 18.79 ? 43  THR A N   1 
ATOM   338  C  CA  . THR A 1 43  ? 6.512   -9.237  4.952   1.00 17.14 ? 43  THR A CA  1 
ATOM   339  C  C   . THR A 1 43  ? 5.614   -8.095  4.492   1.00 17.05 ? 43  THR A C   1 
ATOM   340  O  O   . THR A 1 43  ? 5.969   -6.924  4.620   1.00 15.02 ? 43  THR A O   1 
ATOM   341  C  CB  . THR A 1 43  ? 6.696   -9.111  6.474   1.00 19.58 ? 43  THR A CB  1 
ATOM   342  O  OG1 . THR A 1 43  ? 7.456   -10.223 6.957   1.00 19.30 ? 43  THR A OG1 1 
ATOM   343  C  CG2 . THR A 1 43  ? 5.343   -9.089  7.169   1.00 18.20 ? 43  THR A CG2 1 
ATOM   344  N  N   . ALA A 1 44  ? 4.442   -8.448  3.973   1.00 17.35 ? 44  ALA A N   1 
ATOM   345  C  CA  . ALA A 1 44  ? 3.472   -7.474  3.490   1.00 17.93 ? 44  ALA A CA  1 
ATOM   346  C  C   . ALA A 1 44  ? 2.762   -6.779  4.642   1.00 17.54 ? 44  ALA A C   1 
ATOM   347  O  O   . ALA A 1 44  ? 2.370   -7.417  5.621   1.00 19.33 ? 44  ALA A O   1 
ATOM   348  C  CB  . ALA A 1 44  ? 2.451   -8.160  2.602   1.00 20.13 ? 44  ALA A CB  1 
ATOM   349  N  N   . ASP A 1 45  ? 2.600   -5.468  4.524   1.00 13.76 ? 45  ASP A N   1 
ATOM   350  C  CA  . ASP A 1 45  ? 1.919   -4.693  5.552   1.00 13.88 ? 45  ASP A CA  1 
ATOM   351  C  C   . ASP A 1 45  ? 0.573   -4.234  5.003   1.00 11.46 ? 45  ASP A C   1 
ATOM   352  O  O   . ASP A 1 45  ? -0.480  -4.705  5.431   1.00 12.67 ? 45  ASP A O   1 
ATOM   353  C  CB  . ASP A 1 45  ? 2.786   -3.494  5.958   1.00 16.82 ? 45  ASP A CB  1 
ATOM   354  C  CG  . ASP A 1 45  ? 2.093   -2.565  6.937   1.00 19.21 ? 45  ASP A CG  1 
ATOM   355  O  OD1 . ASP A 1 45  ? 1.381   -3.063  7.838   1.00 17.27 ? 45  ASP A OD1 1 
ATOM   356  O  OD2 . ASP A 1 45  ? 2.280   -1.332  6.810   1.00 19.10 ? 45  ASP A OD2 1 
ATOM   357  N  N   . HIS A 1 46  ? 0.597   -3.322  4.042   1.00 9.05  ? 46  HIS A N   1 
ATOM   358  C  CA  . HIS A 1 46  ? -0.656  -2.857  3.472   1.00 7.76  ? 46  HIS A CA  1 
ATOM   359  C  C   . HIS A 1 46  ? -0.513  -2.451  2.021   1.00 6.90  ? 46  HIS A C   1 
ATOM   360  O  O   . HIS A 1 46  ? 0.591   -2.252  1.524   1.00 7.08  ? 46  HIS A O   1 
ATOM   361  C  CB  . HIS A 1 46  ? -1.247  -1.709  4.313   1.00 9.07  ? 46  HIS A CB  1 
ATOM   362  C  CG  . HIS A 1 46  ? -0.517  -0.403  4.192   1.00 8.08  ? 46  HIS A CG  1 
ATOM   363  N  ND1 . HIS A 1 46  ? -0.866  0.566   3.274   1.00 11.54 ? 46  HIS A ND1 1 
ATOM   364  C  CD2 . HIS A 1 46  ? 0.495   0.123   4.924   1.00 8.25  ? 46  HIS A CD2 1 
ATOM   365  C  CE1 . HIS A 1 46  ? -0.106  1.632   3.450   1.00 10.51 ? 46  HIS A CE1 1 
ATOM   366  N  NE2 . HIS A 1 46  ? 0.728   1.390   4.445   1.00 12.55 ? 46  HIS A NE2 1 
ATOM   367  N  N   . ILE A 1 47  ? -1.645  -2.377  1.335   1.00 5.56  ? 47  ILE A N   1 
ATOM   368  C  CA  . ILE A 1 47  ? -1.660  -1.990  -0.067  1.00 5.96  ? 47  ILE A CA  1 
ATOM   369  C  C   . ILE A 1 47  ? -2.402  -0.654  -0.140  1.00 6.46  ? 47  ILE A C   1 
ATOM   370  O  O   . ILE A 1 47  ? -3.365  -0.424  0.606   1.00 6.74  ? 47  ILE A O   1 
ATOM   371  C  CB  . ILE A 1 47  ? -2.322  -3.103  -0.926  1.00 7.54  ? 47  ILE A CB  1 
ATOM   372  C  CG1 . ILE A 1 47  ? -2.307  -2.702  -2.399  1.00 6.88  ? 47  ILE A CG1 1 
ATOM   373  C  CG2 . ILE A 1 47  ? -3.732  -3.395  -0.428  1.00 5.77  ? 47  ILE A CG2 1 
ATOM   374  C  CD1 . ILE A 1 47  ? -2.725  -3.826  -3.323  1.00 7.72  ? 47  ILE A CD1 1 
ATOM   375  N  N   . SER A 1 48  ? -1.949  0.232   -1.024  1.00 5.80  ? 48  SER A N   1 
ATOM   376  C  CA  . SER A 1 48  ? -2.531  1.562   -1.106  1.00 6.68  ? 48  SER A CA  1 
ATOM   377  C  C   . SER A 1 48  ? -3.106  1.976   -2.437  1.00 6.44  ? 48  SER A C   1 
ATOM   378  O  O   . SER A 1 48  ? -2.542  1.692   -3.496  1.00 8.26  ? 48  SER A O   1 
ATOM   379  C  CB  . SER A 1 48  ? -1.487  2.601   -0.698  1.00 10.30 ? 48  SER A CB  1 
ATOM   380  O  OG  . SER A 1 48  ? -0.955  2.311   0.587   1.00 14.46 ? 48  SER A OG  1 
ATOM   381  N  N   . LEU A 1 49  ? -4.224  2.690   -2.351  1.00 5.73  ? 49  LEU A N   1 
ATOM   382  C  CA  . LEU A 1 49  ? -4.932  3.224   -3.509  1.00 4.23  ? 49  LEU A CA  1 
ATOM   383  C  C   . LEU A 1 49  ? -4.623  4.712   -3.628  1.00 6.20  ? 49  LEU A C   1 
ATOM   384  O  O   . LEU A 1 49  ? -4.086  5.330   -2.710  1.00 6.01  ? 49  LEU A O   1 
ATOM   385  C  CB  . LEU A 1 49  ? -6.446  3.098   -3.310  1.00 7.05  ? 49  LEU A CB  1 
ATOM   386  C  CG  . LEU A 1 49  ? -7.089  1.717   -3.273  1.00 5.33  ? 49  LEU A CG  1 
ATOM   387  C  CD1 . LEU A 1 49  ? -8.425  1.782   -2.530  1.00 8.48  ? 49  LEU A CD1 1 
ATOM   388  C  CD2 . LEU A 1 49  ? -7.271  1.228   -4.708  1.00 7.44  ? 49  LEU A CD2 1 
ATOM   389  N  N   . ARG A 1 50  ? -4.969  5.285   -4.774  1.00 6.46  ? 50  ARG A N   1 
ATOM   390  C  CA  . ARG A 1 50  ? -4.832  6.718   -4.985  1.00 6.72  ? 50  ARG A CA  1 
ATOM   391  C  C   . ARG A 1 50  ? -6.030  7.130   -5.814  1.00 7.23  ? 50  ARG A C   1 
ATOM   392  O  O   . ARG A 1 50  ? -6.456  6.395   -6.704  1.00 7.02  ? 50  ARG A O   1 
ATOM   393  C  CB  . ARG A 1 50  ? -3.567  7.080   -5.764  1.00 9.80  ? 50  ARG A CB  1 
ATOM   394  C  CG  . ARG A 1 50  ? -2.274  6.896   -5.002  1.00 10.04 ? 50  ARG A CG  1 
ATOM   395  C  CD  . ARG A 1 50  ? -2.150  7.841   -3.810  1.00 13.22 ? 50  ARG A CD  1 
ATOM   396  N  NE  . ARG A 1 50  ? -0.859  7.663   -3.151  1.00 15.32 ? 50  ARG A NE  1 
ATOM   397  C  CZ  . ARG A 1 50  ? -0.442  8.357   -2.099  1.00 16.94 ? 50  ARG A CZ  1 
ATOM   398  N  NH1 . ARG A 1 50  ? -1.215  9.295   -1.566  1.00 16.39 ? 50  ARG A NH1 1 
ATOM   399  N  NH2 . ARG A 1 50  ? 0.755   8.106   -1.579  1.00 18.11 ? 50  ARG A NH2 1 
ATOM   400  N  N   . CYS A 1 51  ? -6.586  8.294   -5.500  1.00 6.57  ? 51  CYS A N   1 
ATOM   401  C  CA  . CYS A 1 51  ? -7.703  8.835   -6.259  1.00 7.42  ? 51  CYS A CA  1 
ATOM   402  C  C   . CYS A 1 51  ? -7.476  10.334  -6.352  1.00 8.23  ? 51  CYS A C   1 
ATOM   403  O  O   . CYS A 1 51  ? -6.681  10.899  -5.590  1.00 7.60  ? 51  CYS A O   1 
ATOM   404  C  CB  . CYS A 1 51  ? -9.044  8.547   -5.575  1.00 9.23  ? 51  CYS A CB  1 
ATOM   405  S  SG  . CYS A 1 51  ? -9.241  9.232   -3.911  1.00 9.69  ? 51  CYS A SG  1 
ATOM   406  N  N   . HIS A 1 52  ? -8.147  10.972  -7.303  1.00 6.81  ? 52  HIS A N   1 
ATOM   407  C  CA  . HIS A 1 52  ? -8.017  12.415  -7.458  1.00 5.18  ? 52  HIS A CA  1 
ATOM   408  C  C   . HIS A 1 52  ? -9.367  13.102  -7.248  1.00 6.09  ? 52  HIS A C   1 
ATOM   409  O  O   . HIS A 1 52  ? -9.437  14.325  -7.168  1.00 7.64  ? 52  HIS A O   1 
ATOM   410  C  CB  . HIS A 1 52  ? -7.435  12.767  -8.837  1.00 6.04  ? 52  HIS A CB  1 
ATOM   411  C  CG  . HIS A 1 52  ? -8.265  12.290  -9.986  1.00 7.35  ? 52  HIS A CG  1 
ATOM   412  N  ND1 . HIS A 1 52  ? -7.996  11.126  -10.672 1.00 10.72 ? 52  HIS A ND1 1 
ATOM   413  C  CD2 . HIS A 1 52  ? -9.384  12.806  -10.542 1.00 8.41  ? 52  HIS A CD2 1 
ATOM   414  C  CE1 . HIS A 1 52  ? -8.916  10.945  -11.604 1.00 6.38  ? 52  HIS A CE1 1 
ATOM   415  N  NE2 . HIS A 1 52  ? -9.769  11.951  -11.545 1.00 11.47 ? 52  HIS A NE2 1 
ATOM   416  N  N   . GLN A 1 53  ? -10.433 12.308  -7.152  1.00 7.84  ? 53  GLN A N   1 
ATOM   417  C  CA  . GLN A 1 53  ? -11.779 12.842  -6.926  1.00 6.65  ? 53  GLN A CA  1 
ATOM   418  C  C   . GLN A 1 53  ? -12.281 12.491  -5.534  1.00 8.77  ? 53  GLN A C   1 
ATOM   419  O  O   . GLN A 1 53  ? -12.136 11.356  -5.082  1.00 8.94  ? 53  GLN A O   1 
ATOM   420  C  CB  . GLN A 1 53  ? -12.782 12.272  -7.933  1.00 7.00  ? 53  GLN A CB  1 
ATOM   421  C  CG  . GLN A 1 53  ? -12.529 12.673  -9.367  1.00 9.29  ? 53  GLN A CG  1 
ATOM   422  C  CD  . GLN A 1 53  ? -12.587 14.167  -9.546  1.00 10.26 ? 53  GLN A CD  1 
ATOM   423  O  OE1 . GLN A 1 53  ? -13.636 14.782  -9.353  1.00 11.82 ? 53  GLN A OE1 1 
ATOM   424  N  NE2 . GLN A 1 53  ? -11.459 14.766  -9.898  1.00 10.98 ? 53  GLN A NE2 1 
ATOM   425  N  N   . ASN A 1 54  ? -12.893 13.458  -4.862  1.00 7.36  ? 54  ASN A N   1 
ATOM   426  C  CA  . ASN A 1 54  ? -13.438 13.205  -3.538  1.00 7.26  ? 54  ASN A CA  1 
ATOM   427  C  C   . ASN A 1 54  ? -14.559 12.171  -3.619  1.00 7.63  ? 54  ASN A C   1 
ATOM   428  O  O   . ASN A 1 54  ? -14.691 11.320  -2.735  1.00 8.11  ? 54  ASN A O   1 
ATOM   429  C  CB  . ASN A 1 54  ? -13.962 14.496  -2.915  1.00 7.37  ? 54  ASN A CB  1 
ATOM   430  C  CG  . ASN A 1 54  ? -12.849 15.456  -2.572  1.00 10.22 ? 54  ASN A CG  1 
ATOM   431  O  OD1 . ASN A 1 54  ? -11.764 15.035  -2.171  1.00 10.97 ? 54  ASN A OD1 1 
ATOM   432  N  ND2 . ASN A 1 54  ? -13.110 16.750  -2.717  1.00 9.31  ? 54  ASN A ND2 1 
ATOM   433  N  N   . ALA A 1 55  ? -15.351 12.235  -4.685  1.00 7.45  ? 55  ALA A N   1 
ATOM   434  C  CA  . ALA A 1 55  ? -16.449 11.286  -4.870  1.00 7.19  ? 55  ALA A CA  1 
ATOM   435  C  C   . ALA A 1 55  ? -15.921 9.857   -4.973  1.00 6.32  ? 55  ALA A C   1 
ATOM   436  O  O   . ALA A 1 55  ? -16.543 8.925   -4.479  1.00 7.64  ? 55  ALA A O   1 
ATOM   437  C  CB  . ALA A 1 55  ? -17.238 11.636  -6.118  1.00 7.95  ? 55  ALA A CB  1 
ATOM   438  N  N   . THR A 1 56  ? -14.772 9.687   -5.622  1.00 6.10  ? 56  THR A N   1 
ATOM   439  C  CA  . THR A 1 56  ? -14.196 8.356   -5.758  1.00 5.28  ? 56  THR A CA  1 
ATOM   440  C  C   . THR A 1 56  ? -13.822 7.816   -4.379  1.00 6.91  ? 56  THR A C   1 
ATOM   441  O  O   . THR A 1 56  ? -14.111 6.665   -4.055  1.00 6.08  ? 56  THR A O   1 
ATOM   442  C  CB  . THR A 1 56  ? -12.963 8.381   -6.669  1.00 6.62  ? 56  THR A CB  1 
ATOM   443  O  OG1 . THR A 1 56  ? -13.368 8.785   -7.982  1.00 8.80  ? 56  THR A OG1 1 
ATOM   444  C  CG2 . THR A 1 56  ? -12.315 6.998   -6.747  1.00 4.92  ? 56  THR A CG2 1 
ATOM   445  N  N   . ALA A 1 57  ? -13.196 8.659   -3.564  1.00 7.85  ? 57  ALA A N   1 
ATOM   446  C  CA  . ALA A 1 57  ? -12.800 8.254   -2.221  1.00 6.76  ? 57  ALA A CA  1 
ATOM   447  C  C   . ALA A 1 57  ? -14.026 7.852   -1.407  1.00 6.82  ? 57  ALA A C   1 
ATOM   448  O  O   . ALA A 1 57  ? -14.015 6.829   -0.721  1.00 8.77  ? 57  ALA A O   1 
ATOM   449  C  CB  . ALA A 1 57  ? -12.056 9.393   -1.523  1.00 6.77  ? 57  ALA A CB  1 
ATOM   450  N  N   . GLU A 1 58  ? -15.083 8.656   -1.489  1.00 7.51  ? 58  GLU A N   1 
ATOM   451  C  CA  . GLU A 1 58  ? -16.307 8.372   -0.751  1.00 9.01  ? 58  GLU A CA  1 
ATOM   452  C  C   . GLU A 1 58  ? -16.909 7.041   -1.186  1.00 9.62  ? 58  GLU A C   1 
ATOM   453  O  O   . GLU A 1 58  ? -17.328 6.238   -0.340  1.00 8.46  ? 58  GLU A O   1 
ATOM   454  C  CB  . GLU A 1 58  ? -17.319 9.500   -0.949  1.00 9.66  ? 58  GLU A CB  1 
ATOM   455  C  CG  . GLU A 1 58  ? -16.916 10.827  -0.309  1.00 16.33 ? 58  GLU A CG  1 
ATOM   456  C  CD  . GLU A 1 58  ? -16.780 10.765  1.210   1.00 19.82 ? 58  GLU A CD  1 
ATOM   457  O  OE1 . GLU A 1 58  ? -17.298 9.811   1.838   1.00 19.70 ? 58  GLU A OE1 1 
ATOM   458  O  OE2 . GLU A 1 58  ? -16.160 11.691  1.779   1.00 24.66 ? 58  GLU A OE2 1 
ATOM   459  N  N   . ARG A 1 59  ? -16.947 6.807   -2.497  1.00 7.69  ? 59  ARG A N   1 
ATOM   460  C  CA  . ARG A 1 59  ? -17.490 5.561   -3.028  1.00 7.59  ? 59  ARG A CA  1 
ATOM   461  C  C   . ARG A 1 59  ? -16.705 4.360   -2.521  1.00 7.80  ? 59  ARG A C   1 
ATOM   462  O  O   . ARG A 1 59  ? -17.291 3.366   -2.091  1.00 8.32  ? 59  ARG A O   1 
ATOM   463  C  CB  . ARG A 1 59  ? -17.478 5.569   -4.560  1.00 7.21  ? 59  ARG A CB  1 
ATOM   464  C  CG  . ARG A 1 59  ? -17.879 4.232   -5.173  1.00 7.70  ? 59  ARG A CG  1 
ATOM   465  C  CD  . ARG A 1 59  ? -18.105 4.358   -6.672  1.00 11.10 ? 59  ARG A CD  1 
ATOM   466  N  NE  . ARG A 1 59  ? -16.935 4.858   -7.393  1.00 8.66  ? 59  ARG A NE  1 
ATOM   467  C  CZ  . ARG A 1 59  ? -15.871 4.123   -7.717  1.00 9.27  ? 59  ARG A CZ  1 
ATOM   468  N  NH1 . ARG A 1 59  ? -15.807 2.836   -7.379  1.00 8.80  ? 59  ARG A NH1 1 
ATOM   469  N  NH2 . ARG A 1 59  ? -14.885 4.671   -8.415  1.00 8.34  ? 59  ARG A NH2 1 
ATOM   470  N  N   . TRP A 1 60  ? -15.379 4.440   -2.587  1.00 7.07  ? 60  TRP A N   1 
ATOM   471  C  CA  . TRP A 1 60  ? -14.559 3.339   -2.103  1.00 6.40  ? 60  TRP A CA  1 
ATOM   472  C  C   . TRP A 1 60  ? -14.768 3.155   -0.604  1.00 7.61  ? 60  TRP A C   1 
ATOM   473  O  O   . TRP A 1 60  ? -14.766 2.026   -0.120  1.00 8.55  ? 60  TRP A O   1 
ATOM   474  C  CB  . TRP A 1 60  ? -13.072 3.578   -2.395  1.00 7.20  ? 60  TRP A CB  1 
ATOM   475  C  CG  . TRP A 1 60  ? -12.702 3.460   -3.851  1.00 6.77  ? 60  TRP A CG  1 
ATOM   476  C  CD1 . TRP A 1 60  ? -13.389 2.793   -4.826  1.00 5.96  ? 60  TRP A CD1 1 
ATOM   477  C  CD2 . TRP A 1 60  ? -11.517 3.972   -4.476  1.00 7.23  ? 60  TRP A CD2 1 
ATOM   478  N  NE1 . TRP A 1 60  ? -12.704 2.856   -6.017  1.00 7.18  ? 60  TRP A NE1 1 
ATOM   479  C  CE2 . TRP A 1 60  ? -11.551 3.571   -5.830  1.00 7.49  ? 60  TRP A CE2 1 
ATOM   480  C  CE3 . TRP A 1 60  ? -10.427 4.727   -4.021  1.00 6.33  ? 60  TRP A CE3 1 
ATOM   481  C  CZ2 . TRP A 1 60  ? -10.538 3.902   -6.737  1.00 8.13  ? 60  TRP A CZ2 1 
ATOM   482  C  CZ3 . TRP A 1 60  ? -9.420  5.054   -4.920  1.00 6.90  ? 60  TRP A CZ3 1 
ATOM   483  C  CH2 . TRP A 1 60  ? -9.482  4.641   -6.264  1.00 8.91  ? 60  TRP A CH2 1 
ATOM   484  N  N   . ARG A 1 61  ? -14.961 4.253   0.132   1.00 7.37  ? 61  ARG A N   1 
ATOM   485  C  CA  . ARG A 1 61  ? -15.172 4.131   1.569   1.00 6.49  ? 61  ARG A CA  1 
ATOM   486  C  C   . ARG A 1 61  ? -16.446 3.326   1.839   1.00 7.95  ? 61  ARG A C   1 
ATOM   487  O  O   . ARG A 1 61  ? -16.456 2.431   2.695   1.00 8.15  ? 61  ARG A O   1 
ATOM   488  C  CB  . ARG A 1 61  ? -15.278 5.501   2.247   1.00 6.91  ? 61  ARG A CB  1 
ATOM   489  C  CG  . ARG A 1 61  ? -15.270 5.365   3.769   1.00 6.90  ? 61  ARG A CG  1 
ATOM   490  C  CD  . ARG A 1 61  ? -15.538 6.653   4.541   1.00 11.20 ? 61  ARG A CD  1 
ATOM   491  N  NE  . ARG A 1 61  ? -15.238 6.412   5.952   1.00 10.34 ? 61  ARG A NE  1 
ATOM   492  C  CZ  . ARG A 1 61  ? -14.505 7.213   6.718   1.00 10.49 ? 61  ARG A CZ  1 
ATOM   493  N  NH1 . ARG A 1 61  ? -13.998 8.337   6.221   1.00 11.50 ? 61  ARG A NH1 1 
ATOM   494  N  NH2 . ARG A 1 61  ? -14.225 6.853   7.964   1.00 9.81  ? 61  ARG A NH2 1 
ATOM   495  N  N   . ARG A 1 62  ? -17.517 3.650   1.120   1.00 8.50  ? 62  ARG A N   1 
ATOM   496  C  CA  . ARG A 1 62  ? -18.781 2.937   1.277   1.00 7.78  ? 62  ARG A CA  1 
ATOM   497  C  C   . ARG A 1 62  ? -18.545 1.457   0.950   1.00 8.19  ? 62  ARG A C   1 
ATOM   498  O  O   . ARG A 1 62  ? -19.120 0.576   1.580   1.00 7.39  ? 62  ARG A O   1 
ATOM   499  C  CB  . ARG A 1 62  ? -19.840 3.506   0.325   1.00 9.86  ? 62  ARG A CB  1 
ATOM   500  C  CG  . ARG A 1 62  ? -20.227 4.967   0.568   1.00 13.77 ? 62  ARG A CG  1 
ATOM   501  C  CD  . ARG A 1 62  ? -21.161 5.150   1.769   1.00 19.16 ? 62  ARG A CD  1 
ATOM   502  N  NE  . ARG A 1 62  ? -20.468 5.165   3.056   1.00 24.53 ? 62  ARG A NE  1 
ATOM   503  C  CZ  . ARG A 1 62  ? -19.611 6.104   3.443   1.00 24.28 ? 62  ARG A CZ  1 
ATOM   504  N  NH1 . ARG A 1 62  ? -19.326 7.119   2.640   1.00 29.51 ? 62  ARG A NH1 1 
ATOM   505  N  NH2 . ARG A 1 62  ? -19.046 6.034   4.645   1.00 22.85 ? 62  ARG A NH2 1 
ATOM   506  N  N   . GLY A 1 63  ? -17.691 1.198   -0.037  1.00 7.19  ? 63  GLY A N   1 
ATOM   507  C  CA  . GLY A 1 63  ? -17.400 -0.174  -0.423  1.00 6.34  ? 63  GLY A CA  1 
ATOM   508  C  C   . GLY A 1 63  ? -16.613 -0.927  0.636   1.00 7.21  ? 63  GLY A C   1 
ATOM   509  O  O   . GLY A 1 63  ? -16.960 -2.055  0.986   1.00 7.29  ? 63  GLY A O   1 
ATOM   510  N  N   . PHE A 1 64  ? -15.547 -0.322  1.153   1.00 8.03  ? 64  PHE A N   1 
ATOM   511  C  CA  . PHE A 1 64  ? -14.754 -0.995  2.171   1.00 6.71  ? 64  PHE A CA  1 
ATOM   512  C  C   . PHE A 1 64  ? -15.512 -1.196  3.474   1.00 7.76  ? 64  PHE A C   1 
ATOM   513  O  O   . PHE A 1 64  ? -15.218 -2.121  4.227   1.00 8.49  ? 64  PHE A O   1 
ATOM   514  C  CB  . PHE A 1 64  ? -13.449 -0.236  2.432   1.00 7.87  ? 64  PHE A CB  1 
ATOM   515  C  CG  . PHE A 1 64  ? -12.441 -0.391  1.333   1.00 6.24  ? 64  PHE A CG  1 
ATOM   516  C  CD1 . PHE A 1 64  ? -11.980 -1.655  0.973   1.00 8.42  ? 64  PHE A CD1 1 
ATOM   517  C  CD2 . PHE A 1 64  ? -11.986 0.716   0.625   1.00 7.79  ? 64  PHE A CD2 1 
ATOM   518  C  CE1 . PHE A 1 64  ? -11.082 -1.813  -0.081  1.00 7.73  ? 64  PHE A CE1 1 
ATOM   519  C  CE2 . PHE A 1 64  ? -11.093 0.569   -0.427  1.00 8.40  ? 64  PHE A CE2 1 
ATOM   520  C  CZ  . PHE A 1 64  ? -10.638 -0.698  -0.784  1.00 6.69  ? 64  PHE A CZ  1 
ATOM   521  N  N   . GLU A 1 65  ? -16.498 -0.348  3.745   1.00 8.06  ? 65  GLU A N   1 
ATOM   522  C  CA  . GLU A 1 65  ? -17.251 -0.515  4.976   1.00 9.46  ? 65  GLU A CA  1 
ATOM   523  C  C   . GLU A 1 65  ? -18.219 -1.691  4.900   1.00 10.51 ? 65  GLU A C   1 
ATOM   524  O  O   . GLU A 1 65  ? -18.896 -2.016  5.874   1.00 11.58 ? 65  GLU A O   1 
ATOM   525  C  CB  . GLU A 1 65  ? -17.959 0.788   5.345   1.00 9.64  ? 65  GLU A CB  1 
ATOM   526  C  CG  . GLU A 1 65  ? -16.964 1.791   5.913   1.00 9.89  ? 65  GLU A CG  1 
ATOM   527  C  CD  . GLU A 1 65  ? -17.601 3.052   6.455   1.00 11.47 ? 65  GLU A CD  1 
ATOM   528  O  OE1 . GLU A 1 65  ? -18.833 3.066   6.665   1.00 10.65 ? 65  GLU A OE1 1 
ATOM   529  O  OE2 . GLU A 1 65  ? -16.855 4.026   6.690   1.00 11.64 ? 65  GLU A OE2 1 
ATOM   530  N  N   . GLN A 1 66  ? -18.255 -2.341  3.739   1.00 9.52  ? 66  GLN A N   1 
ATOM   531  C  CA  . GLN A 1 66  ? -19.098 -3.514  3.531   1.00 10.60 ? 66  GLN A CA  1 
ATOM   532  C  C   . GLN A 1 66  ? -18.259 -4.791  3.620   1.00 11.43 ? 66  GLN A C   1 
ATOM   533  O  O   . GLN A 1 66  ? -18.802 -5.893  3.705   1.00 13.51 ? 66  GLN A O   1 
ATOM   534  C  CB  . GLN A 1 66  ? -19.762 -3.460  2.158   1.00 8.34  ? 66  GLN A CB  1 
ATOM   535  C  CG  . GLN A 1 66  ? -20.850 -2.414  2.037   1.00 10.07 ? 66  GLN A CG  1 
ATOM   536  C  CD  . GLN A 1 66  ? -21.399 -2.321  0.635   1.00 11.07 ? 66  GLN A CD  1 
ATOM   537  O  OE1 . GLN A 1 66  ? -21.965 -3.284  0.112   1.00 13.55 ? 66  GLN A OE1 1 
ATOM   538  N  NE2 . GLN A 1 66  ? -21.234 -1.163  0.013   1.00 11.04 ? 66  GLN A NE2 1 
ATOM   539  N  N   . CYS A 1 67  ? -16.938 -4.649  3.597   1.00 11.73 ? 67  CYS A N   1 
ATOM   540  C  CA  . CYS A 1 67  ? -16.076 -5.828  3.658   1.00 11.76 ? 67  CYS A CA  1 
ATOM   541  C  C   . CYS A 1 67  ? -14.921 -5.683  4.633   1.00 12.31 ? 67  CYS A C   1 
ATOM   542  O  O   . CYS A 1 67  ? -13.986 -6.486  4.623   1.00 12.14 ? 67  CYS A O   1 
ATOM   543  C  CB  . CYS A 1 67  ? -15.527 -6.145  2.266   1.00 11.23 ? 67  CYS A CB  1 
ATOM   544  S  SG  . CYS A 1 67  ? -14.572 -4.806  1.504   1.00 10.30 ? 67  CYS A SG  1 
ATOM   545  N  N   . GLY A 1 68  ? -14.992 -4.667  5.484   1.00 12.11 ? 68  GLY A N   1 
ATOM   546  C  CA  . GLY A 1 68  ? -13.929 -4.447  6.440   1.00 11.91 ? 68  GLY A CA  1 
ATOM   547  C  C   . GLY A 1 68  ? -14.335 -3.516  7.559   1.00 11.37 ? 68  GLY A C   1 
ATOM   548  O  O   . GLY A 1 68  ? -15.506 -3.146  7.691   1.00 11.43 ? 68  GLY A O   1 
ATOM   549  N  N   . GLU A 1 69  ? -13.348 -3.127  8.355   1.00 11.82 ? 69  GLU A N   1 
ATOM   550  C  CA  . GLU A 1 69  ? -13.559 -2.254  9.501   1.00 11.99 ? 69  GLU A CA  1 
ATOM   551  C  C   . GLU A 1 69  ? -12.451 -1.219  9.557   1.00 11.44 ? 69  GLU A C   1 
ATOM   552  O  O   . GLU A 1 69  ? -11.312 -1.499  9.184   1.00 10.88 ? 69  GLU A O   1 
ATOM   553  C  CB  . GLU A 1 69  ? -13.543 -3.086  10.779  1.00 14.14 ? 69  GLU A CB  1 
ATOM   554  C  CG  . GLU A 1 69  ? -14.577 -4.201  10.775  1.00 20.94 ? 69  GLU A CG  1 
ATOM   555  C  CD  . GLU A 1 69  ? -14.395 -5.165  11.923  1.00 24.71 ? 69  GLU A CD  1 
ATOM   556  O  OE1 . GLU A 1 69  ? -13.391 -5.907  11.924  1.00 26.96 ? 69  GLU A OE1 1 
ATOM   557  O  OE2 . GLU A 1 69  ? -15.254 -5.175  12.829  1.00 27.17 ? 69  GLU A OE2 1 
ATOM   558  N  N   . LEU A 1 70  ? -12.781 -0.027  10.040  1.00 10.12 ? 70  LEU A N   1 
ATOM   559  C  CA  . LEU A 1 70  ? -11.805 1.054   10.125  1.00 9.64  ? 70  LEU A CA  1 
ATOM   560  C  C   . LEU A 1 70  ? -10.752 0.856   11.213  1.00 10.49 ? 70  LEU A C   1 
ATOM   561  O  O   . LEU A 1 70  ? -11.081 0.669   12.385  1.00 11.88 ? 70  LEU A O   1 
ATOM   562  C  CB  . LEU A 1 70  ? -12.530 2.382   10.361  1.00 8.53  ? 70  LEU A CB  1 
ATOM   563  C  CG  . LEU A 1 70  ? -11.673 3.650   10.300  1.00 9.26  ? 70  LEU A CG  1 
ATOM   564  C  CD1 . LEU A 1 70  ? -11.232 3.912   8.859   1.00 10.59 ? 70  LEU A CD1 1 
ATOM   565  C  CD2 . LEU A 1 70  ? -12.472 4.834   10.829  1.00 9.63  ? 70  LEU A CD2 1 
ATOM   566  N  N   . LEU A 1 71  ? -9.481  0.888   10.826  1.00 10.42 ? 71  LEU A N   1 
ATOM   567  C  CA  . LEU A 1 71  ? -8.394  0.752   11.792  1.00 11.76 ? 71  LEU A CA  1 
ATOM   568  C  C   . LEU A 1 71  ? -8.005  2.127   12.301  1.00 12.30 ? 71  LEU A C   1 
ATOM   569  O  O   . LEU A 1 71  ? -7.729  2.318   13.483  1.00 13.77 ? 71  LEU A O   1 
ATOM   570  C  CB  . LEU A 1 71  ? -7.164  0.106   11.157  1.00 13.11 ? 71  LEU A CB  1 
ATOM   571  C  CG  . LEU A 1 71  ? -7.150  -1.409  11.007  1.00 15.23 ? 71  LEU A CG  1 
ATOM   572  C  CD1 . LEU A 1 71  ? -5.795  -1.832  10.452  1.00 15.63 ? 71  LEU A CD1 1 
ATOM   573  C  CD2 . LEU A 1 71  ? -7.406  -2.064  12.362  1.00 17.70 ? 71  LEU A CD2 1 
ATOM   574  N  N   . SER A 1 72  ? -7.958  3.084   11.386  1.00 11.77 ? 72  SER A N   1 
ATOM   575  C  CA  . SER A 1 72  ? -7.598  4.442   11.742  1.00 12.02 ? 72  SER A CA  1 
ATOM   576  C  C   . SER A 1 72  ? -7.932  5.390   10.613  1.00 11.58 ? 72  SER A C   1 
ATOM   577  O  O   . SER A 1 72  ? -8.015  4.995   9.446   1.00 11.26 ? 72  SER A O   1 
ATOM   578  C  CB  . SER A 1 72  ? -6.100  4.545   12.041  1.00 15.04 ? 72  SER A CB  1 
ATOM   579  O  OG  . SER A 1 72  ? -5.332  4.368   10.861  1.00 18.64 ? 72  SER A OG  1 
ATOM   580  N  N   . GLU A 1 73  ? -8.150  6.643   10.981  1.00 11.05 ? 73  GLU A N   1 
ATOM   581  C  CA  . GLU A 1 73  ? -8.415  7.695   10.023  1.00 12.03 ? 73  GLU A CA  1 
ATOM   582  C  C   . GLU A 1 73  ? -7.670  8.891   10.586  1.00 13.20 ? 73  GLU A C   1 
ATOM   583  O  O   . GLU A 1 73  ? -7.983  9.378   11.676  1.00 14.57 ? 73  GLU A O   1 
ATOM   584  C  CB  . GLU A 1 73  ? -9.905  7.995   9.905   1.00 11.12 ? 73  GLU A CB  1 
ATOM   585  C  CG  . GLU A 1 73  ? -10.183 9.204   9.028   1.00 12.04 ? 73  GLU A CG  1 
ATOM   586  C  CD  . GLU A 1 73  ? -11.621 9.279   8.553   1.00 11.37 ? 73  GLU A CD  1 
ATOM   587  O  OE1 . GLU A 1 73  ? -12.522 8.800   9.278   1.00 13.67 ? 73  GLU A OE1 1 
ATOM   588  O  OE2 . GLU A 1 73  ? -11.850 9.838   7.457   1.00 13.21 ? 73  GLU A OE2 1 
ATOM   589  N  N   . ASN A 1 74  ? -6.664  9.339   9.850   1.00 12.50 ? 74  ASN A N   1 
ATOM   590  C  CA  . ASN A 1 74  ? -5.846  10.457  10.282  1.00 13.82 ? 74  ASN A CA  1 
ATOM   591  C  C   . ASN A 1 74  ? -5.819  11.565  9.252   1.00 13.88 ? 74  ASN A C   1 
ATOM   592  O  O   . ASN A 1 74  ? -6.000  11.325  8.063   1.00 13.36 ? 74  ASN A O   1 
ATOM   593  C  CB  . ASN A 1 74  ? -4.415  9.987   10.545  1.00 14.64 ? 74  ASN A CB  1 
ATOM   594  C  CG  . ASN A 1 74  ? -4.329  9.009   11.698  1.00 18.18 ? 74  ASN A CG  1 
ATOM   595  O  OD1 . ASN A 1 74  ? -4.680  9.338   12.830  1.00 18.66 ? 74  ASN A OD1 1 
ATOM   596  N  ND2 . ASN A 1 74  ? -3.865  7.798   11.415  1.00 19.34 ? 74  ASN A ND2 1 
HETATM 597  N  N   . MSE A 1 75  ? -5.588  12.780  9.730   1.00 15.07 ? 75  MSE A N   1 
HETATM 598  C  CA  . MSE A 1 75  ? -5.510  13.941  8.867   1.00 17.30 ? 75  MSE A CA  1 
HETATM 599  C  C   . MSE A 1 75  ? -4.053  14.054  8.451   1.00 17.53 ? 75  MSE A C   1 
HETATM 600  O  O   . MSE A 1 75  ? -3.164  14.204  9.290   1.00 18.41 ? 75  MSE A O   1 
HETATM 601  C  CB  . MSE A 1 75  ? -5.944  15.192  9.636   1.00 21.01 ? 75  MSE A CB  1 
HETATM 602  C  CG  . MSE A 1 75  ? -6.149  16.437  8.781   1.00 27.23 ? 75  MSE A CG  1 
HETATM 603  SE SE  . MSE A 1 75  ? -7.661  16.342  7.558   1.00 31.92 ? 75  MSE A SE  1 
HETATM 604  C  CE  . MSE A 1 75  ? -8.619  14.851  8.347   1.00 29.15 ? 75  MSE A CE  1 
ATOM   605  N  N   . ILE A 1 76  ? -3.811  13.944  7.152   1.00 16.40 ? 76  ILE A N   1 
ATOM   606  C  CA  . ILE A 1 76  ? -2.466  14.037  6.614   1.00 18.81 ? 76  ILE A CA  1 
ATOM   607  C  C   . ILE A 1 76  ? -2.464  15.120  5.543   1.00 19.04 ? 76  ILE A C   1 
ATOM   608  O  O   . ILE A 1 76  ? -3.141  14.999  4.523   1.00 19.50 ? 76  ILE A O   1 
ATOM   609  C  CB  . ILE A 1 76  ? -2.020  12.699  5.980   1.00 19.25 ? 76  ILE A CB  1 
ATOM   610  C  CG1 . ILE A 1 76  ? -2.154  11.559  6.996   1.00 18.28 ? 76  ILE A CG1 1 
ATOM   611  C  CG2 . ILE A 1 76  ? -0.585  12.813  5.491   1.00 20.89 ? 76  ILE A CG2 1 
ATOM   612  C  CD1 . ILE A 1 76  ? -1.307  11.722  8.246   1.00 21.19 ? 76  ILE A CD1 1 
ATOM   613  N  N   . ASN A 1 77  ? -1.712  16.185  5.791   1.00 21.28 ? 77  ASN A N   1 
ATOM   614  C  CA  . ASN A 1 77  ? -1.614  17.299  4.856   1.00 22.96 ? 77  ASN A CA  1 
ATOM   615  C  C   . ASN A 1 77  ? -2.963  17.884  4.444   1.00 22.00 ? 77  ASN A C   1 
ATOM   616  O  O   . ASN A 1 77  ? -3.195  18.165  3.266   1.00 23.83 ? 77  ASN A O   1 
ATOM   617  C  CB  . ASN A 1 77  ? -0.835  16.870  3.608   1.00 26.53 ? 77  ASN A CB  1 
ATOM   618  C  CG  . ASN A 1 77  ? 0.625   16.567  3.906   1.00 29.85 ? 77  ASN A CG  1 
ATOM   619  O  OD1 . ASN A 1 77  ? 1.374   16.139  3.026   1.00 33.44 ? 77  ASN A OD1 1 
ATOM   620  N  ND2 . ASN A 1 77  ? 1.039   16.795  5.147   1.00 32.77 ? 77  ASN A ND2 1 
ATOM   621  N  N   . GLY A 1 78  ? -3.854  18.064  5.412   1.00 20.36 ? 78  GLY A N   1 
ATOM   622  C  CA  . GLY A 1 78  ? -5.148  18.648  5.113   1.00 20.29 ? 78  GLY A CA  1 
ATOM   623  C  C   . GLY A 1 78  ? -6.219  17.728  4.559   1.00 18.48 ? 78  GLY A C   1 
ATOM   624  O  O   . GLY A 1 78  ? -7.302  18.195  4.204   1.00 18.80 ? 78  GLY A O   1 
ATOM   625  N  N   . ARG A 1 79  ? -5.936  16.431  4.470   1.00 15.70 ? 79  ARG A N   1 
ATOM   626  C  CA  . ARG A 1 79  ? -6.931  15.494  3.963   1.00 13.09 ? 79  ARG A CA  1 
ATOM   627  C  C   . ARG A 1 79  ? -6.887  14.169  4.720   1.00 12.35 ? 79  ARG A C   1 
ATOM   628  O  O   . ARG A 1 79  ? -5.841  13.749  5.212   1.00 11.44 ? 79  ARG A O   1 
ATOM   629  C  CB  . ARG A 1 79  ? -6.743  15.276  2.457   1.00 13.20 ? 79  ARG A CB  1 
ATOM   630  C  CG  . ARG A 1 79  ? -5.385  14.756  2.026   1.00 12.66 ? 79  ARG A CG  1 
ATOM   631  C  CD  . ARG A 1 79  ? -5.269  13.253  2.219   1.00 12.62 ? 79  ARG A CD  1 
ATOM   632  N  NE  . ARG A 1 79  ? -4.389  12.658  1.217   1.00 12.01 ? 79  ARG A NE  1 
ATOM   633  C  CZ  . ARG A 1 79  ? -3.061  12.711  1.241   1.00 13.83 ? 79  ARG A CZ  1 
ATOM   634  N  NH1 . ARG A 1 79  ? -2.431  13.332  2.230   1.00 13.40 ? 79  ARG A NH1 1 
ATOM   635  N  NH2 . ARG A 1 79  ? -2.364  12.154  0.260   1.00 13.73 ? 79  ARG A NH2 1 
ATOM   636  N  N   . PRO A 1 80  ? -8.037  13.501  4.839   1.00 11.63 ? 80  PRO A N   1 
ATOM   637  C  CA  . PRO A 1 80  ? -8.050  12.232  5.559   1.00 10.87 ? 80  PRO A CA  1 
ATOM   638  C  C   . PRO A 1 80  ? -7.466  11.053  4.798   1.00 9.80  ? 80  PRO A C   1 
ATOM   639  O  O   . PRO A 1 80  ? -7.493  11.004  3.564   1.00 11.13 ? 80  PRO A O   1 
ATOM   640  C  CB  . PRO A 1 80  ? -9.531  12.028  5.864   1.00 12.69 ? 80  PRO A CB  1 
ATOM   641  C  CG  . PRO A 1 80  ? -10.198 12.623  4.674   1.00 12.66 ? 80  PRO A CG  1 
ATOM   642  C  CD  . PRO A 1 80  ? -9.396  13.898  4.434   1.00 12.57 ? 80  PRO A CD  1 
ATOM   643  N  N   . ILE A 1 81  ? -6.911  10.123  5.563   1.00 8.96  ? 81  ILE A N   1 
ATOM   644  C  CA  . ILE A 1 81  ? -6.377  8.888   5.023   1.00 7.89  ? 81  ILE A CA  1 
ATOM   645  C  C   . ILE A 1 81  ? -6.937  7.803   5.932   1.00 8.25  ? 81  ILE A C   1 
ATOM   646  O  O   . ILE A 1 81  ? -6.703  7.807   7.151   1.00 8.26  ? 81  ILE A O   1 
ATOM   647  C  CB  . ILE A 1 81  ? -4.840  8.828   5.051   1.00 8.40  ? 81  ILE A CB  1 
ATOM   648  C  CG1 . ILE A 1 81  ? -4.259  9.926   4.156   1.00 9.25  ? 81  ILE A CG1 1 
ATOM   649  C  CG2 . ILE A 1 81  ? -4.375  7.457   4.559   1.00 8.05  ? 81  ILE A CG2 1 
ATOM   650  C  CD1 . ILE A 1 81  ? -2.754  9.834   3.967   1.00 9.18  ? 81  ILE A CD1 1 
ATOM   651  N  N   . CYS A 1 82  ? -7.710  6.902   5.342   1.00 5.97  ? 82  CYS A N   1 
ATOM   652  C  CA  . CYS A 1 82  ? -8.309  5.801   6.079   1.00 7.64  ? 82  CYS A CA  1 
ATOM   653  C  C   . CYS A 1 82  ? -7.525  4.518   5.890   1.00 8.51  ? 82  CYS A C   1 
ATOM   654  O  O   . CYS A 1 82  ? -7.009  4.251   4.810   1.00 9.55  ? 82  CYS A O   1 
ATOM   655  C  CB  . CYS A 1 82  ? -9.736  5.542   5.596   1.00 8.46  ? 82  CYS A CB  1 
ATOM   656  S  SG  . CYS A 1 82  ? -10.938 6.786   6.085   1.00 12.26 ? 82  CYS A SG  1 
ATOM   657  N  N   . LEU A 1 83  ? -7.450  3.723   6.948   1.00 8.89  ? 83  LEU A N   1 
ATOM   658  C  CA  . LEU A 1 83  ? -6.797  2.422   6.885   1.00 8.31  ? 83  LEU A CA  1 
ATOM   659  C  C   . LEU A 1 83  ? -7.875  1.430   7.316   1.00 9.70  ? 83  LEU A C   1 
ATOM   660  O  O   . LEU A 1 83  ? -8.402  1.515   8.429   1.00 8.91  ? 83  LEU A O   1 
ATOM   661  C  CB  . LEU A 1 83  ? -5.586  2.361   7.817   1.00 9.65  ? 83  LEU A CB  1 
ATOM   662  C  CG  . LEU A 1 83  ? -4.326  3.049   7.270   1.00 9.59  ? 83  LEU A CG  1 
ATOM   663  C  CD1 . LEU A 1 83  ? -3.329  3.289   8.386   1.00 12.99 ? 83  LEU A CD1 1 
ATOM   664  C  CD2 . LEU A 1 83  ? -3.715  2.186   6.168   1.00 10.00 ? 83  LEU A CD2 1 
ATOM   665  N  N   . PHE A 1 84  ? -8.213  0.516   6.413   1.00 8.26  ? 84  PHE A N   1 
ATOM   666  C  CA  . PHE A 1 84  ? -9.241  -0.491  6.653   1.00 8.33  ? 84  PHE A CA  1 
ATOM   667  C  C   . PHE A 1 84  ? -8.658  -1.893  6.752   1.00 9.14  ? 84  PHE A C   1 
ATOM   668  O  O   . PHE A 1 84  ? -7.766  -2.256  5.988   1.00 8.56  ? 84  PHE A O   1 
ATOM   669  C  CB  . PHE A 1 84  ? -10.257 -0.492  5.501   1.00 8.46  ? 84  PHE A CB  1 
ATOM   670  C  CG  . PHE A 1 84  ? -11.197 0.678   5.504   1.00 10.17 ? 84  PHE A CG  1 
ATOM   671  C  CD1 . PHE A 1 84  ? -12.329 0.669   6.312   1.00 10.84 ? 84  PHE A CD1 1 
ATOM   672  C  CD2 . PHE A 1 84  ? -10.959 1.784   4.693   1.00 10.65 ? 84  PHE A CD2 1 
ATOM   673  C  CE1 . PHE A 1 84  ? -13.218 1.746   6.312   1.00 11.97 ? 84  PHE A CE1 1 
ATOM   674  C  CE2 . PHE A 1 84  ? -11.841 2.865   4.687   1.00 12.73 ? 84  PHE A CE2 1 
ATOM   675  C  CZ  . PHE A 1 84  ? -12.971 2.842   5.499   1.00 12.53 ? 84  PHE A CZ  1 
ATOM   676  N  N   . LYS A 1 85  ? -9.167  -2.679  7.693   1.00 7.51  ? 85  LYS A N   1 
ATOM   677  C  CA  . LYS A 1 85  ? -8.738  -4.064  7.826   1.00 10.09 ? 85  LYS A CA  1 
ATOM   678  C  C   . LYS A 1 85  ? -9.897  -4.881  7.252   1.00 9.34  ? 85  LYS A C   1 
ATOM   679  O  O   . LYS A 1 85  ? -11.019 -4.819  7.754   1.00 9.85  ? 85  LYS A O   1 
ATOM   680  C  CB  . LYS A 1 85  ? -8.502  -4.440  9.289   1.00 12.45 ? 85  LYS A CB  1 
ATOM   681  C  CG  . LYS A 1 85  ? -7.956  -5.862  9.448   1.00 15.55 ? 85  LYS A CG  1 
ATOM   682  C  CD  . LYS A 1 85  ? -7.502  -6.164  10.867  1.00 21.29 ? 85  LYS A CD  1 
ATOM   683  C  CE  . LYS A 1 85  ? -6.866  -7.546  10.948  1.00 25.34 ? 85  LYS A CE  1 
ATOM   684  N  NZ  . LYS A 1 85  ? -6.389  -7.869  12.324  1.00 30.06 ? 85  LYS A NZ  1 
ATOM   685  N  N   . LEU A 1 86  ? -9.628  -5.637  6.193   1.00 7.56  ? 86  LEU A N   1 
ATOM   686  C  CA  . LEU A 1 86  ? -10.656 -6.446  5.541   1.00 9.82  ? 86  LEU A CA  1 
ATOM   687  C  C   . LEU A 1 86  ? -10.802 -7.838  6.157   1.00 9.75  ? 86  LEU A C   1 
ATOM   688  O  O   . LEU A 1 86  ? -9.850  -8.394  6.702   1.00 11.69 ? 86  LEU A O   1 
ATOM   689  C  CB  . LEU A 1 86  ? -10.337 -6.591  4.049   1.00 11.61 ? 86  LEU A CB  1 
ATOM   690  C  CG  . LEU A 1 86  ? -9.955  -5.324  3.278   1.00 12.51 ? 86  LEU A CG  1 
ATOM   691  C  CD1 . LEU A 1 86  ? -9.809  -5.670  1.802   1.00 15.01 ? 86  LEU A CD1 1 
ATOM   692  C  CD2 . LEU A 1 86  ? -11.008 -4.245  3.470   1.00 12.39 ? 86  LEU A CD2 1 
ATOM   693  N  N   . HIS A 1 87  ? -12.004 -8.400  6.056   1.00 10.49 ? 87  HIS A N   1 
ATOM   694  C  CA  . HIS A 1 87  ? -12.272 -9.731  6.598   1.00 10.68 ? 87  HIS A CA  1 
ATOM   695  C  C   . HIS A 1 87  ? -11.540 -10.788 5.783   1.00 10.39 ? 87  HIS A C   1 
ATOM   696  O  O   . HIS A 1 87  ? -11.120 -11.818 6.314   1.00 12.31 ? 87  HIS A O   1 
ATOM   697  C  CB  . HIS A 1 87  ? -13.772 -10.003 6.575   1.00 11.83 ? 87  HIS A CB  1 
ATOM   698  C  CG  . HIS A 1 87  ? -14.572 -8.999  7.341   1.00 13.82 ? 87  HIS A CG  1 
ATOM   699  N  ND1 . HIS A 1 87  ? -15.769 -8.495  6.882   1.00 18.34 ? 87  HIS A ND1 1 
ATOM   700  C  CD2 . HIS A 1 87  ? -14.348 -8.407  8.538   1.00 17.46 ? 87  HIS A CD2 1 
ATOM   701  C  CE1 . HIS A 1 87  ? -16.248 -7.634  7.762   1.00 15.61 ? 87  HIS A CE1 1 
ATOM   702  N  NE2 . HIS A 1 87  ? -15.406 -7.562  8.775   1.00 17.74 ? 87  HIS A NE2 1 
ATOM   703  N  N   . GLU A 1 88  ? -11.396 -10.525 4.486   1.00 10.03 ? 88  GLU A N   1 
ATOM   704  C  CA  . GLU A 1 88  ? -10.697 -11.424 3.568   1.00 9.11  ? 88  GLU A CA  1 
ATOM   705  C  C   . GLU A 1 88  ? -9.702  -10.515 2.842   1.00 8.49  ? 88  GLU A C   1 
ATOM   706  O  O   . GLU A 1 88  ? -10.020 -9.383  2.503   1.00 7.85  ? 88  GLU A O   1 
ATOM   707  C  CB  . GLU A 1 88  ? -11.702 -12.099 2.632   1.00 9.75  ? 88  GLU A CB  1 
ATOM   708  C  CG  . GLU A 1 88  ? -12.692 -12.935 3.444   1.00 11.35 ? 88  GLU A CG  1 
ATOM   709  C  CD  . GLU A 1 88  ? -13.662 -13.733 2.609   1.00 14.80 ? 88  GLU A CD  1 
ATOM   710  O  OE1 . GLU A 1 88  ? -14.112 -13.226 1.560   1.00 16.82 ? 88  GLU A OE1 1 
ATOM   711  O  OE2 . GLU A 1 88  ? -13.992 -14.868 3.020   1.00 16.66 ? 88  GLU A OE2 1 
ATOM   712  N  N   . PRO A 1 89  ? -8.491  -11.011 2.582   1.00 8.77  ? 89  PRO A N   1 
ATOM   713  C  CA  . PRO A 1 89  ? -7.450  -10.218 1.926   1.00 8.48  ? 89  PRO A CA  1 
ATOM   714  C  C   . PRO A 1 89  ? -7.472  -9.936  0.435   1.00 9.36  ? 89  PRO A C   1 
ATOM   715  O  O   . PRO A 1 89  ? -8.199  -10.559 -0.341  1.00 9.57  ? 89  PRO A O   1 
ATOM   716  C  CB  . PRO A 1 89  ? -6.190  -10.975 2.305   1.00 10.62 ? 89  PRO A CB  1 
ATOM   717  C  CG  . PRO A 1 89  ? -6.649  -12.396 2.101   1.00 10.00 ? 89  PRO A CG  1 
ATOM   718  C  CD  . PRO A 1 89  ? -8.036  -12.404 2.765   1.00 10.57 ? 89  PRO A CD  1 
ATOM   719  N  N   . VAL A 1 90  ? -6.653  -8.957  0.061   1.00 8.85  ? 90  VAL A N   1 
ATOM   720  C  CA  . VAL A 1 90  ? -6.441  -8.612  -1.334  1.00 9.15  ? 90  VAL A CA  1 
ATOM   721  C  C   . VAL A 1 90  ? -5.214  -9.471  -1.653  1.00 8.78  ? 90  VAL A C   1 
ATOM   722  O  O   . VAL A 1 90  ? -4.127  -9.252  -1.097  1.00 8.55  ? 90  VAL A O   1 
ATOM   723  C  CB  . VAL A 1 90  ? -6.069  -7.131  -1.517  1.00 6.96  ? 90  VAL A CB  1 
ATOM   724  C  CG1 . VAL A 1 90  ? -5.731  -6.859  -2.983  1.00 7.57  ? 90  VAL A CG1 1 
ATOM   725  C  CG2 . VAL A 1 90  ? -7.229  -6.249  -1.052  1.00 10.90 ? 90  VAL A CG2 1 
ATOM   726  N  N   . GLN A 1 91  ? -5.396  -10.458 -2.522  1.00 8.46  ? 91  GLN A N   1 
ATOM   727  C  CA  . GLN A 1 91  ? -4.316  -11.367 -2.892  1.00 7.64  ? 91  GLN A CA  1 
ATOM   728  C  C   . GLN A 1 91  ? -3.397  -10.737 -3.938  1.00 9.14  ? 91  GLN A C   1 
ATOM   729  O  O   . GLN A 1 91  ? -3.849  -10.317 -5.000  1.00 9.27  ? 91  GLN A O   1 
ATOM   730  C  CB  . GLN A 1 91  ? -4.913  -12.677 -3.434  1.00 8.06  ? 91  GLN A CB  1 
ATOM   731  C  CG  . GLN A 1 91  ? -3.894  -13.790 -3.677  1.00 7.96  ? 91  GLN A CG  1 
ATOM   732  C  CD  . GLN A 1 91  ? -3.426  -14.465 -2.403  1.00 9.78  ? 91  GLN A CD  1 
ATOM   733  O  OE1 . GLN A 1 91  ? -2.280  -14.915 -2.310  1.00 12.90 ? 91  GLN A OE1 1 
ATOM   734  N  NE2 . GLN A 1 91  ? -4.310  -14.557 -1.419  1.00 9.34  ? 91  GLN A NE2 1 
ATOM   735  N  N   . VAL A 1 92  ? -2.105  -10.656 -3.620  1.00 9.15  ? 92  VAL A N   1 
ATOM   736  C  CA  . VAL A 1 92  ? -1.123  -10.088 -4.539  1.00 11.88 ? 92  VAL A CA  1 
ATOM   737  C  C   . VAL A 1 92  ? 0.041   -11.053 -4.553  1.00 12.80 ? 92  VAL A C   1 
ATOM   738  O  O   . VAL A 1 92  ? 0.858   -11.061 -3.635  1.00 11.82 ? 92  VAL A O   1 
ATOM   739  C  CB  . VAL A 1 92  ? -0.640  -8.704  -4.057  1.00 10.78 ? 92  VAL A CB  1 
ATOM   740  C  CG1 . VAL A 1 92  ? 0.463   -8.187  -4.985  1.00 13.01 ? 92  VAL A CG1 1 
ATOM   741  C  CG2 . VAL A 1 92  ? -1.806  -7.734  -4.027  1.00 14.33 ? 92  VAL A CG2 1 
ATOM   742  N  N   . ALA A 1 93  ? 0.110   -11.868 -5.601  1.00 14.39 ? 93  ALA A N   1 
ATOM   743  C  CA  . ALA A 1 93  ? 1.143   -12.886 -5.703  1.00 16.02 ? 93  ALA A CA  1 
ATOM   744  C  C   . ALA A 1 93  ? 0.955   -13.778 -4.481  1.00 16.69 ? 93  ALA A C   1 
ATOM   745  O  O   . ALA A 1 93  ? -0.160  -14.214 -4.192  1.00 16.11 ? 93  ALA A O   1 
ATOM   746  C  CB  . ALA A 1 93  ? 2.536   -12.250 -5.700  1.00 17.61 ? 93  ALA A CB  1 
ATOM   747  N  N   . HIS A 1 94  ? 2.032   -14.029 -3.747  1.00 17.06 ? 94  HIS A N   1 
ATOM   748  C  CA  . HIS A 1 94  ? 1.965   -14.872 -2.564  1.00 17.15 ? 94  HIS A CA  1 
ATOM   749  C  C   . HIS A 1 94  ? 1.464   -14.097 -1.342  1.00 16.13 ? 94  HIS A C   1 
ATOM   750  O  O   . HIS A 1 94  ? 1.145   -14.690 -0.313  1.00 16.08 ? 94  HIS A O   1 
ATOM   751  C  CB  . HIS A 1 94  ? 3.349   -15.445 -2.269  1.00 19.27 ? 94  HIS A CB  1 
ATOM   752  C  CG  . HIS A 1 94  ? 4.357   -14.403 -1.900  1.00 19.95 ? 94  HIS A CG  1 
ATOM   753  N  ND1 . HIS A 1 94  ? 4.769   -14.195 -0.601  1.00 21.60 ? 94  HIS A ND1 1 
ATOM   754  C  CD2 . HIS A 1 94  ? 4.993   -13.473 -2.650  1.00 20.13 ? 94  HIS A CD2 1 
ATOM   755  C  CE1 . HIS A 1 94  ? 5.615   -13.181 -0.567  1.00 20.43 ? 94  HIS A CE1 1 
ATOM   756  N  NE2 . HIS A 1 94  ? 5.766   -12.724 -1.797  1.00 21.94 ? 94  HIS A NE2 1 
ATOM   757  N  N   . TRP A 1 95  ? 1.393   -12.773 -1.467  1.00 14.80 ? 95  TRP A N   1 
ATOM   758  C  CA  . TRP A 1 95  ? 0.949   -11.913 -0.368  1.00 13.72 ? 95  TRP A CA  1 
ATOM   759  C  C   . TRP A 1 95  ? -0.562  -11.840 -0.159  1.00 12.63 ? 95  TRP A C   1 
ATOM   760  O  O   . TRP A 1 95  ? -1.346  -11.896 -1.105  1.00 12.39 ? 95  TRP A O   1 
ATOM   761  C  CB  . TRP A 1 95  ? 1.437   -10.476 -0.574  1.00 13.25 ? 95  TRP A CB  1 
ATOM   762  C  CG  . TRP A 1 95  ? 2.904   -10.242 -0.433  1.00 14.00 ? 95  TRP A CG  1 
ATOM   763  C  CD1 . TRP A 1 95  ? 3.707   -10.624 0.603   1.00 14.36 ? 95  TRP A CD1 1 
ATOM   764  C  CD2 . TRP A 1 95  ? 3.720   -9.453  -1.303  1.00 13.21 ? 95  TRP A CD2 1 
ATOM   765  N  NE1 . TRP A 1 95  ? 4.973   -10.114 0.436   1.00 14.71 ? 95  TRP A NE1 1 
ATOM   766  C  CE2 . TRP A 1 95  ? 5.008   -9.390  -0.727  1.00 15.46 ? 95  TRP A CE2 1 
ATOM   767  C  CE3 . TRP A 1 95  ? 3.486   -8.788  -2.515  1.00 14.62 ? 95  TRP A CE3 1 
ATOM   768  C  CZ2 . TRP A 1 95  ? 6.060   -8.686  -1.320  1.00 16.11 ? 95  TRP A CZ2 1 
ATOM   769  C  CZ3 . TRP A 1 95  ? 4.534   -8.087  -3.107  1.00 17.26 ? 95  TRP A CZ3 1 
ATOM   770  C  CH2 . TRP A 1 95  ? 5.803   -8.042  -2.507  1.00 17.49 ? 95  TRP A CH2 1 
ATOM   771  N  N   . GLN A 1 96  ? -0.951  -11.686 1.100   1.00 12.26 ? 96  GLN A N   1 
ATOM   772  C  CA  . GLN A 1 96  ? -2.346  -11.539 1.477   1.00 12.68 ? 96  GLN A CA  1 
ATOM   773  C  C   . GLN A 1 96  ? -2.438  -10.224 2.248   1.00 13.25 ? 96  GLN A C   1 
ATOM   774  O  O   . GLN A 1 96  ? -2.180  -10.178 3.451   1.00 15.27 ? 96  GLN A O   1 
ATOM   775  C  CB  . GLN A 1 96  ? -2.788  -12.701 2.366   1.00 12.97 ? 96  GLN A CB  1 
ATOM   776  C  CG  . GLN A 1 96  ? -2.945  -14.013 1.619   1.00 16.10 ? 96  GLN A CG  1 
ATOM   777  C  CD  . GLN A 1 96  ? -3.304  -15.157 2.542   1.00 17.04 ? 96  GLN A CD  1 
ATOM   778  O  OE1 . GLN A 1 96  ? -4.141  -15.010 3.428   1.00 18.92 ? 96  GLN A OE1 1 
ATOM   779  N  NE2 . GLN A 1 96  ? -2.677  -16.309 2.331   1.00 20.06 ? 96  GLN A NE2 1 
ATOM   780  N  N   . PHE A 1 97  ? -2.789  -9.150  1.551   1.00 11.12 ? 97  PHE A N   1 
ATOM   781  C  CA  . PHE A 1 97  ? -2.899  -7.842  2.193   1.00 10.34 ? 97  PHE A CA  1 
ATOM   782  C  C   . PHE A 1 97  ? -4.234  -7.704  2.901   1.00 9.25  ? 97  PHE A C   1 
ATOM   783  O  O   . PHE A 1 97  ? -5.272  -7.656  2.258   1.00 10.86 ? 97  PHE A O   1 
ATOM   784  C  CB  . PHE A 1 97  ? -2.757  -6.730  1.153   1.00 9.09  ? 97  PHE A CB  1 
ATOM   785  C  CG  . PHE A 1 97  ? -1.352  -6.531  0.664   1.00 9.14  ? 97  PHE A CG  1 
ATOM   786  C  CD1 . PHE A 1 97  ? -0.431  -5.809  1.420   1.00 10.56 ? 97  PHE A CD1 1 
ATOM   787  C  CD2 . PHE A 1 97  ? -0.943  -7.074  -0.551  1.00 10.67 ? 97  PHE A CD2 1 
ATOM   788  C  CE1 . PHE A 1 97  ? 0.881   -5.626  0.976   1.00 8.14  ? 97  PHE A CE1 1 
ATOM   789  C  CE2 . PHE A 1 97  ? 0.363   -6.900  -1.008  1.00 11.85 ? 97  PHE A CE2 1 
ATOM   790  C  CZ  . PHE A 1 97  ? 1.279   -6.175  -0.243  1.00 9.36  ? 97  PHE A CZ  1 
ATOM   791  N  N   . SER A 1 98  ? -4.216  -7.645  4.228   1.00 10.41 ? 98  SER A N   1 
ATOM   792  C  CA  . SER A 1 98  ? -5.468  -7.500  4.964   1.00 10.19 ? 98  SER A CA  1 
ATOM   793  C  C   . SER A 1 98  ? -5.803  -6.044  5.233   1.00 9.54  ? 98  SER A C   1 
ATOM   794  O  O   . SER A 1 98  ? -6.931  -5.717  5.601   1.00 12.04 ? 98  SER A O   1 
ATOM   795  C  CB  . SER A 1 98  ? -5.401  -8.257  6.292   1.00 11.79 ? 98  SER A CB  1 
ATOM   796  O  OG  . SER A 1 98  ? -5.493  -9.656  6.073   1.00 16.00 ? 98  SER A OG  1 
ATOM   797  N  N   . ILE A 1 99  ? -4.824  -5.169  5.029   1.00 6.90  ? 99  ILE A N   1 
ATOM   798  C  CA  . ILE A 1 99  ? -5.021  -3.751  5.279   1.00 7.47  ? 99  ILE A CA  1 
ATOM   799  C  C   . ILE A 1 99  ? -4.881  -2.924  4.010   1.00 7.66  ? 99  ILE A C   1 
ATOM   800  O  O   . ILE A 1 99  ? -3.918  -3.071  3.252   1.00 7.05  ? 99  ILE A O   1 
ATOM   801  C  CB  . ILE A 1 99  ? -4.024  -3.252  6.352   1.00 8.81  ? 99  ILE A CB  1 
ATOM   802  C  CG1 . ILE A 1 99  ? -4.287  -4.002  7.668   1.00 11.67 ? 99  ILE A CG1 1 
ATOM   803  C  CG2 . ILE A 1 99  ? -4.178  -1.748  6.565   1.00 9.91  ? 99  ILE A CG2 1 
ATOM   804  C  CD1 . ILE A 1 99  ? -3.276  -3.719  8.757   1.00 15.08 ? 99  ILE A CD1 1 
ATOM   805  N  N   . VAL A 1 100 ? -5.873  -2.070  3.774   1.00 7.25  ? 100 VAL A N   1 
ATOM   806  C  CA  . VAL A 1 100 ? -5.888  -1.200  2.609   1.00 6.17  ? 100 VAL A CA  1 
ATOM   807  C  C   . VAL A 1 100 ? -5.889  0.256   3.052   1.00 5.97  ? 100 VAL A C   1 
ATOM   808  O  O   . VAL A 1 100 ? -6.651  0.646   3.940   1.00 8.77  ? 100 VAL A O   1 
ATOM   809  C  CB  . VAL A 1 100 ? -7.144  -1.430  1.744   1.00 6.52  ? 100 VAL A CB  1 
ATOM   810  C  CG1 . VAL A 1 100 ? -7.139  -0.471  0.564   1.00 7.40  ? 100 VAL A CG1 1 
ATOM   811  C  CG2 . VAL A 1 100 ? -7.183  -2.863  1.254   1.00 8.05  ? 100 VAL A CG2 1 
ATOM   812  N  N   . GLU A 1 101 ? -5.024  1.048   2.432   1.00 6.27  ? 101 GLU A N   1 
ATOM   813  C  CA  . GLU A 1 101 ? -4.929  2.470   2.721   1.00 6.35  ? 101 GLU A CA  1 
ATOM   814  C  C   . GLU A 1 101 ? -5.719  3.223   1.656   1.00 7.08  ? 101 GLU A C   1 
ATOM   815  O  O   . GLU A 1 101 ? -5.507  3.036   0.453   1.00 8.58  ? 101 GLU A O   1 
ATOM   816  C  CB  . GLU A 1 101 ? -3.464  2.911   2.708   1.00 6.05  ? 101 GLU A CB  1 
ATOM   817  C  CG  . GLU A 1 101 ? -3.269  4.412   2.887   1.00 8.69  ? 101 GLU A CG  1 
ATOM   818  C  CD  . GLU A 1 101 ? -1.808  4.788   2.989   1.00 14.47 ? 101 GLU A CD  1 
ATOM   819  O  OE1 . GLU A 1 101 ? -1.010  4.287   2.173   1.00 15.64 ? 101 GLU A OE1 1 
ATOM   820  O  OE2 . GLU A 1 101 ? -1.454  5.584   3.883   1.00 20.44 ? 101 GLU A OE2 1 
ATOM   821  N  N   . LEU A 1 102 ? -6.633  4.076   2.110   1.00 6.51  ? 102 LEU A N   1 
ATOM   822  C  CA  . LEU A 1 102 ? -7.484  4.867   1.221   1.00 7.18  ? 102 LEU A CA  1 
ATOM   823  C  C   . LEU A 1 102 ? -7.279  6.349   1.525   1.00 6.98  ? 102 LEU A C   1 
ATOM   824  O  O   . LEU A 1 102 ? -7.872  6.896   2.455   1.00 6.24  ? 102 LEU A O   1 
ATOM   825  C  CB  . LEU A 1 102 ? -8.957  4.489   1.428   1.00 9.96  ? 102 LEU A CB  1 
ATOM   826  C  CG  . LEU A 1 102 ? -10.047 5.371   0.806   1.00 14.49 ? 102 LEU A CG  1 
ATOM   827  C  CD1 . LEU A 1 102 ? -9.847  5.490   -0.687  1.00 17.73 ? 102 LEU A CD1 1 
ATOM   828  C  CD2 . LEU A 1 102 ? -11.416 4.778   1.126   1.00 14.95 ? 102 LEU A CD2 1 
ATOM   829  N  N   . PRO A 1 103 ? -6.426  7.020   0.739   1.00 6.46  ? 103 PRO A N   1 
ATOM   830  C  CA  . PRO A 1 103 ? -6.164  8.444   0.956   1.00 6.95  ? 103 PRO A CA  1 
ATOM   831  C  C   . PRO A 1 103 ? -7.035  9.345   0.091   1.00 6.83  ? 103 PRO A C   1 
ATOM   832  O  O   . PRO A 1 103 ? -7.242  9.057   -1.089  1.00 6.82  ? 103 PRO A O   1 
ATOM   833  C  CB  . PRO A 1 103 ? -4.698  8.570   0.587   1.00 6.25  ? 103 PRO A CB  1 
ATOM   834  C  CG  . PRO A 1 103 ? -4.603  7.636   -0.616  1.00 6.98  ? 103 PRO A CG  1 
ATOM   835  C  CD  . PRO A 1 103 ? -5.493  6.451   -0.255  1.00 7.79  ? 103 PRO A CD  1 
ATOM   836  N  N   . TRP A 1 104 ? -7.557  10.417  0.679   1.00 8.22  ? 104 TRP A N   1 
ATOM   837  C  CA  . TRP A 1 104 ? -8.352  11.372  -0.087  1.00 9.22  ? 104 TRP A CA  1 
ATOM   838  C  C   . TRP A 1 104 ? -7.379  12.126  -0.996  1.00 8.31  ? 104 TRP A C   1 
ATOM   839  O  O   . TRP A 1 104 ? -6.168  12.092  -0.776  1.00 9.14  ? 104 TRP A O   1 
ATOM   840  C  CB  . TRP A 1 104 ? -9.067  12.359  0.847   1.00 6.98  ? 104 TRP A CB  1 
ATOM   841  C  CG  . TRP A 1 104 ? -10.515 12.031  1.038   1.00 8.66  ? 104 TRP A CG  1 
ATOM   842  C  CD1 . TRP A 1 104 ? -11.589 12.787  0.645   1.00 9.99  ? 104 TRP A CD1 1 
ATOM   843  C  CD2 . TRP A 1 104 ? -11.056 10.830  1.600   1.00 9.11  ? 104 TRP A CD2 1 
ATOM   844  N  NE1 . TRP A 1 104 ? -12.759 12.127  0.925   1.00 11.36 ? 104 TRP A NE1 1 
ATOM   845  C  CE2 . TRP A 1 104 ? -12.462 10.924  1.512   1.00 11.17 ? 104 TRP A CE2 1 
ATOM   846  C  CE3 . TRP A 1 104 ? -10.486 9.681   2.170   1.00 9.13  ? 104 TRP A CE3 1 
ATOM   847  C  CZ2 . TRP A 1 104 ? -13.312 9.909   1.974   1.00 13.17 ? 104 TRP A CZ2 1 
ATOM   848  C  CZ3 . TRP A 1 104 ? -11.332 8.674   2.626   1.00 11.70 ? 104 TRP A CZ3 1 
ATOM   849  C  CH2 . TRP A 1 104 ? -12.728 8.796   2.524   1.00 10.26 ? 104 TRP A CH2 1 
ATOM   850  N  N   . PRO A 1 105 ? -7.890  12.793  -2.040  1.00 8.71  ? 105 PRO A N   1 
ATOM   851  C  CA  . PRO A 1 105 ? -7.028  13.544  -2.960  1.00 9.81  ? 105 PRO A CA  1 
ATOM   852  C  C   . PRO A 1 105 ? -6.155  14.537  -2.195  1.00 11.28 ? 105 PRO A C   1 
ATOM   853  O  O   . PRO A 1 105 ? -6.650  15.297  -1.363  1.00 12.12 ? 105 PRO A O   1 
ATOM   854  C  CB  . PRO A 1 105 ? -8.033  14.239  -3.879  1.00 9.20  ? 105 PRO A CB  1 
ATOM   855  C  CG  . PRO A 1 105 ? -9.155  13.233  -3.931  1.00 8.27  ? 105 PRO A CG  1 
ATOM   856  C  CD  . PRO A 1 105 ? -9.294  12.841  -2.485  1.00 8.21  ? 105 PRO A CD  1 
ATOM   857  N  N   . GLY A 1 106 ? -4.857  14.509  -2.481  1.00 11.63 ? 106 GLY A N   1 
ATOM   858  C  CA  . GLY A 1 106 ? -3.931  15.406  -1.812  1.00 14.52 ? 106 GLY A CA  1 
ATOM   859  C  C   . GLY A 1 106 ? -3.267  16.383  -2.763  1.00 16.54 ? 106 GLY A C   1 
ATOM   860  O  O   . GLY A 1 106 ? -3.825  16.725  -3.809  1.00 15.91 ? 106 GLY A O   1 
ATOM   861  N  N   . GLU A 1 107 ? -2.064  16.821  -2.399  1.00 18.10 ? 107 GLU A N   1 
ATOM   862  C  CA  . GLU A 1 107 ? -1.299  17.778  -3.191  1.00 19.95 ? 107 GLU A CA  1 
ATOM   863  C  C   . GLU A 1 107 ? -0.938  17.236  -4.568  1.00 19.62 ? 107 GLU A C   1 
ATOM   864  O  O   . GLU A 1 107 ? -1.222  17.869  -5.584  1.00 21.22 ? 107 GLU A O   1 
ATOM   865  C  CB  . GLU A 1 107 ? -0.016  18.166  -2.449  1.00 22.66 ? 107 GLU A CB  1 
ATOM   866  C  CG  . GLU A 1 107 ? 0.769   19.283  -3.118  1.00 28.00 ? 107 GLU A CG  1 
ATOM   867  C  CD  . GLU A 1 107 ? 0.149   20.649  -2.891  1.00 31.28 ? 107 GLU A CD  1 
ATOM   868  O  OE1 . GLU A 1 107 ? -1.078  20.792  -3.086  1.00 32.81 ? 107 GLU A OE1 1 
ATOM   869  O  OE2 . GLU A 1 107 ? 0.895   21.583  -2.521  1.00 33.97 ? 107 GLU A OE2 1 
ATOM   870  N  N   . LYS A 1 108 ? -0.302  16.068  -4.595  1.00 19.55 ? 108 LYS A N   1 
ATOM   871  C  CA  . LYS A 1 108 ? 0.095   15.447  -5.852  1.00 18.85 ? 108 LYS A CA  1 
ATOM   872  C  C   . LYS A 1 108 ? -1.118  14.857  -6.553  1.00 18.37 ? 108 LYS A C   1 
ATOM   873  O  O   . LYS A 1 108 ? -1.927  14.163  -5.933  1.00 17.18 ? 108 LYS A O   1 
ATOM   874  C  CB  . LYS A 1 108 ? 1.130   14.342  -5.606  1.00 20.79 ? 108 LYS A CB  1 
ATOM   875  C  CG  . LYS A 1 108 ? 1.529   13.591  -6.871  1.00 22.45 ? 108 LYS A CG  1 
ATOM   876  C  CD  . LYS A 1 108 ? 2.592   12.535  -6.601  1.00 24.04 ? 108 LYS A CD  1 
ATOM   877  C  CE  . LYS A 1 108 ? 2.978   11.824  -7.890  1.00 25.08 ? 108 LYS A CE  1 
ATOM   878  N  NZ  . LYS A 1 108 ? 4.041   10.799  -7.684  1.00 26.39 ? 108 LYS A NZ  1 
ATOM   879  N  N   . ARG A 1 109 ? -1.251  15.139  -7.845  1.00 16.57 ? 109 ARG A N   1 
ATOM   880  C  CA  . ARG A 1 109 ? -2.373  14.617  -8.614  1.00 15.02 ? 109 ARG A CA  1 
ATOM   881  C  C   . ARG A 1 109 ? -1.976  13.356  -9.370  1.00 16.21 ? 109 ARG A C   1 
ATOM   882  O  O   . ARG A 1 109 ? -1.148  13.411  -10.285 1.00 18.10 ? 109 ARG A O   1 
ATOM   883  C  CB  . ARG A 1 109 ? -2.877  15.670  -9.609  1.00 16.55 ? 109 ARG A CB  1 
ATOM   884  C  CG  . ARG A 1 109 ? -3.283  16.975  -8.953  1.00 18.90 ? 109 ARG A CG  1 
ATOM   885  C  CD  . ARG A 1 109 ? -3.866  17.969  -9.938  1.00 22.07 ? 109 ARG A CD  1 
ATOM   886  N  NE  . ARG A 1 109 ? -4.009  19.280  -9.315  1.00 23.33 ? 109 ARG A NE  1 
ATOM   887  C  CZ  . ARG A 1 109 ? -3.054  20.205  -9.273  1.00 21.43 ? 109 ARG A CZ  1 
ATOM   888  N  NH1 . ARG A 1 109 ? -1.874  19.978  -9.836  1.00 21.64 ? 109 ARG A NH1 1 
ATOM   889  N  NH2 . ARG A 1 109 ? -3.273  21.351  -8.646  1.00 21.32 ? 109 ARG A NH2 1 
ATOM   890  N  N   . TYR A 1 110 ? -2.550  12.223  -8.972  1.00 14.78 ? 110 TYR A N   1 
ATOM   891  C  CA  . TYR A 1 110 ? -2.293  10.944  -9.632  1.00 15.18 ? 110 TYR A CA  1 
ATOM   892  C  C   . TYR A 1 110 ? -3.414  10.777  -10.672 1.00 13.59 ? 110 TYR A C   1 
ATOM   893  O  O   . TYR A 1 110 ? -4.583  10.699  -10.317 1.00 13.19 ? 110 TYR A O   1 
ATOM   894  C  CB  . TYR A 1 110 ? -2.355  9.781   -8.625  1.00 16.21 ? 110 TYR A CB  1 
ATOM   895  C  CG  . TYR A 1 110 ? -1.315  9.822   -7.521  1.00 16.40 ? 110 TYR A CG  1 
ATOM   896  C  CD1 . TYR A 1 110 ? -1.457  10.678  -6.432  1.00 15.90 ? 110 TYR A CD1 1 
ATOM   897  C  CD2 . TYR A 1 110 ? -0.189  8.997   -7.569  1.00 16.94 ? 110 TYR A CD2 1 
ATOM   898  C  CE1 . TYR A 1 110 ? -0.500  10.712  -5.408  1.00 17.47 ? 110 TYR A CE1 1 
ATOM   899  C  CE2 . TYR A 1 110 ? 0.772   9.023   -6.555  1.00 16.54 ? 110 TYR A CE2 1 
ATOM   900  C  CZ  . TYR A 1 110 ? 0.608   9.884   -5.478  1.00 17.97 ? 110 TYR A CZ  1 
ATOM   901  O  OH  . TYR A 1 110 ? 1.552   9.918   -4.467  1.00 19.36 ? 110 TYR A OH  1 
ATOM   902  N  N   . PRO A 1 111 ? -3.071  10.722  -11.967 1.00 12.65 ? 111 PRO A N   1 
ATOM   903  C  CA  . PRO A 1 111 ? -4.106  10.573  -13.000 1.00 13.85 ? 111 PRO A CA  1 
ATOM   904  C  C   . PRO A 1 111 ? -4.941  9.295   -12.917 1.00 11.71 ? 111 PRO A C   1 
ATOM   905  O  O   . PRO A 1 111 ? -6.120  9.289   -13.280 1.00 11.99 ? 111 PRO A O   1 
ATOM   906  C  CB  . PRO A 1 111 ? -3.308  10.643  -14.303 1.00 14.46 ? 111 PRO A CB  1 
ATOM   907  C  CG  . PRO A 1 111 ? -2.118  11.470  -13.929 1.00 15.82 ? 111 PRO A CG  1 
ATOM   908  C  CD  . PRO A 1 111 ? -1.748  10.904  -12.583 1.00 16.63 ? 111 PRO A CD  1 
ATOM   909  N  N   . HIS A 1 112 ? -4.330  8.220   -12.438 1.00 9.98  ? 112 HIS A N   1 
ATOM   910  C  CA  . HIS A 1 112 ? -5.017  6.943   -12.341 1.00 8.29  ? 112 HIS A CA  1 
ATOM   911  C  C   . HIS A 1 112 ? -5.634  6.698   -10.971 1.00 7.99  ? 112 HIS A C   1 
ATOM   912  O  O   . HIS A 1 112 ? -4.955  6.812   -9.956  1.00 8.50  ? 112 HIS A O   1 
ATOM   913  C  CB  . HIS A 1 112 ? -4.039  5.805   -12.659 1.00 7.59  ? 112 HIS A CB  1 
ATOM   914  C  CG  . HIS A 1 112 ? -4.676  4.453   -12.657 1.00 8.58  ? 112 HIS A CG  1 
ATOM   915  N  ND1 . HIS A 1 112 ? -4.525  3.556   -11.621 1.00 12.93 ? 112 HIS A ND1 1 
ATOM   916  C  CD2 . HIS A 1 112 ? -5.501  3.861   -13.550 1.00 8.48  ? 112 HIS A CD2 1 
ATOM   917  C  CE1 . HIS A 1 112 ? -5.233  2.469   -11.878 1.00 9.63  ? 112 HIS A CE1 1 
ATOM   918  N  NE2 . HIS A 1 112 ? -5.834  2.629   -13.042 1.00 11.84 ? 112 HIS A NE2 1 
ATOM   919  N  N   . GLU A 1 113 ? -6.922  6.369   -10.945 1.00 6.88  ? 113 GLU A N   1 
ATOM   920  C  CA  . GLU A 1 113 ? -7.592  6.072   -9.687  1.00 7.03  ? 113 GLU A CA  1 
ATOM   921  C  C   . GLU A 1 113 ? -7.589  4.560   -9.561  1.00 7.29  ? 113 GLU A C   1 
ATOM   922  O  O   . GLU A 1 113 ? -8.263  3.854   -10.321 1.00 7.66  ? 113 GLU A O   1 
ATOM   923  C  CB  . GLU A 1 113 ? -9.021  6.611   -9.685  1.00 7.63  ? 113 GLU A CB  1 
ATOM   924  C  CG  . GLU A 1 113 ? -9.074  8.118   -9.868  1.00 7.56  ? 113 GLU A CG  1 
ATOM   925  C  CD  . GLU A 1 113 ? -10.363 8.725   -9.374  1.00 8.07  ? 113 GLU A CD  1 
ATOM   926  O  OE1 . GLU A 1 113 ? -11.446 8.310   -9.834  1.00 7.98  ? 113 GLU A OE1 1 
ATOM   927  O  OE2 . GLU A 1 113 ? -10.294 9.626   -8.518  1.00 8.44  ? 113 GLU A OE2 1 
ATOM   928  N  N   . GLY A 1 114 ? -6.797  4.070   -8.611  1.00 6.17  ? 114 GLY A N   1 
ATOM   929  C  CA  . GLY A 1 114 ? -6.685  2.641   -8.397  1.00 5.61  ? 114 GLY A CA  1 
ATOM   930  C  C   . GLY A 1 114 ? -5.442  2.313   -7.599  1.00 5.91  ? 114 GLY A C   1 
ATOM   931  O  O   . GLY A 1 114 ? -4.885  3.188   -6.937  1.00 7.23  ? 114 GLY A O   1 
ATOM   932  N  N   . TRP A 1 115 ? -4.994  1.061   -7.671  1.00 6.49  ? 115 TRP A N   1 
ATOM   933  C  CA  . TRP A 1 115 ? -3.816  0.628   -6.923  1.00 7.56  ? 115 TRP A CA  1 
ATOM   934  C  C   . TRP A 1 115 ? -2.579  1.420   -7.316  1.00 7.35  ? 115 TRP A C   1 
ATOM   935  O  O   . TRP A 1 115 ? -2.331  1.661   -8.496  1.00 7.74  ? 115 TRP A O   1 
ATOM   936  C  CB  . TRP A 1 115 ? -3.586  -0.867  -7.124  1.00 5.43  ? 115 TRP A CB  1 
ATOM   937  C  CG  . TRP A 1 115 ? -4.814  -1.668  -6.813  1.00 7.56  ? 115 TRP A CG  1 
ATOM   938  C  CD1 . TRP A 1 115 ? -5.613  -2.333  -7.707  1.00 7.51  ? 115 TRP A CD1 1 
ATOM   939  C  CD2 . TRP A 1 115 ? -5.423  -1.843  -5.528  1.00 7.06  ? 115 TRP A CD2 1 
ATOM   940  N  NE1 . TRP A 1 115 ? -6.679  -2.906  -7.058  1.00 7.17  ? 115 TRP A NE1 1 
ATOM   941  C  CE2 . TRP A 1 115 ? -6.587  -2.625  -5.720  1.00 8.08  ? 115 TRP A CE2 1 
ATOM   942  C  CE3 . TRP A 1 115 ? -5.100  -1.414  -4.230  1.00 7.36  ? 115 TRP A CE3 1 
ATOM   943  C  CZ2 . TRP A 1 115 ? -7.427  -2.988  -4.664  1.00 9.13  ? 115 TRP A CZ2 1 
ATOM   944  C  CZ3 . TRP A 1 115 ? -5.935  -1.773  -3.185  1.00 8.15  ? 115 TRP A CZ3 1 
ATOM   945  C  CH2 . TRP A 1 115 ? -7.087  -2.554  -3.407  1.00 9.02  ? 115 TRP A CH2 1 
ATOM   946  N  N   . GLU A 1 116 ? -1.798  1.819   -6.317  1.00 8.19  ? 116 GLU A N   1 
ATOM   947  C  CA  . GLU A 1 116 ? -0.613  2.627   -6.569  1.00 6.63  ? 116 GLU A CA  1 
ATOM   948  C  C   . GLU A 1 116 ? 0.657   2.152   -5.863  1.00 7.58  ? 116 GLU A C   1 
ATOM   949  O  O   . GLU A 1 116 ? 1.741   2.247   -6.433  1.00 7.81  ? 116 GLU A O   1 
ATOM   950  C  CB  . GLU A 1 116 ? -0.932  4.081   -6.204  1.00 6.29  ? 116 GLU A CB  1 
ATOM   951  C  CG  . GLU A 1 116 ? 0.220   5.065   -6.332  1.00 9.71  ? 116 GLU A CG  1 
ATOM   952  C  CD  . GLU A 1 116 ? 0.987   5.208   -5.036  1.00 9.67  ? 116 GLU A CD  1 
ATOM   953  O  OE1 . GLU A 1 116 ? 0.334   5.232   -3.971  1.00 8.96  ? 116 GLU A OE1 1 
ATOM   954  O  OE2 . GLU A 1 116 ? 2.233   5.305   -5.085  1.00 11.07 ? 116 GLU A OE2 1 
ATOM   955  N  N   . HIS A 1 117 ? 0.545   1.657   -4.630  1.00 7.30  ? 117 HIS A N   1 
ATOM   956  C  CA  . HIS A 1 117 ? 1.737   1.167   -3.945  1.00 7.41  ? 117 HIS A CA  1 
ATOM   957  C  C   . HIS A 1 117 ? 1.468   0.162   -2.831  1.00 7.81  ? 117 HIS A C   1 
ATOM   958  O  O   . HIS A 1 117 ? 0.329   -0.031  -2.408  1.00 8.33  ? 117 HIS A O   1 
ATOM   959  C  CB  . HIS A 1 117 ? 2.586   2.349   -3.417  1.00 8.67  ? 117 HIS A CB  1 
ATOM   960  C  CG  . HIS A 1 117 ? 2.113   2.952   -2.126  1.00 7.99  ? 117 HIS A CG  1 
ATOM   961  N  ND1 . HIS A 1 117 ? 2.480   2.458   -0.891  1.00 11.71 ? 117 HIS A ND1 1 
ATOM   962  C  CD2 . HIS A 1 117 ? 1.375   4.060   -1.881  1.00 8.35  ? 117 HIS A CD2 1 
ATOM   963  C  CE1 . HIS A 1 117 ? 1.995   3.242   0.057   1.00 7.17  ? 117 HIS A CE1 1 
ATOM   964  N  NE2 . HIS A 1 117 ? 1.321   4.221   -0.517  1.00 14.22 ? 117 HIS A NE2 1 
ATOM   965  N  N   . ILE A 1 118 ? 2.523   -0.525  -2.410  1.00 7.19  ? 118 ILE A N   1 
ATOM   966  C  CA  . ILE A 1 118 ? 2.412   -1.474  -1.311  1.00 7.28  ? 118 ILE A CA  1 
ATOM   967  C  C   . ILE A 1 118 ? 3.489   -1.094  -0.319  1.00 8.60  ? 118 ILE A C   1 
ATOM   968  O  O   . ILE A 1 118 ? 4.465   -0.432  -0.682  1.00 7.63  ? 118 ILE A O   1 
ATOM   969  C  CB  . ILE A 1 118 ? 2.661   -2.941  -1.736  1.00 8.12  ? 118 ILE A CB  1 
ATOM   970  C  CG1 . ILE A 1 118 ? 4.026   -3.084  -2.405  1.00 8.24  ? 118 ILE A CG1 1 
ATOM   971  C  CG2 . ILE A 1 118 ? 1.538   -3.417  -2.633  1.00 6.57  ? 118 ILE A CG2 1 
ATOM   972  C  CD1 . ILE A 1 118 ? 4.506   -4.530  -2.475  1.00 8.64  ? 118 ILE A CD1 1 
ATOM   973  N  N   . GLU A 1 119 ? 3.299   -1.483  0.935   1.00 7.67  ? 119 GLU A N   1 
ATOM   974  C  CA  . GLU A 1 119 ? 4.292   -1.194  1.954   1.00 8.70  ? 119 GLU A CA  1 
ATOM   975  C  C   . GLU A 1 119 ? 4.702   -2.470  2.663   1.00 9.92  ? 119 GLU A C   1 
ATOM   976  O  O   . GLU A 1 119 ? 3.862   -3.281  3.068   1.00 10.79 ? 119 GLU A O   1 
ATOM   977  C  CB  . GLU A 1 119 ? 3.771   -0.138  2.935   1.00 10.35 ? 119 GLU A CB  1 
ATOM   978  C  CG  . GLU A 1 119 ? 3.540   1.199   2.236   1.00 11.00 ? 119 GLU A CG  1 
ATOM   979  C  CD  . GLU A 1 119 ? 3.462   2.384   3.178   1.00 12.64 ? 119 GLU A CD  1 
ATOM   980  O  OE1 . GLU A 1 119 ? 4.085   2.342   4.261   1.00 14.11 ? 119 GLU A OE1 1 
ATOM   981  O  OE2 . GLU A 1 119 ? 2.787   3.374   2.822   1.00 14.39 ? 119 GLU A OE2 1 
ATOM   982  N  N   . ILE A 1 120 ? 6.015   -2.632  2.777   1.00 10.54 ? 120 ILE A N   1 
ATOM   983  C  CA  . ILE A 1 120 ? 6.642   -3.795  3.383   1.00 12.22 ? 120 ILE A CA  1 
ATOM   984  C  C   . ILE A 1 120 ? 7.255   -3.406  4.720   1.00 13.68 ? 120 ILE A C   1 
ATOM   985  O  O   . ILE A 1 120 ? 7.818   -2.321  4.861   1.00 11.52 ? 120 ILE A O   1 
ATOM   986  C  CB  . ILE A 1 120 ? 7.765   -4.333  2.460   1.00 12.77 ? 120 ILE A CB  1 
ATOM   987  C  CG1 . ILE A 1 120 ? 7.176   -4.800  1.123   1.00 14.39 ? 120 ILE A CG1 1 
ATOM   988  C  CG2 . ILE A 1 120 ? 8.536   -5.442  3.150   1.00 13.63 ? 120 ILE A CG2 1 
ATOM   989  C  CD1 . ILE A 1 120 ? 6.153   -5.907  1.242   1.00 18.19 ? 120 ILE A CD1 1 
ATOM   990  N  N   . VAL A 1 121 ? 7.143   -4.292  5.701   1.00 12.45 ? 121 VAL A N   1 
ATOM   991  C  CA  . VAL A 1 121 ? 7.716   -4.028  7.013   1.00 13.82 ? 121 VAL A CA  1 
ATOM   992  C  C   . VAL A 1 121 ? 9.055   -4.743  7.134   1.00 13.91 ? 121 VAL A C   1 
ATOM   993  O  O   . VAL A 1 121 ? 9.147   -5.950  6.893   1.00 14.55 ? 121 VAL A O   1 
ATOM   994  C  CB  . VAL A 1 121 ? 6.796   -4.524  8.141   1.00 14.09 ? 121 VAL A CB  1 
ATOM   995  C  CG1 . VAL A 1 121 ? 7.459   -4.284  9.494   1.00 17.61 ? 121 VAL A CG1 1 
ATOM   996  C  CG2 . VAL A 1 121 ? 5.462   -3.803  8.077   1.00 17.70 ? 121 VAL A CG2 1 
ATOM   997  N  N   . LEU A 1 122 ? 10.089  -3.986  7.489   1.00 15.46 ? 122 LEU A N   1 
ATOM   998  C  CA  . LEU A 1 122 ? 11.430  -4.531  7.673   1.00 14.88 ? 122 LEU A CA  1 
ATOM   999  C  C   . LEU A 1 122 ? 11.812  -4.396  9.143   1.00 16.43 ? 122 LEU A C   1 
ATOM   1000 O  O   . LEU A 1 122 ? 12.348  -3.368  9.560   1.00 15.16 ? 122 LEU A O   1 
ATOM   1001 C  CB  . LEU A 1 122 ? 12.451  -3.775  6.819   1.00 14.77 ? 122 LEU A CB  1 
ATOM   1002 C  CG  . LEU A 1 122 ? 12.327  -3.834  5.297   1.00 14.54 ? 122 LEU A CG  1 
ATOM   1003 C  CD1 . LEU A 1 122 ? 13.508  -3.085  4.688   1.00 13.56 ? 122 LEU A CD1 1 
ATOM   1004 C  CD2 . LEU A 1 122 ? 12.304  -5.277  4.820   1.00 13.91 ? 122 LEU A CD2 1 
ATOM   1005 N  N   . PRO A 1 123 ? 11.537  -5.437  9.946   1.00 17.48 ? 123 PRO A N   1 
ATOM   1006 C  CA  . PRO A 1 123 ? 11.858  -5.422  11.376  1.00 18.53 ? 123 PRO A CA  1 
ATOM   1007 C  C   . PRO A 1 123 ? 13.320  -5.095  11.646  1.00 19.13 ? 123 PRO A C   1 
ATOM   1008 O  O   . PRO A 1 123 ? 14.203  -5.479  10.880  1.00 18.45 ? 123 PRO A O   1 
ATOM   1009 C  CB  . PRO A 1 123 ? 11.498  -6.835  11.828  1.00 19.09 ? 123 PRO A CB  1 
ATOM   1010 C  CG  . PRO A 1 123 ? 10.382  -7.206  10.906  1.00 21.53 ? 123 PRO A CG  1 
ATOM   1011 C  CD  . PRO A 1 123 ? 10.882  -6.703  9.574   1.00 17.75 ? 123 PRO A CD  1 
ATOM   1012 N  N   . GLY A 1 124 ? 13.562  -4.390  12.744  1.00 19.49 ? 124 GLY A N   1 
ATOM   1013 C  CA  . GLY A 1 124 ? 14.918  -4.023  13.110  1.00 20.99 ? 124 GLY A CA  1 
ATOM   1014 C  C   . GLY A 1 124 ? 14.954  -2.636  13.714  1.00 21.32 ? 124 GLY A C   1 
ATOM   1015 O  O   . GLY A 1 124 ? 13.951  -2.157  14.241  1.00 21.27 ? 124 GLY A O   1 
ATOM   1016 N  N   . ASP A 1 125 ? 16.113  -1.990  13.634  1.00 21.24 ? 125 ASP A N   1 
ATOM   1017 C  CA  . ASP A 1 125 ? 16.280  -0.646  14.170  1.00 22.80 ? 125 ASP A CA  1 
ATOM   1018 C  C   . ASP A 1 125 ? 15.825  0.404   13.162  1.00 23.30 ? 125 ASP A C   1 
ATOM   1019 O  O   . ASP A 1 125 ? 16.352  0.484   12.054  1.00 23.95 ? 125 ASP A O   1 
ATOM   1020 C  CB  . ASP A 1 125 ? 17.746  -0.413  14.547  1.00 26.01 ? 125 ASP A CB  1 
ATOM   1021 C  CG  . ASP A 1 125 ? 18.034  1.030   14.906  1.00 28.02 ? 125 ASP A CG  1 
ATOM   1022 O  OD1 . ASP A 1 125 ? 17.146  1.691   15.486  1.00 29.24 ? 125 ASP A OD1 1 
ATOM   1023 O  OD2 . ASP A 1 125 ? 19.153  1.504   14.618  1.00 32.25 ? 125 ASP A OD2 1 
ATOM   1024 N  N   . PRO A 1 126 ? 14.827  1.220   13.533  1.00 22.69 ? 126 PRO A N   1 
ATOM   1025 C  CA  . PRO A 1 126 ? 14.315  2.264   12.641  1.00 21.89 ? 126 PRO A CA  1 
ATOM   1026 C  C   . PRO A 1 126 ? 15.415  3.179   12.113  1.00 22.37 ? 126 PRO A C   1 
ATOM   1027 O  O   . PRO A 1 126 ? 15.337  3.688   10.994  1.00 20.27 ? 126 PRO A O   1 
ATOM   1028 C  CB  . PRO A 1 126 ? 13.317  3.009   13.526  1.00 22.44 ? 126 PRO A CB  1 
ATOM   1029 C  CG  . PRO A 1 126 ? 12.773  1.911   14.391  1.00 21.14 ? 126 PRO A CG  1 
ATOM   1030 C  CD  . PRO A 1 126 ? 14.031  1.152   14.773  1.00 21.81 ? 126 PRO A CD  1 
ATOM   1031 N  N   . GLU A 1 127 ? 16.450  3.377   12.923  1.00 22.66 ? 127 GLU A N   1 
ATOM   1032 C  CA  . GLU A 1 127 ? 17.555  4.244   12.538  1.00 23.21 ? 127 GLU A CA  1 
ATOM   1033 C  C   . GLU A 1 127 ? 18.299  3.786   11.286  1.00 21.69 ? 127 GLU A C   1 
ATOM   1034 O  O   . GLU A 1 127 ? 18.928  4.597   10.606  1.00 21.84 ? 127 GLU A O   1 
ATOM   1035 C  CB  . GLU A 1 127 ? 18.542  4.380   13.702  1.00 25.43 ? 127 GLU A CB  1 
ATOM   1036 C  CG  . GLU A 1 127 ? 17.958  5.054   14.928  1.00 29.95 ? 127 GLU A CG  1 
ATOM   1037 C  CD  . GLU A 1 127 ? 17.368  6.415   14.611  1.00 32.86 ? 127 GLU A CD  1 
ATOM   1038 O  OE1 . GLU A 1 127 ? 18.100  7.270   14.066  1.00 35.18 ? 127 GLU A OE1 1 
ATOM   1039 O  OE2 . GLU A 1 127 ? 16.173  6.631   14.904  1.00 35.02 ? 127 GLU A OE2 1 
ATOM   1040 N  N   . THR A 1 128 ? 18.229  2.493   10.980  1.00 20.05 ? 128 THR A N   1 
ATOM   1041 C  CA  . THR A 1 128 ? 18.912  1.960   9.803   1.00 18.54 ? 128 THR A CA  1 
ATOM   1042 C  C   . THR A 1 128 ? 17.946  1.462   8.735   1.00 17.69 ? 128 THR A C   1 
ATOM   1043 O  O   . THR A 1 128 ? 18.358  0.792   7.791   1.00 17.70 ? 128 THR A O   1 
ATOM   1044 C  CB  . THR A 1 128 ? 19.854  0.794   10.179  1.00 19.91 ? 128 THR A CB  1 
ATOM   1045 O  OG1 . THR A 1 128 ? 19.110  -0.236  10.843  1.00 19.48 ? 128 THR A OG1 1 
ATOM   1046 C  CG2 . THR A 1 128 ? 20.967  1.281   11.092  1.00 20.16 ? 128 THR A CG2 1 
ATOM   1047 N  N   . LEU A 1 129 ? 16.666  1.799   8.877   1.00 15.62 ? 129 LEU A N   1 
ATOM   1048 C  CA  . LEU A 1 129 ? 15.653  1.360   7.921   1.00 15.16 ? 129 LEU A CA  1 
ATOM   1049 C  C   . LEU A 1 129 ? 16.017  1.708   6.479   1.00 14.34 ? 129 LEU A C   1 
ATOM   1050 O  O   . LEU A 1 129 ? 16.037  0.832   5.612   1.00 14.40 ? 129 LEU A O   1 
ATOM   1051 C  CB  . LEU A 1 129 ? 14.290  1.970   8.282   1.00 15.30 ? 129 LEU A CB  1 
ATOM   1052 C  CG  . LEU A 1 129 ? 13.034  1.594   7.475   1.00 14.93 ? 129 LEU A CG  1 
ATOM   1053 C  CD1 . LEU A 1 129 ? 13.062  2.255   6.097   1.00 15.38 ? 129 LEU A CD1 1 
ATOM   1054 C  CD2 . LEU A 1 129 ? 12.930  0.082   7.359   1.00 15.45 ? 129 LEU A CD2 1 
ATOM   1055 N  N   . ASN A 1 130 ? 16.291  2.983   6.221   1.00 14.16 ? 130 ASN A N   1 
ATOM   1056 C  CA  . ASN A 1 130 ? 16.635  3.413   4.869   1.00 14.07 ? 130 ASN A CA  1 
ATOM   1057 C  C   . ASN A 1 130 ? 17.805  2.617   4.307   1.00 13.48 ? 130 ASN A C   1 
ATOM   1058 O  O   . ASN A 1 130 ? 17.754  2.141   3.175   1.00 13.47 ? 130 ASN A O   1 
ATOM   1059 C  CB  . ASN A 1 130 ? 16.985  4.905   4.835   1.00 15.13 ? 130 ASN A CB  1 
ATOM   1060 C  CG  . ASN A 1 130 ? 15.815  5.797   5.205   1.00 15.00 ? 130 ASN A CG  1 
ATOM   1061 O  OD1 . ASN A 1 130 ? 14.656  5.466   4.946   1.00 16.50 ? 130 ASN A OD1 1 
ATOM   1062 N  ND2 . ASN A 1 130 ? 16.116  6.951   5.794   1.00 16.61 ? 130 ASN A ND2 1 
ATOM   1063 N  N   . ALA A 1 131 ? 18.858  2.471   5.106   1.00 12.75 ? 131 ALA A N   1 
ATOM   1064 C  CA  . ALA A 1 131 ? 20.044  1.740   4.681   1.00 14.41 ? 131 ALA A CA  1 
ATOM   1065 C  C   . ALA A 1 131 ? 19.762  0.267   4.395   1.00 14.52 ? 131 ALA A C   1 
ATOM   1066 O  O   . ALA A 1 131 ? 20.270  -0.286  3.423   1.00 15.69 ? 131 ALA A O   1 
ATOM   1067 C  CB  . ALA A 1 131 ? 21.138  1.867   5.735   1.00 14.09 ? 131 ALA A CB  1 
ATOM   1068 N  N   . ARG A 1 132 ? 18.956  -0.368  5.239   1.00 14.78 ? 132 ARG A N   1 
ATOM   1069 C  CA  . ARG A 1 132 ? 18.635  -1.777  5.046   1.00 14.04 ? 132 ARG A CA  1 
ATOM   1070 C  C   . ARG A 1 132 ? 17.769  -2.008  3.810   1.00 14.09 ? 132 ARG A C   1 
ATOM   1071 O  O   . ARG A 1 132 ? 17.922  -3.015  3.113   1.00 13.29 ? 132 ARG A O   1 
ATOM   1072 C  CB  . ARG A 1 132 ? 17.950  -2.338  6.297   1.00 13.83 ? 132 ARG A CB  1 
ATOM   1073 C  CG  . ARG A 1 132 ? 18.897  -2.461  7.486   1.00 14.87 ? 132 ARG A CG  1 
ATOM   1074 C  CD  . ARG A 1 132 ? 18.210  -3.035  8.714   1.00 16.35 ? 132 ARG A CD  1 
ATOM   1075 N  NE  . ARG A 1 132 ? 17.365  -2.067  9.408   1.00 16.40 ? 132 ARG A NE  1 
ATOM   1076 C  CZ  . ARG A 1 132 ? 16.042  -2.170  9.513   1.00 17.69 ? 132 ARG A CZ  1 
ATOM   1077 N  NH1 . ARG A 1 132 ? 15.412  -3.197  8.960   1.00 18.31 ? 132 ARG A NH1 1 
ATOM   1078 N  NH2 . ARG A 1 132 ? 15.354  -1.262  10.194  1.00 17.24 ? 132 ARG A NH2 1 
ATOM   1079 N  N   . ALA A 1 133 ? 16.867  -1.071  3.534   1.00 14.45 ? 133 ALA A N   1 
ATOM   1080 C  CA  . ALA A 1 133 ? 15.995  -1.179  2.369   1.00 15.25 ? 133 ALA A CA  1 
ATOM   1081 C  C   . ALA A 1 133 ? 16.816  -1.024  1.088   1.00 15.55 ? 133 ALA A C   1 
ATOM   1082 O  O   . ALA A 1 133 ? 16.639  -1.780  0.130   1.00 15.31 ? 133 ALA A O   1 
ATOM   1083 C  CB  . ALA A 1 133 ? 14.914  -0.111  2.428   1.00 16.46 ? 133 ALA A CB  1 
ATOM   1084 N  N   . LEU A 1 134 ? 17.709  -0.040  1.080   1.00 16.96 ? 134 LEU A N   1 
ATOM   1085 C  CA  . LEU A 1 134 ? 18.566  0.217   -0.073  1.00 19.64 ? 134 LEU A CA  1 
ATOM   1086 C  C   . LEU A 1 134 ? 19.442  -0.988  -0.395  1.00 20.75 ? 134 LEU A C   1 
ATOM   1087 O  O   . LEU A 1 134 ? 19.749  -1.248  -1.558  1.00 21.78 ? 134 LEU A O   1 
ATOM   1088 C  CB  . LEU A 1 134 ? 19.452  1.441   0.191   1.00 18.29 ? 134 LEU A CB  1 
ATOM   1089 C  CG  . LEU A 1 134 ? 18.711  2.780   0.219   1.00 16.78 ? 134 LEU A CG  1 
ATOM   1090 C  CD1 . LEU A 1 134 ? 19.631  3.882   0.703   1.00 17.12 ? 134 LEU A CD1 1 
ATOM   1091 C  CD2 . LEU A 1 134 ? 18.179  3.081   -1.177  1.00 18.07 ? 134 LEU A CD2 1 
ATOM   1092 N  N   . ALA A 1 135 ? 19.833  -1.724  0.640   1.00 22.53 ? 135 ALA A N   1 
ATOM   1093 C  CA  . ALA A 1 135 ? 20.678  -2.903  0.468   1.00 23.90 ? 135 ALA A CA  1 
ATOM   1094 C  C   . ALA A 1 135 ? 19.958  -4.048  -0.241  1.00 25.44 ? 135 ALA A C   1 
ATOM   1095 O  O   . ALA A 1 135 ? 20.600  -4.944  -0.789  1.00 26.19 ? 135 ALA A O   1 
ATOM   1096 C  CB  . ALA A 1 135 ? 21.194  -3.370  1.822   1.00 23.72 ? 135 ALA A CB  1 
ATOM   1097 N  N   . LEU A 1 136 ? 18.629  -4.019  -0.226  1.00 24.66 ? 136 LEU A N   1 
ATOM   1098 C  CA  . LEU A 1 136 ? 17.825  -5.056  -0.871  1.00 25.73 ? 136 LEU A CA  1 
ATOM   1099 C  C   . LEU A 1 136 ? 17.702  -4.834  -2.374  1.00 26.90 ? 136 LEU A C   1 
ATOM   1100 O  O   . LEU A 1 136 ? 17.292  -5.733  -3.110  1.00 27.83 ? 136 LEU A O   1 
ATOM   1101 C  CB  . LEU A 1 136 ? 16.416  -5.089  -0.273  1.00 24.40 ? 136 LEU A CB  1 
ATOM   1102 C  CG  . LEU A 1 136 ? 16.250  -5.485  1.193   1.00 24.00 ? 136 LEU A CG  1 
ATOM   1103 C  CD1 . LEU A 1 136 ? 14.775  -5.411  1.563   1.00 24.19 ? 136 LEU A CD1 1 
ATOM   1104 C  CD2 . LEU A 1 136 ? 16.784  -6.889  1.411   1.00 23.70 ? 136 LEU A CD2 1 
ATOM   1105 N  N   . LEU A 1 137 ? 18.050  -3.633  -2.823  1.00 27.89 ? 137 LEU A N   1 
ATOM   1106 C  CA  . LEU A 1 137 ? 17.958  -3.291  -4.238  1.00 29.42 ? 137 LEU A CA  1 
ATOM   1107 C  C   . LEU A 1 137 ? 19.289  -3.490  -4.962  1.00 31.15 ? 137 LEU A C   1 
ATOM   1108 O  O   . LEU A 1 137 ? 20.346  -3.123  -4.448  1.00 31.62 ? 137 LEU A O   1 
ATOM   1109 C  CB  . LEU A 1 137 ? 17.490  -1.839  -4.379  1.00 28.36 ? 137 LEU A CB  1 
ATOM   1110 C  CG  . LEU A 1 137 ? 16.281  -1.476  -3.508  1.00 28.24 ? 137 LEU A CG  1 
ATOM   1111 C  CD1 . LEU A 1 137 ? 15.907  -0.017  -3.727  1.00 27.95 ? 137 LEU A CD1 1 
ATOM   1112 C  CD2 . LEU A 1 137 ? 15.113  -2.388  -3.845  1.00 27.89 ? 137 LEU A CD2 1 
ATOM   1113 N  N   . SER A 1 138 ? 19.230  -4.070  -6.159  1.00 32.56 ? 138 SER A N   1 
ATOM   1114 C  CA  . SER A 1 138 ? 20.433  -4.326  -6.947  1.00 33.98 ? 138 SER A CA  1 
ATOM   1115 C  C   . SER A 1 138 ? 21.028  -3.038  -7.501  1.00 35.60 ? 138 SER A C   1 
ATOM   1116 O  O   . SER A 1 138 ? 20.329  -2.036  -7.664  1.00 36.58 ? 138 SER A O   1 
ATOM   1117 C  CB  . SER A 1 138 ? 20.120  -5.281  -8.105  1.00 33.64 ? 138 SER A CB  1 
ATOM   1118 O  OG  . SER A 1 138 ? 19.308  -4.656  -9.084  1.00 33.53 ? 138 SER A OG  1 
ATOM   1119 N  N   . ASP A 1 139 ? 22.325  -3.071  -7.793  1.00 37.42 ? 139 ASP A N   1 
ATOM   1120 C  CA  . ASP A 1 139 ? 23.018  -1.908  -8.331  1.00 39.04 ? 139 ASP A CA  1 
ATOM   1121 C  C   . ASP A 1 139 ? 22.434  -1.529  -9.686  1.00 38.54 ? 139 ASP A C   1 
ATOM   1122 O  O   . ASP A 1 139 ? 22.210  -0.353  -9.972  1.00 38.96 ? 139 ASP A O   1 
ATOM   1123 C  CB  . ASP A 1 139 ? 24.512  -2.205  -8.477  1.00 41.31 ? 139 ASP A CB  1 
ATOM   1124 C  CG  . ASP A 1 139 ? 25.148  -2.643  -7.171  1.00 43.81 ? 139 ASP A CG  1 
ATOM   1125 O  OD1 . ASP A 1 139 ? 25.021  -1.906  -6.168  1.00 45.84 ? 139 ASP A OD1 1 
ATOM   1126 O  OD2 . ASP A 1 139 ? 25.779  -3.721  -7.147  1.00 45.09 ? 139 ASP A OD2 1 
ATOM   1127 N  N   . GLU A 1 140 ? 22.189  -2.535  -10.518 1.00 38.43 ? 140 GLU A N   1 
ATOM   1128 C  CA  . GLU A 1 140 ? 21.624  -2.312  -11.842 1.00 37.82 ? 140 GLU A CA  1 
ATOM   1129 C  C   . GLU A 1 140 ? 20.259  -1.636  -11.744 1.00 36.79 ? 140 GLU A C   1 
ATOM   1130 O  O   . GLU A 1 140 ? 19.979  -0.672  -12.455 1.00 36.28 ? 140 GLU A O   1 
ATOM   1131 C  CB  . GLU A 1 140 ? 21.496  -3.644  -12.585 1.00 39.31 ? 140 GLU A CB  1 
ATOM   1132 C  CG  . GLU A 1 140 ? 20.704  -3.570  -13.879 1.00 42.05 ? 140 GLU A CG  1 
ATOM   1133 C  CD  . GLU A 1 140 ? 20.736  -4.873  -14.655 1.00 43.82 ? 140 GLU A CD  1 
ATOM   1134 O  OE1 . GLU A 1 140 ? 20.484  -5.935  -14.046 1.00 44.96 ? 140 GLU A OE1 1 
ATOM   1135 O  OE2 . GLU A 1 140 ? 21.007  -4.833  -15.874 1.00 44.39 ? 140 GLU A OE2 1 
ATOM   1136 N  N   . GLY A 1 141 ? 19.416  -2.145  -10.852 1.00 35.69 ? 141 GLY A N   1 
ATOM   1137 C  CA  . GLY A 1 141 ? 18.090  -1.580  -10.681 1.00 34.65 ? 141 GLY A CA  1 
ATOM   1138 C  C   . GLY A 1 141 ? 18.111  -0.119  -10.273 1.00 33.50 ? 141 GLY A C   1 
ATOM   1139 O  O   . GLY A 1 141 ? 17.438  0.709   -10.883 1.00 32.74 ? 141 GLY A O   1 
ATOM   1140 N  N   . LEU A 1 142 ? 18.885  0.194   -9.239  1.00 33.95 ? 142 LEU A N   1 
ATOM   1141 C  CA  . LEU A 1 142 ? 18.995  1.561   -8.738  1.00 34.77 ? 142 LEU A CA  1 
ATOM   1142 C  C   . LEU A 1 142 ? 19.511  2.539   -9.788  1.00 35.37 ? 142 LEU A C   1 
ATOM   1143 O  O   . LEU A 1 142 ? 19.131  3.709   -9.796  1.00 35.65 ? 142 LEU A O   1 
ATOM   1144 C  CB  . LEU A 1 142 ? 19.922  1.607   -7.519  1.00 35.52 ? 142 LEU A CB  1 
ATOM   1145 C  CG  . LEU A 1 142 ? 19.407  1.014   -6.205  1.00 35.55 ? 142 LEU A CG  1 
ATOM   1146 C  CD1 . LEU A 1 142 ? 20.509  1.060   -5.159  1.00 36.71 ? 142 LEU A CD1 1 
ATOM   1147 C  CD2 . LEU A 1 142 ? 18.191  1.792   -5.734  1.00 36.08 ? 142 LEU A CD2 1 
ATOM   1148 N  N   . SER A 1 143 ? 20.379  2.058   -10.672 1.00 35.46 ? 143 SER A N   1 
ATOM   1149 C  CA  . SER A 1 143 ? 20.951  2.904   -11.713 1.00 35.86 ? 143 SER A CA  1 
ATOM   1150 C  C   . SER A 1 143 ? 20.112  2.968   -12.989 1.00 34.99 ? 143 SER A C   1 
ATOM   1151 O  O   . SER A 1 143 ? 20.399  3.764   -13.884 1.00 34.07 ? 143 SER A O   1 
ATOM   1152 C  CB  . SER A 1 143 ? 22.367  2.427   -12.048 1.00 36.46 ? 143 SER A CB  1 
ATOM   1153 O  OG  . SER A 1 143 ? 22.374  1.048   -12.369 1.00 37.70 ? 143 SER A OG  1 
ATOM   1154 N  N   . LEU A 1 144 ? 19.076  2.138   -13.074 1.00 34.39 ? 144 LEU A N   1 
ATOM   1155 C  CA  . LEU A 1 144 ? 18.214  2.128   -14.252 1.00 33.79 ? 144 LEU A CA  1 
ATOM   1156 C  C   . LEU A 1 144 ? 17.455  3.444   -14.394 1.00 34.59 ? 144 LEU A C   1 
ATOM   1157 O  O   . LEU A 1 144 ? 17.048  4.050   -13.403 1.00 34.60 ? 144 LEU A O   1 
ATOM   1158 C  CB  . LEU A 1 144 ? 17.208  0.975   -14.172 1.00 33.91 ? 144 LEU A CB  1 
ATOM   1159 C  CG  . LEU A 1 144 ? 17.747  -0.453  -14.274 1.00 33.82 ? 144 LEU A CG  1 
ATOM   1160 C  CD1 . LEU A 1 144 ? 16.609  -1.442  -14.060 1.00 33.53 ? 144 LEU A CD1 1 
ATOM   1161 C  CD2 . LEU A 1 144 ? 18.397  -0.666  -15.636 1.00 34.07 ? 144 LEU A CD2 1 
ATOM   1162 N  N   . PRO A 1 145 ? 17.261  3.909   -15.638 1.00 34.71 ? 145 PRO A N   1 
ATOM   1163 C  CA  . PRO A 1 145 ? 16.536  5.164   -15.856 1.00 34.31 ? 145 PRO A CA  1 
ATOM   1164 C  C   . PRO A 1 145 ? 15.050  4.987   -15.552 1.00 33.26 ? 145 PRO A C   1 
ATOM   1165 O  O   . PRO A 1 145 ? 14.508  3.890   -15.687 1.00 33.57 ? 145 PRO A O   1 
ATOM   1166 C  CB  . PRO A 1 145 ? 16.802  5.459   -17.328 1.00 35.25 ? 145 PRO A CB  1 
ATOM   1167 C  CG  . PRO A 1 145 ? 16.881  4.085   -17.926 1.00 35.60 ? 145 PRO A CG  1 
ATOM   1168 C  CD  . PRO A 1 145 ? 17.734  3.346   -16.916 1.00 35.16 ? 145 PRO A CD  1 
ATOM   1169 N  N   . GLY A 1 146 ? 14.394  6.067   -15.140 1.00 32.16 ? 146 GLY A N   1 
ATOM   1170 C  CA  . GLY A 1 146 ? 12.980  5.986   -14.827 1.00 30.22 ? 146 GLY A CA  1 
ATOM   1171 C  C   . GLY A 1 146 ? 12.739  5.537   -13.399 1.00 29.05 ? 146 GLY A C   1 
ATOM   1172 O  O   . GLY A 1 146 ? 11.678  5.800   -12.833 1.00 29.58 ? 146 GLY A O   1 
ATOM   1173 N  N   . ILE A 1 147 ? 13.725  4.854   -12.820 1.00 27.07 ? 147 ILE A N   1 
ATOM   1174 C  CA  . ILE A 1 147 ? 13.637  4.374   -11.446 1.00 24.72 ? 147 ILE A CA  1 
ATOM   1175 C  C   . ILE A 1 147 ? 14.196  5.426   -10.494 1.00 23.82 ? 147 ILE A C   1 
ATOM   1176 O  O   . ILE A 1 147 ? 15.270  5.980   -10.732 1.00 22.08 ? 147 ILE A O   1 
ATOM   1177 C  CB  . ILE A 1 147 ? 14.444  3.069   -11.254 1.00 25.24 ? 147 ILE A CB  1 
ATOM   1178 C  CG1 . ILE A 1 147 ? 13.807  1.938   -12.065 1.00 24.26 ? 147 ILE A CG1 1 
ATOM   1179 C  CG2 . ILE A 1 147 ? 14.512  2.705   -9.775  1.00 24.79 ? 147 ILE A CG2 1 
ATOM   1180 C  CD1 . ILE A 1 147 ? 12.373  1.627   -11.670 1.00 24.57 ? 147 ILE A CD1 1 
ATOM   1181 N  N   . SER A 1 148 ? 13.464  5.700   -9.419  1.00 21.01 ? 148 SER A N   1 
ATOM   1182 C  CA  . SER A 1 148 ? 13.903  6.681   -8.437  1.00 19.84 ? 148 SER A CA  1 
ATOM   1183 C  C   . SER A 1 148 ? 13.623  6.202   -7.022  1.00 19.68 ? 148 SER A C   1 
ATOM   1184 O  O   . SER A 1 148 ? 12.758  5.356   -6.795  1.00 18.22 ? 148 SER A O   1 
ATOM   1185 C  CB  . SER A 1 148 ? 13.219  8.032   -8.681  1.00 20.74 ? 148 SER A CB  1 
ATOM   1186 O  OG  . SER A 1 148 ? 11.811  7.915   -8.644  1.00 24.17 ? 148 SER A OG  1 
ATOM   1187 N  N   . VAL A 1 149 ? 14.377  6.745   -6.074  1.00 18.76 ? 149 VAL A N   1 
ATOM   1188 C  CA  . VAL A 1 149 ? 14.239  6.382   -4.673  1.00 18.49 ? 149 VAL A CA  1 
ATOM   1189 C  C   . VAL A 1 149 ? 14.137  7.644   -3.831  1.00 17.66 ? 149 VAL A C   1 
ATOM   1190 O  O   . VAL A 1 149 ? 14.768  8.653   -4.136  1.00 16.79 ? 149 VAL A O   1 
ATOM   1191 C  CB  . VAL A 1 149 ? 15.457  5.564   -4.196  1.00 19.92 ? 149 VAL A CB  1 
ATOM   1192 C  CG1 . VAL A 1 149 ? 15.282  5.161   -2.739  1.00 19.87 ? 149 VAL A CG1 1 
ATOM   1193 C  CG2 . VAL A 1 149 ? 15.636  4.339   -5.077  1.00 21.64 ? 149 VAL A CG2 1 
ATOM   1194 N  N   . LYS A 1 150 ? 13.340  7.587   -2.772  1.00 17.33 ? 150 LYS A N   1 
ATOM   1195 C  CA  . LYS A 1 150 ? 13.176  8.735   -1.896  1.00 17.50 ? 150 LYS A CA  1 
ATOM   1196 C  C   . LYS A 1 150 ? 12.851  8.305   -0.475  1.00 18.16 ? 150 LYS A C   1 
ATOM   1197 O  O   . LYS A 1 150 ? 12.467  7.160   -0.227  1.00 14.18 ? 150 LYS A O   1 
ATOM   1198 C  CB  . LYS A 1 150 ? 12.056  9.640   -2.407  1.00 20.82 ? 150 LYS A CB  1 
ATOM   1199 C  CG  . LYS A 1 150 ? 10.692  8.980   -2.391  1.00 22.57 ? 150 LYS A CG  1 
ATOM   1200 C  CD  . LYS A 1 150 ? 9.572   9.976   -2.667  1.00 26.08 ? 150 LYS A CD  1 
ATOM   1201 C  CE  . LYS A 1 150 ? 9.664   10.562  -4.062  1.00 27.74 ? 150 LYS A CE  1 
ATOM   1202 N  NZ  . LYS A 1 150 ? 8.525   11.485  -4.328  1.00 31.01 ? 150 LYS A NZ  1 
ATOM   1203 N  N   . THR A 1 151 ? 13.007  9.240   0.452   1.00 18.30 ? 151 THR A N   1 
ATOM   1204 C  CA  . THR A 1 151 ? 12.716  8.988   1.856   1.00 20.09 ? 151 THR A CA  1 
ATOM   1205 C  C   . THR A 1 151 ? 11.529  9.851   2.261   1.00 21.63 ? 151 THR A C   1 
ATOM   1206 O  O   . THR A 1 151 ? 11.131  10.749  1.517   1.00 22.54 ? 151 THR A O   1 
ATOM   1207 C  CB  . THR A 1 151 ? 13.922  9.336   2.732   1.00 19.34 ? 151 THR A CB  1 
ATOM   1208 O  OG1 . THR A 1 151 ? 14.440  10.614  2.336   1.00 17.30 ? 151 THR A OG1 1 
ATOM   1209 C  CG2 . THR A 1 151 ? 15.001  8.273   2.593   1.00 17.83 ? 151 THR A CG2 1 
ATOM   1210 N  N   . SER A 1 152 ? 10.961  9.584   3.433   1.00 22.35 ? 152 SER A N   1 
ATOM   1211 C  CA  . SER A 1 152 ? 9.805   10.347  3.893   1.00 25.03 ? 152 SER A CA  1 
ATOM   1212 C  C   . SER A 1 152 ? 10.200  11.572  4.711   1.00 26.31 ? 152 SER A C   1 
ATOM   1213 O  O   . SER A 1 152 ? 11.281  11.546  5.332   1.00 26.66 ? 152 SER A O   1 
ATOM   1214 C  CB  . SER A 1 152 ? 8.887   9.447   4.723   1.00 25.86 ? 152 SER A CB  1 
ATOM   1215 O  OG  . SER A 1 152 ? 9.588   8.877   5.816   1.00 25.66 ? 152 SER A OG  1 
ATOM   1216 N  N   . ARG A 1 160 ? 4.226   8.199   19.935  1.00 35.00 ? 160 ARG A N   1 
ATOM   1217 C  CA  . ARG A 1 160 ? 4.388   7.843   18.496  1.00 34.30 ? 160 ARG A CA  1 
ATOM   1218 C  C   . ARG A 1 160 ? 5.714   7.120   18.262  1.00 32.77 ? 160 ARG A C   1 
ATOM   1219 O  O   . ARG A 1 160 ? 6.582   7.090   19.138  1.00 34.13 ? 160 ARG A O   1 
ATOM   1220 C  CB  . ARG A 1 160 ? 4.309   9.108   17.629  1.00 35.13 ? 160 ARG A CB  1 
ATOM   1221 C  CG  . ARG A 1 160 ? 5.431   10.110  17.864  1.00 38.54 ? 160 ARG A CG  1 
ATOM   1222 C  CD  . ARG A 1 160 ? 6.683   9.739   17.082  1.00 39.80 ? 160 ARG A CD  1 
ATOM   1223 N  NE  . ARG A 1 160 ? 7.855   10.489  17.526  1.00 41.77 ? 160 ARG A NE  1 
ATOM   1224 C  CZ  . ARG A 1 160 ? 9.054   10.404  16.959  1.00 42.44 ? 160 ARG A CZ  1 
ATOM   1225 N  NH1 . ARG A 1 160 ? 9.241   9.603   15.918  1.00 42.90 ? 160 ARG A NH1 1 
ATOM   1226 N  NH2 . ARG A 1 160 ? 10.070  11.111  17.438  1.00 42.99 ? 160 ARG A NH2 1 
ATOM   1227 N  N   . LEU A 1 161 ? 5.864   6.543   17.075  1.00 29.39 ? 161 LEU A N   1 
ATOM   1228 C  CA  . LEU A 1 161 ? 7.068   5.806   16.715  1.00 26.32 ? 161 LEU A CA  1 
ATOM   1229 C  C   . LEU A 1 161 ? 7.704   6.360   15.449  1.00 24.74 ? 161 LEU A C   1 
ATOM   1230 O  O   . LEU A 1 161 ? 7.001   6.731   14.509  1.00 24.73 ? 161 LEU A O   1 
ATOM   1231 C  CB  . LEU A 1 161 ? 6.723   4.339   16.465  1.00 26.19 ? 161 LEU A CB  1 
ATOM   1232 C  CG  . LEU A 1 161 ? 6.107   3.527   17.599  1.00 24.97 ? 161 LEU A CG  1 
ATOM   1233 C  CD1 . LEU A 1 161 ? 5.532   2.240   17.032  1.00 24.74 ? 161 LEU A CD1 1 
ATOM   1234 C  CD2 . LEU A 1 161 ? 7.162   3.245   18.659  1.00 26.77 ? 161 LEU A CD2 1 
ATOM   1235 N  N   . PRO A 1 162 ? 9.045   6.431   15.409  1.00 22.75 ? 162 PRO A N   1 
ATOM   1236 C  CA  . PRO A 1 162 ? 9.706   6.946   14.207  1.00 21.16 ? 162 PRO A CA  1 
ATOM   1237 C  C   . PRO A 1 162 ? 9.338   5.993   13.077  1.00 20.17 ? 162 PRO A C   1 
ATOM   1238 O  O   . PRO A 1 162 ? 9.533   4.783   13.193  1.00 18.19 ? 162 PRO A O   1 
ATOM   1239 C  CB  . PRO A 1 162 ? 11.184  6.874   14.572  1.00 21.25 ? 162 PRO A CB  1 
ATOM   1240 C  CG  . PRO A 1 162 ? 11.168  7.113   16.052  1.00 23.12 ? 162 PRO A CG  1 
ATOM   1241 C  CD  . PRO A 1 162 ? 10.021  6.231   16.496  1.00 23.50 ? 162 PRO A CD  1 
ATOM   1242 N  N   . ASN A 1 163 ? 8.805   6.533   11.988  1.00 18.98 ? 163 ASN A N   1 
ATOM   1243 C  CA  . ASN A 1 163 ? 8.383   5.686   10.884  1.00 18.55 ? 163 ASN A CA  1 
ATOM   1244 C  C   . ASN A 1 163 ? 9.051   6.026   9.555   1.00 17.89 ? 163 ASN A C   1 
ATOM   1245 O  O   . ASN A 1 163 ? 8.372   6.296   8.557   1.00 18.44 ? 163 ASN A O   1 
ATOM   1246 C  CB  . ASN A 1 163 ? 6.856   5.764   10.755  1.00 19.01 ? 163 ASN A CB  1 
ATOM   1247 C  CG  . ASN A 1 163 ? 6.300   4.782   9.745   1.00 21.10 ? 163 ASN A CG  1 
ATOM   1248 O  OD1 . ASN A 1 163 ? 6.611   3.587   9.779   1.00 19.23 ? 163 ASN A OD1 1 
ATOM   1249 N  ND2 . ASN A 1 163 ? 5.459   5.280   8.845   1.00 22.11 ? 163 ASN A ND2 1 
ATOM   1250 N  N   . PRO A 1 164 ? 10.395  6.011   9.520   1.00 16.69 ? 164 PRO A N   1 
ATOM   1251 C  CA  . PRO A 1 164 ? 11.093  6.325   8.270   1.00 17.27 ? 164 PRO A CA  1 
ATOM   1252 C  C   . PRO A 1 164 ? 10.624  5.363   7.185   1.00 16.59 ? 164 PRO A C   1 
ATOM   1253 O  O   . PRO A 1 164 ? 10.542  4.155   7.404   1.00 16.43 ? 164 PRO A O   1 
ATOM   1254 C  CB  . PRO A 1 164 ? 12.567  6.144   8.641   1.00 17.68 ? 164 PRO A CB  1 
ATOM   1255 C  CG  . PRO A 1 164 ? 12.522  5.096   9.709   1.00 17.41 ? 164 PRO A CG  1 
ATOM   1256 C  CD  . PRO A 1 164 ? 11.344  5.544   10.547  1.00 17.22 ? 164 PRO A CD  1 
ATOM   1257 N  N   . THR A 1 165 ? 10.302  5.912   6.020   1.00 15.96 ? 165 THR A N   1 
ATOM   1258 C  CA  . THR A 1 165 ? 9.808   5.106   4.918   1.00 15.04 ? 165 THR A CA  1 
ATOM   1259 C  C   . THR A 1 165 ? 10.631  5.330   3.657   1.00 14.16 ? 165 THR A C   1 
ATOM   1260 O  O   . THR A 1 165 ? 10.753  6.455   3.174   1.00 17.04 ? 165 THR A O   1 
ATOM   1261 C  CB  . THR A 1 165 ? 8.329   5.442   4.644   1.00 15.72 ? 165 THR A CB  1 
ATOM   1262 O  OG1 . THR A 1 165 ? 7.572   5.277   5.851   1.00 14.78 ? 165 THR A OG1 1 
ATOM   1263 C  CG2 . THR A 1 165 ? 7.764   4.536   3.570   1.00 14.96 ? 165 THR A CG2 1 
ATOM   1264 N  N   . LEU A 1 166 ? 11.212  4.252   3.143   1.00 13.09 ? 166 LEU A N   1 
ATOM   1265 C  CA  . LEU A 1 166 ? 12.021  4.309   1.931   1.00 12.54 ? 166 LEU A CA  1 
ATOM   1266 C  C   . LEU A 1 166 ? 11.104  3.865   0.789   1.00 12.16 ? 166 LEU A C   1 
ATOM   1267 O  O   . LEU A 1 166 ? 10.499  2.797   0.856   1.00 13.75 ? 166 LEU A O   1 
ATOM   1268 C  CB  . LEU A 1 166 ? 13.219  3.364   2.065   1.00 14.75 ? 166 LEU A CB  1 
ATOM   1269 C  CG  . LEU A 1 166 ? 14.394  3.439   1.080   1.00 16.21 ? 166 LEU A CG  1 
ATOM   1270 C  CD1 . LEU A 1 166 ? 13.987  2.937   -0.293  1.00 18.34 ? 166 LEU A CD1 1 
ATOM   1271 C  CD2 . LEU A 1 166 ? 14.905  4.872   1.020   1.00 17.75 ? 166 LEU A CD2 1 
ATOM   1272 N  N   . ALA A 1 167 ? 10.990  4.693   -0.245  1.00 11.34 ? 167 ALA A N   1 
ATOM   1273 C  CA  . ALA A 1 167 ? 10.130  4.381   -1.381  1.00 12.16 ? 167 ALA A CA  1 
ATOM   1274 C  C   . ALA A 1 167 ? 10.910  4.308   -2.685  1.00 13.10 ? 167 ALA A C   1 
ATOM   1275 O  O   . ALA A 1 167 ? 11.701  5.196   -2.992  1.00 14.59 ? 167 ALA A O   1 
ATOM   1276 C  CB  . ALA A 1 167 ? 9.028   5.435   -1.504  1.00 11.26 ? 167 ALA A CB  1 
ATOM   1277 N  N   . VAL A 1 168 ? 10.696  3.235   -3.436  1.00 12.93 ? 168 VAL A N   1 
ATOM   1278 C  CA  . VAL A 1 168 ? 11.347  3.061   -4.731  1.00 14.83 ? 168 VAL A CA  1 
ATOM   1279 C  C   . VAL A 1 168 ? 10.215  3.059   -5.754  1.00 15.21 ? 168 VAL A C   1 
ATOM   1280 O  O   . VAL A 1 168 ? 9.173   2.442   -5.529  1.00 15.40 ? 168 VAL A O   1 
ATOM   1281 C  CB  . VAL A 1 168 ? 12.155  1.744   -4.790  1.00 14.54 ? 168 VAL A CB  1 
ATOM   1282 C  CG1 . VAL A 1 168 ? 11.264  0.561   -4.463  1.00 13.42 ? 168 VAL A CG1 1 
ATOM   1283 C  CG2 . VAL A 1 168 ? 12.790  1.592   -6.167  1.00 15.57 ? 168 VAL A CG2 1 
ATOM   1284 N  N   . THR A 1 169 ? 10.414  3.748   -6.874  1.00 14.91 ? 169 THR A N   1 
ATOM   1285 C  CA  . THR A 1 169 ? 9.362   3.866   -7.880  1.00 16.07 ? 169 THR A CA  1 
ATOM   1286 C  C   . THR A 1 169 ? 9.847   3.927   -9.323  1.00 18.55 ? 169 THR A C   1 
ATOM   1287 O  O   . THR A 1 169 ? 11.033  4.131   -9.590  1.00 18.23 ? 169 THR A O   1 
ATOM   1288 C  CB  . THR A 1 169 ? 8.531   5.138   -7.617  1.00 16.51 ? 169 THR A CB  1 
ATOM   1289 O  OG1 . THR A 1 169 ? 7.500   5.263   -8.601  1.00 19.17 ? 169 THR A OG1 1 
ATOM   1290 C  CG2 . THR A 1 169 ? 9.420   6.369   -7.683  1.00 20.20 ? 169 THR A CG2 1 
ATOM   1291 N  N   . ASP A 1 170 ? 8.909   3.761   -10.251 1.00 18.49 ? 170 ASP A N   1 
ATOM   1292 C  CA  . ASP A 1 170 ? 9.212   3.826   -11.675 1.00 20.74 ? 170 ASP A CA  1 
ATOM   1293 C  C   . ASP A 1 170 ? 8.476   5.040   -12.238 1.00 22.01 ? 170 ASP A C   1 
ATOM   1294 O  O   . ASP A 1 170 ? 8.525   5.315   -13.435 1.00 23.27 ? 170 ASP A O   1 
ATOM   1295 C  CB  . ASP A 1 170 ? 8.740   2.552   -12.379 1.00 20.72 ? 170 ASP A CB  1 
ATOM   1296 C  CG  . ASP A 1 170 ? 7.234   2.497   -12.532 1.00 19.00 ? 170 ASP A CG  1 
ATOM   1297 O  OD1 . ASP A 1 170 ? 6.525   2.953   -11.614 1.00 18.95 ? 170 ASP A OD1 1 
ATOM   1298 O  OD2 . ASP A 1 170 ? 6.761   1.985   -13.568 1.00 19.99 ? 170 ASP A OD2 1 
ATOM   1299 N  N   . GLY A 1 171 ? 7.798   5.765   -11.353 1.00 22.23 ? 171 GLY A N   1 
ATOM   1300 C  CA  . GLY A 1 171 ? 7.053   6.941   -11.765 1.00 24.43 ? 171 GLY A CA  1 
ATOM   1301 C  C   . GLY A 1 171 ? 5.575   6.829   -11.437 1.00 23.56 ? 171 GLY A C   1 
ATOM   1302 O  O   . GLY A 1 171 ? 4.911   7.839   -11.181 1.00 25.66 ? 171 GLY A O   1 
ATOM   1303 N  N   . LYS A 1 172 ? 5.056   5.601   -11.447 1.00 22.28 ? 172 LYS A N   1 
ATOM   1304 C  CA  . LYS A 1 172 ? 3.645   5.364   -11.148 1.00 20.21 ? 172 LYS A CA  1 
ATOM   1305 C  C   . LYS A 1 172 ? 3.392   4.224   -10.172 1.00 17.28 ? 172 LYS A C   1 
ATOM   1306 O  O   . LYS A 1 172 ? 2.410   4.250   -9.436  1.00 17.77 ? 172 LYS A O   1 
ATOM   1307 C  CB  . LYS A 1 172 ? 2.860   5.119   -12.435 1.00 24.98 ? 172 LYS A CB  1 
ATOM   1308 C  CG  . LYS A 1 172 ? 3.613   4.365   -13.502 1.00 27.84 ? 172 LYS A CG  1 
ATOM   1309 C  CD  . LYS A 1 172 ? 3.203   4.892   -14.862 1.00 29.61 ? 172 LYS A CD  1 
ATOM   1310 C  CE  . LYS A 1 172 ? 3.472   6.387   -14.944 1.00 32.71 ? 172 LYS A CE  1 
ATOM   1311 N  NZ  . LYS A 1 172 ? 2.937   6.990   -16.185 1.00 32.25 ? 172 LYS A NZ  1 
ATOM   1312 N  N   . THR A 1 173 ? 4.258   3.220   -10.181 1.00 14.36 ? 173 THR A N   1 
ATOM   1313 C  CA  . THR A 1 173 ? 4.122   2.092   -9.261  1.00 12.50 ? 173 THR A CA  1 
ATOM   1314 C  C   . THR A 1 173 ? 5.210   2.210   -8.210  1.00 12.98 ? 173 THR A C   1 
ATOM   1315 O  O   . THR A 1 173 ? 6.385   2.388   -8.539  1.00 14.37 ? 173 THR A O   1 
ATOM   1316 C  CB  . THR A 1 173 ? 4.260   0.753   -9.995  1.00 10.93 ? 173 THR A CB  1 
ATOM   1317 O  OG1 . THR A 1 173 ? 3.193   0.636   -10.945 1.00 10.01 ? 173 THR A OG1 1 
ATOM   1318 C  CG2 . THR A 1 173 ? 4.201   -0.415  -9.008  1.00 10.60 ? 173 THR A CG2 1 
ATOM   1319 N  N   . THR A 1 174 ? 4.824   2.084   -6.946  1.00 11.07 ? 174 THR A N   1 
ATOM   1320 C  CA  . THR A 1 174 ? 5.786   2.231   -5.865  1.00 10.84 ? 174 THR A CA  1 
ATOM   1321 C  C   . THR A 1 174 ? 5.771   1.126   -4.813  1.00 11.20 ? 174 THR A C   1 
ATOM   1322 O  O   . THR A 1 174 ? 4.732   0.534   -4.507  1.00 11.22 ? 174 THR A O   1 
ATOM   1323 C  CB  . THR A 1 174 ? 5.575   3.587   -5.158  1.00 10.45 ? 174 THR A CB  1 
ATOM   1324 O  OG1 . THR A 1 174 ? 5.846   4.653   -6.078  1.00 12.13 ? 174 THR A OG1 1 
ATOM   1325 C  CG2 . THR A 1 174 ? 6.491   3.721   -3.948  1.00 10.17 ? 174 THR A CG2 1 
ATOM   1326 N  N   . ILE A 1 175 ? 6.955   0.848   -4.275  1.00 10.45 ? 175 ILE A N   1 
ATOM   1327 C  CA  . ILE A 1 175 ? 7.115   -0.139  -3.225  1.00 9.14  ? 175 ILE A CA  1 
ATOM   1328 C  C   . ILE A 1 175 ? 7.820   0.606   -2.099  1.00 9.79  ? 175 ILE A C   1 
ATOM   1329 O  O   . ILE A 1 175 ? 8.872   1.210   -2.309  1.00 10.37 ? 175 ILE A O   1 
ATOM   1330 C  CB  . ILE A 1 175 ? 7.988   -1.321  -3.687  1.00 10.37 ? 175 ILE A CB  1 
ATOM   1331 C  CG1 . ILE A 1 175 ? 7.255   -2.106  -4.779  1.00 10.97 ? 175 ILE A CG1 1 
ATOM   1332 C  CG2 . ILE A 1 175 ? 8.304   -2.232  -2.502  1.00 12.06 ? 175 ILE A CG2 1 
ATOM   1333 C  CD1 . ILE A 1 175 ? 8.109   -3.153  -5.454  1.00 14.94 ? 175 ILE A CD1 1 
ATOM   1334 N  N   . LYS A 1 176 ? 7.217   0.598   -0.916  1.00 8.36  ? 176 LYS A N   1 
ATOM   1335 C  CA  . LYS A 1 176 ? 7.802   1.285   0.226   1.00 8.56  ? 176 LYS A CA  1 
ATOM   1336 C  C   . LYS A 1 176 ? 8.160   0.298   1.323   1.00 10.49 ? 176 LYS A C   1 
ATOM   1337 O  O   . LYS A 1 176 ? 7.580   -0.787  1.422   1.00 11.32 ? 176 LYS A O   1 
ATOM   1338 C  CB  . LYS A 1 176 ? 6.833   2.330   0.782   1.00 11.21 ? 176 LYS A CB  1 
ATOM   1339 C  CG  . LYS A 1 176 ? 6.378   3.366   -0.233  1.00 10.84 ? 176 LYS A CG  1 
ATOM   1340 C  CD  . LYS A 1 176 ? 5.598   4.480   0.433   1.00 11.84 ? 176 LYS A CD  1 
ATOM   1341 C  CE  . LYS A 1 176 ? 5.089   5.484   -0.589  1.00 14.90 ? 176 LYS A CE  1 
ATOM   1342 N  NZ  . LYS A 1 176 ? 4.559   6.716   0.061   1.00 15.76 ? 176 LYS A NZ  1 
ATOM   1343 N  N   . PHE A 1 177 ? 9.122   0.692   2.144   1.00 9.98  ? 177 PHE A N   1 
ATOM   1344 C  CA  . PHE A 1 177 ? 9.587   -0.122  3.258   1.00 9.38  ? 177 PHE A CA  1 
ATOM   1345 C  C   . PHE A 1 177 ? 9.593   0.762   4.500   1.00 9.17  ? 177 PHE A C   1 
ATOM   1346 O  O   . PHE A 1 177 ? 9.959   1.936   4.422   1.00 11.18 ? 177 PHE A O   1 
ATOM   1347 C  CB  . PHE A 1 177 ? 11.026  -0.589  3.011   1.00 11.15 ? 177 PHE A CB  1 
ATOM   1348 C  CG  . PHE A 1 177 ? 11.214  -1.367  1.741   1.00 10.02 ? 177 PHE A CG  1 
ATOM   1349 C  CD1 . PHE A 1 177 ? 11.074  -2.750  1.728   1.00 12.66 ? 177 PHE A CD1 1 
ATOM   1350 C  CD2 . PHE A 1 177 ? 11.537  -0.716  0.557   1.00 12.51 ? 177 PHE A CD2 1 
ATOM   1351 C  CE1 . PHE A 1 177 ? 11.258  -3.476  0.549   1.00 13.45 ? 177 PHE A CE1 1 
ATOM   1352 C  CE2 . PHE A 1 177 ? 11.720  -1.433  -0.627  1.00 11.47 ? 177 PHE A CE2 1 
ATOM   1353 C  CZ  . PHE A 1 177 ? 11.581  -2.812  -0.629  1.00 12.77 ? 177 PHE A CZ  1 
ATOM   1354 N  N   . HIS A 1 178 ? 9.168   0.213   5.632   1.00 9.58  ? 178 HIS A N   1 
ATOM   1355 C  CA  . HIS A 1 178 ? 9.208   0.954   6.889   1.00 10.76 ? 178 HIS A CA  1 
ATOM   1356 C  C   . HIS A 1 178 ? 9.366   -0.025  8.056   1.00 11.48 ? 178 HIS A C   1 
ATOM   1357 O  O   . HIS A 1 178 ? 9.202   -1.233  7.886   1.00 10.63 ? 178 HIS A O   1 
ATOM   1358 C  CB  . HIS A 1 178 ? 8.000   1.896   7.053   1.00 10.03 ? 178 HIS A CB  1 
ATOM   1359 C  CG  . HIS A 1 178 ? 6.673   1.212   7.130   1.00 10.99 ? 178 HIS A CG  1 
ATOM   1360 N  ND1 . HIS A 1 178 ? 5.661   1.672   7.941   1.00 13.90 ? 178 HIS A ND1 1 
ATOM   1361 C  CD2 . HIS A 1 178 ? 6.164   0.155   6.455   1.00 12.56 ? 178 HIS A CD2 1 
ATOM   1362 C  CE1 . HIS A 1 178 ? 4.583   0.929   7.765   1.00 13.43 ? 178 HIS A CE1 1 
ATOM   1363 N  NE2 . HIS A 1 178 ? 4.861   0.002   6.867   1.00 11.47 ? 178 HIS A NE2 1 
ATOM   1364 N  N   . PRO A 1 179 ? 9.701   0.481   9.252   1.00 11.15 ? 179 PRO A N   1 
ATOM   1365 C  CA  . PRO A 1 179 ? 9.912   -0.337  10.455  1.00 12.48 ? 179 PRO A CA  1 
ATOM   1366 C  C   . PRO A 1 179 ? 8.740   -0.980  11.186  1.00 12.11 ? 179 PRO A C   1 
ATOM   1367 O  O   . PRO A 1 179 ? 8.943   -1.932  11.944  1.00 13.82 ? 179 PRO A O   1 
ATOM   1368 C  CB  . PRO A 1 179 ? 10.663  0.613   11.398  1.00 12.80 ? 179 PRO A CB  1 
ATOM   1369 C  CG  . PRO A 1 179 ? 11.109  1.750   10.526  1.00 13.03 ? 179 PRO A CG  1 
ATOM   1370 C  CD  . PRO A 1 179 ? 9.993   1.891   9.543   1.00 12.28 ? 179 PRO A CD  1 
ATOM   1371 N  N   . TRP A 1 180 ? 7.530   -0.479  10.978  1.00 12.64 ? 180 TRP A N   1 
ATOM   1372 C  CA  . TRP A 1 180 ? 6.381   -1.001  11.703  1.00 13.29 ? 180 TRP A CA  1 
ATOM   1373 C  C   . TRP A 1 180 ? 5.201   -1.405  10.847  1.00 13.62 ? 180 TRP A C   1 
ATOM   1374 O  O   . TRP A 1 180 ? 5.056   -0.955  9.719   1.00 16.56 ? 180 TRP A O   1 
ATOM   1375 C  CB  . TRP A 1 180 ? 5.890   0.048   12.703  1.00 14.09 ? 180 TRP A CB  1 
ATOM   1376 C  CG  . TRP A 1 180 ? 6.986   0.728   13.451  1.00 16.39 ? 180 TRP A CG  1 
ATOM   1377 C  CD1 . TRP A 1 180 ? 7.544   1.942   13.170  1.00 17.66 ? 180 TRP A CD1 1 
ATOM   1378 C  CD2 . TRP A 1 180 ? 7.667   0.229   14.604  1.00 18.03 ? 180 TRP A CD2 1 
ATOM   1379 N  NE1 . TRP A 1 180 ? 8.534   2.230   14.082  1.00 18.96 ? 180 TRP A NE1 1 
ATOM   1380 C  CE2 . TRP A 1 180 ? 8.630   1.195   14.973  1.00 18.81 ? 180 TRP A CE2 1 
ATOM   1381 C  CE3 . TRP A 1 180 ? 7.557   -0.944  15.363  1.00 19.27 ? 180 TRP A CE3 1 
ATOM   1382 C  CZ2 . TRP A 1 180 ? 9.480   1.024   16.069  1.00 20.52 ? 180 TRP A CZ2 1 
ATOM   1383 C  CZ3 . TRP A 1 180 ? 8.402   -1.117  16.453  1.00 21.89 ? 180 TRP A CZ3 1 
ATOM   1384 C  CH2 . TRP A 1 180 ? 9.352   -0.136  16.795  1.00 20.33 ? 180 TRP A CH2 1 
ATOM   1385 N  N   . SER A 1 181 ? 4.344   -2.250  11.409  1.00 12.93 ? 181 SER A N   1 
ATOM   1386 C  CA  . SER A 1 181 ? 3.136   -2.665  10.716  1.00 13.29 ? 181 SER A CA  1 
ATOM   1387 C  C   . SER A 1 181 ? 2.088   -1.636  11.128  1.00 12.44 ? 181 SER A C   1 
ATOM   1388 O  O   . SER A 1 181 ? 2.291   -0.893  12.092  1.00 11.96 ? 181 SER A O   1 
ATOM   1389 C  CB  . SER A 1 181 ? 2.696   -4.052  11.180  1.00 12.43 ? 181 SER A CB  1 
ATOM   1390 O  OG  . SER A 1 181 ? 2.228   -4.007  12.518  1.00 13.58 ? 181 SER A OG  1 
ATOM   1391 N  N   . ILE A 1 182 ? 0.970   -1.587  10.412  1.00 11.66 ? 182 ILE A N   1 
ATOM   1392 C  CA  . ILE A 1 182 ? -0.080  -0.637  10.752  1.00 12.36 ? 182 ILE A CA  1 
ATOM   1393 C  C   . ILE A 1 182 ? -0.654  -0.916  12.139  1.00 12.87 ? 182 ILE A C   1 
ATOM   1394 O  O   . ILE A 1 182 ? -0.878  0.012   12.918  1.00 13.82 ? 182 ILE A O   1 
ATOM   1395 C  CB  . ILE A 1 182 ? -1.224  -0.667  9.713   1.00 12.83 ? 182 ILE A CB  1 
ATOM   1396 C  CG1 . ILE A 1 182 ? -0.707  -0.137  8.372   1.00 13.45 ? 182 ILE A CG1 1 
ATOM   1397 C  CG2 . ILE A 1 182 ? -2.402  0.167   10.202  1.00 15.71 ? 182 ILE A CG2 1 
ATOM   1398 C  CD1 . ILE A 1 182 ? -0.114  1.262   8.458   1.00 12.09 ? 182 ILE A CD1 1 
ATOM   1399 N  N   . GLU A 1 183 ? -0.883  -2.188  12.453  1.00 13.33 ? 183 GLU A N   1 
ATOM   1400 C  CA  . GLU A 1 183 ? -1.430  -2.547  13.759  1.00 14.72 ? 183 GLU A CA  1 
ATOM   1401 C  C   . GLU A 1 183 ? -0.502  -2.114  14.890  1.00 14.39 ? 183 GLU A C   1 
ATOM   1402 O  O   . GLU A 1 183 ? -0.964  -1.749  15.974  1.00 14.46 ? 183 GLU A O   1 
ATOM   1403 C  CB  . GLU A 1 183 ? -1.682  -4.057  13.843  1.00 16.83 ? 183 GLU A CB  1 
ATOM   1404 C  CG  . GLU A 1 183 ? -2.660  -4.575  12.795  1.00 20.89 ? 183 GLU A CG  1 
ATOM   1405 C  CD  . GLU A 1 183 ? -1.960  -5.194  11.598  1.00 22.98 ? 183 GLU A CD  1 
ATOM   1406 O  OE1 . GLU A 1 183 ? -1.003  -4.579  11.070  1.00 23.10 ? 183 GLU A OE1 1 
ATOM   1407 O  OE2 . GLU A 1 183 ? -2.369  -6.298  11.180  1.00 25.07 ? 183 GLU A OE2 1 
ATOM   1408 N  N   . GLU A 1 184 ? 0.801   -2.148  14.636  1.00 12.87 ? 184 GLU A N   1 
ATOM   1409 C  CA  . GLU A 1 184 ? 1.775   -1.743  15.643  1.00 13.39 ? 184 GLU A CA  1 
ATOM   1410 C  C   . GLU A 1 184 ? 1.727   -0.237  15.824  1.00 14.27 ? 184 GLU A C   1 
ATOM   1411 O  O   . GLU A 1 184 ? 1.786   0.261   16.944  1.00 15.81 ? 184 GLU A O   1 
ATOM   1412 C  CB  . GLU A 1 184 ? 3.172   -2.213  15.237  1.00 12.94 ? 184 GLU A CB  1 
ATOM   1413 C  CG  . GLU A 1 184 ? 3.313   -3.721  15.369  1.00 15.48 ? 184 GLU A CG  1 
ATOM   1414 C  CD  . GLU A 1 184 ? 4.505   -4.289  14.632  1.00 16.04 ? 184 GLU A CD  1 
ATOM   1415 O  OE1 . GLU A 1 184 ? 5.275   -3.515  14.025  1.00 16.63 ? 184 GLU A OE1 1 
ATOM   1416 O  OE2 . GLU A 1 184 ? 4.664   -5.527  14.665  1.00 16.46 ? 184 GLU A OE2 1 
ATOM   1417 N  N   . ILE A 1 185 ? 1.611   0.492   14.719  1.00 12.50 ? 185 ILE A N   1 
ATOM   1418 C  CA  . ILE A 1 185 ? 1.517   1.942   14.797  1.00 14.32 ? 185 ILE A CA  1 
ATOM   1419 C  C   . ILE A 1 185 ? 0.235   2.299   15.560  1.00 15.47 ? 185 ILE A C   1 
ATOM   1420 O  O   . ILE A 1 185 ? 0.234   3.187   16.413  1.00 14.87 ? 185 ILE A O   1 
ATOM   1421 C  CB  . ILE A 1 185 ? 1.496   2.565   13.383  1.00 14.58 ? 185 ILE A CB  1 
ATOM   1422 C  CG1 . ILE A 1 185 ? 2.842   2.313   12.699  1.00 15.10 ? 185 ILE A CG1 1 
ATOM   1423 C  CG2 . ILE A 1 185 ? 1.204   4.061   13.465  1.00 17.64 ? 185 ILE A CG2 1 
ATOM   1424 C  CD1 . ILE A 1 185 ? 2.897   2.758   11.246  1.00 14.48 ? 185 ILE A CD1 1 
ATOM   1425 N  N   . VAL A 1 186 ? -0.856  1.599   15.268  1.00 16.00 ? 186 VAL A N   1 
ATOM   1426 C  CA  . VAL A 1 186 ? -2.113  1.861   15.963  1.00 16.90 ? 186 VAL A CA  1 
ATOM   1427 C  C   . VAL A 1 186 ? -1.952  1.624   17.466  1.00 18.10 ? 186 VAL A C   1 
ATOM   1428 O  O   . VAL A 1 186 ? -2.424  2.416   18.285  1.00 17.53 ? 186 VAL A O   1 
ATOM   1429 C  CB  . VAL A 1 186 ? -3.247  0.969   15.418  1.00 18.20 ? 186 VAL A CB  1 
ATOM   1430 C  CG1 . VAL A 1 186 ? -4.452  1.018   16.347  1.00 20.35 ? 186 VAL A CG1 1 
ATOM   1431 C  CG2 . VAL A 1 186 ? -3.645  1.443   14.022  1.00 17.51 ? 186 VAL A CG2 1 
ATOM   1432 N  N   . ALA A 1 187 ? -1.270  0.540   17.825  1.00 17.74 ? 187 ALA A N   1 
ATOM   1433 C  CA  . ALA A 1 187 ? -1.062  0.207   19.230  1.00 19.57 ? 187 ALA A CA  1 
ATOM   1434 C  C   . ALA A 1 187 ? -0.226  1.256   19.949  1.00 21.48 ? 187 ALA A C   1 
ATOM   1435 O  O   . ALA A 1 187 ? -0.508  1.604   21.096  1.00 22.26 ? 187 ALA A O   1 
ATOM   1436 C  CB  . ALA A 1 187 ? -0.396  -1.161  19.351  1.00 16.55 ? 187 ALA A CB  1 
ATOM   1437 N  N   . SER A 1 188 ? 0.802   1.759   19.271  1.00 23.34 ? 188 SER A N   1 
ATOM   1438 C  CA  . SER A 1 188 ? 1.691   2.759   19.849  1.00 26.80 ? 188 SER A CA  1 
ATOM   1439 C  C   . SER A 1 188 ? 0.931   4.001   20.297  1.00 29.87 ? 188 SER A C   1 
ATOM   1440 O  O   . SER A 1 188 ? 1.420   4.776   21.120  1.00 30.14 ? 188 SER A O   1 
ATOM   1441 C  CB  . SER A 1 188 ? 2.765   3.157   18.837  1.00 26.27 ? 188 SER A CB  1 
ATOM   1442 O  OG  . SER A 1 188 ? 2.202   3.890   17.765  1.00 25.59 ? 188 SER A OG  1 
ATOM   1443 N  N   . GLU A 1 189 ? -0.261  4.191   19.744  1.00 33.46 ? 189 GLU A N   1 
ATOM   1444 C  CA  . GLU A 1 189 ? -1.085  5.336   20.101  1.00 37.20 ? 189 GLU A CA  1 
ATOM   1445 C  C   . GLU A 1 189 ? -2.494  4.890   20.477  1.00 39.06 ? 189 GLU A C   1 
ATOM   1446 O  O   . GLU A 1 189 ? -3.412  4.917   19.657  1.00 39.97 ? 189 GLU A O   1 
ATOM   1447 C  CB  . GLU A 1 189 ? -1.114  6.341   18.943  1.00 37.64 ? 189 GLU A CB  1 
ATOM   1448 C  CG  . GLU A 1 189 ? -1.397  5.734   17.583  1.00 38.41 ? 189 GLU A CG  1 
ATOM   1449 C  CD  . GLU A 1 189 ? -0.950  6.635   16.446  1.00 39.38 ? 189 GLU A CD  1 
ATOM   1450 O  OE1 . GLU A 1 189 ? 0.265   6.914   16.356  1.00 39.88 ? 189 GLU A OE1 1 
ATOM   1451 O  OE2 . GLU A 1 189 ? -1.809  7.064   15.645  1.00 39.28 ? 189 GLU A OE2 1 
ATOM   1452 N  N   . GLN A 1 190 ? -2.646  4.471   21.731  1.00 40.97 ? 190 GLN A N   1 
ATOM   1453 C  CA  . GLN A 1 190 ? -3.928  4.011   22.252  1.00 42.30 ? 190 GLN A CA  1 
ATOM   1454 C  C   . GLN A 1 190 ? -4.281  4.744   23.543  1.00 43.28 ? 190 GLN A C   1 
ATOM   1455 O  O   . GLN A 1 190 ? -3.501  5.633   23.946  1.00 43.60 ? 190 GLN A O   1 
ATOM   1456 C  CB  . GLN A 1 190 ? -3.886  2.502   22.519  1.00 42.84 ? 190 GLN A CB  1 
ATOM   1457 C  CG  . GLN A 1 190 ? -3.806  1.644   21.265  1.00 44.07 ? 190 GLN A CG  1 
ATOM   1458 C  CD  . GLN A 1 190 ? -3.859  0.154   21.567  1.00 44.69 ? 190 GLN A CD  1 
ATOM   1459 O  OE1 . GLN A 1 190 ? -3.910  -0.673  20.655  1.00 44.71 ? 190 GLN A OE1 1 
ATOM   1460 N  NE2 . GLN A 1 190 ? -3.846  -0.195  22.852  1.00 44.72 ? 190 GLN A NE2 1 
HETATM 1461 O  O   . HOH B 2 .   ? -13.824 15.621  -6.545  1.00 11.36 ? 200 HOH A O   1 
HETATM 1462 O  O   . HOH B 2 .   ? -20.165 1.820   8.618   1.00 8.37  ? 201 HOH A O   1 
HETATM 1463 O  O   . HOH B 2 .   ? -5.749  9.841   -3.224  1.00 7.71  ? 202 HOH A O   1 
HETATM 1464 O  O   . HOH B 2 .   ? 0.509   1.124   -10.347 1.00 11.60 ? 203 HOH A O   1 
HETATM 1465 O  O   . HOH B 2 .   ? -5.638  9.098   -8.371  1.00 10.36 ? 204 HOH A O   1 
HETATM 1466 O  O   . HOH B 2 .   ? -12.815 9.135   11.830  1.00 12.82 ? 205 HOH A O   1 
HETATM 1467 O  O   . HOH B 2 .   ? -3.389  10.903  -2.272  1.00 8.56  ? 206 HOH A O   1 
HETATM 1468 O  O   . HOH B 2 .   ? -12.405 -8.724  1.316   1.00 11.45 ? 207 HOH A O   1 
HETATM 1469 O  O   . HOH B 2 .   ? -15.921 17.279  -3.453  1.00 11.07 ? 208 HOH A O   1 
HETATM 1470 O  O   . HOH B 2 .   ? -15.139 4.112   8.791   1.00 13.66 ? 209 HOH A O   1 
HETATM 1471 O  O   . HOH B 2 .   ? -1.843  -7.309  5.766   1.00 18.97 ? 210 HOH A O   1 
HETATM 1472 O  O   . HOH B 2 .   ? 3.162   6.783   -2.952  1.00 16.60 ? 211 HOH A O   1 
HETATM 1473 O  O   . HOH B 2 .   ? -10.099 -12.388 -0.668  1.00 12.29 ? 212 HOH A O   1 
HETATM 1474 O  O   . HOH B 2 .   ? -4.404  12.241  -6.835  1.00 11.71 ? 213 HOH A O   1 
HETATM 1475 O  O   . HOH B 2 .   ? -2.544  13.164  -3.471  1.00 17.89 ? 214 HOH A O   1 
HETATM 1476 O  O   . HOH B 2 .   ? -1.226  7.833   -11.477 1.00 13.94 ? 215 HOH A O   1 
HETATM 1477 O  O   . HOH B 2 .   ? 10.810  -1.777  14.123  1.00 17.43 ? 216 HOH A O   1 
HETATM 1478 O  O   . HOH B 2 .   ? -6.197  -4.878  -14.488 1.00 13.24 ? 217 HOH A O   1 
HETATM 1479 O  O   . HOH B 2 .   ? 7.640   -4.426  13.032  1.00 15.98 ? 218 HOH A O   1 
HETATM 1480 O  O   . HOH B 2 .   ? -4.987  14.746  -5.827  1.00 15.30 ? 219 HOH A O   1 
HETATM 1481 O  O   . HOH B 2 .   ? -1.556  -12.471 -7.661  1.00 12.30 ? 220 HOH A O   1 
HETATM 1482 O  O   . HOH B 2 .   ? -8.626  5.681   -13.249 1.00 17.49 ? 221 HOH A O   1 
HETATM 1483 O  O   . HOH B 2 .   ? -16.082 13.726  -9.336  1.00 17.29 ? 222 HOH A O   1 
HETATM 1484 O  O   . HOH B 2 .   ? -7.650  -11.372 -6.516  1.00 19.18 ? 223 HOH A O   1 
HETATM 1485 O  O   . HOH B 2 .   ? 16.428  11.816  3.089   1.00 70.42 ? 224 HOH A O   1 
HETATM 1486 O  O   . HOH B 2 .   ? -10.971 2.723   14.226  1.00 20.28 ? 225 HOH A O   1 
HETATM 1487 O  O   . HOH B 2 .   ? 16.481  4.955   8.476   1.00 20.87 ? 226 HOH A O   1 
HETATM 1488 O  O   . HOH B 2 .   ? 10.054  -8.192  5.648   1.00 21.79 ? 227 HOH A O   1 
HETATM 1489 O  O   . HOH B 2 .   ? -8.071  -10.293 5.543   1.00 16.14 ? 228 HOH A O   1 
HETATM 1490 O  O   . HOH B 2 .   ? -7.093  15.930  -7.129  1.00 15.16 ? 229 HOH A O   1 
HETATM 1491 O  O   . HOH B 2 .   ? 6.248   5.514   -18.523 1.00 15.40 ? 230 HOH A O   1 
HETATM 1492 O  O   . HOH B 2 .   ? -13.978 -9.136  3.353   1.00 21.04 ? 231 HOH A O   1 
HETATM 1493 O  O   . HOH B 2 .   ? -4.064  -11.328 -7.432  1.00 15.44 ? 232 HOH A O   1 
HETATM 1494 O  O   . HOH B 2 .   ? -4.894  6.608   8.918   1.00 16.92 ? 233 HOH A O   1 
HETATM 1495 O  O   . HOH B 2 .   ? -15.253 14.230  0.588   1.00 18.95 ? 234 HOH A O   1 
HETATM 1496 O  O   . HOH B 2 .   ? -20.622 -10.105 8.091   1.00 25.30 ? 235 HOH A O   1 
HETATM 1497 O  O   . HOH B 2 .   ? 3.654   5.699   -7.216  1.00 19.61 ? 236 HOH A O   1 
HETATM 1498 O  O   . HOH B 2 .   ? -2.284  7.270   8.533   1.00 23.50 ? 237 HOH A O   1 
HETATM 1499 O  O   . HOH B 2 .   ? -20.444 -6.542  -7.638  1.00 35.35 ? 238 HOH A O   1 
HETATM 1500 O  O   . HOH B 2 .   ? 2.625   -7.030  16.384  1.00 18.03 ? 239 HOH A O   1 
HETATM 1501 O  O   . HOH B 2 .   ? -21.618 -6.450  3.168   1.00 20.16 ? 240 HOH A O   1 
HETATM 1502 O  O   . HOH B 2 .   ? -15.762 -5.492  -6.206  1.00 16.55 ? 241 HOH A O   1 
HETATM 1503 O  O   . HOH B 2 .   ? -1.041  -16.745 -0.437  1.00 25.64 ? 242 HOH A O   1 
HETATM 1504 O  O   . HOH B 2 .   ? -22.842 -5.740  0.780   1.00 19.45 ? 243 HOH A O   1 
HETATM 1505 O  O   . HOH B 2 .   ? -13.389 -17.212 2.081   1.00 15.60 ? 244 HOH A O   1 
HETATM 1506 O  O   . HOH B 2 .   ? 19.098  -5.176  4.092   1.00 32.90 ? 245 HOH A O   1 
HETATM 1507 O  O   . HOH B 2 .   ? -10.558 -0.340  -13.331 1.00 23.61 ? 246 HOH A O   1 
HETATM 1508 O  O   . HOH B 2 .   ? -14.938 -5.866  -11.252 1.00 23.66 ? 247 HOH A O   1 
HETATM 1509 O  O   . HOH B 2 .   ? -18.752 -8.036  5.654   1.00 18.95 ? 248 HOH A O   1 
HETATM 1510 O  O   . HOH B 2 .   ? 4.451   6.006   13.830  1.00 23.33 ? 249 HOH A O   1 
HETATM 1511 O  O   . HOH B 2 .   ? 3.495   -11.193 4.243   1.00 16.01 ? 250 HOH A O   1 
HETATM 1512 O  O   . HOH B 2 .   ? -0.425  18.101  -11.963 1.00 25.91 ? 251 HOH A O   1 
HETATM 1513 O  O   . HOH B 2 .   ? 4.042   1.278   -13.455 1.00 18.07 ? 252 HOH A O   1 
HETATM 1514 O  O   . HOH B 2 .   ? -0.669  15.673  0.045   1.00 24.92 ? 253 HOH A O   1 
HETATM 1515 O  O   . HOH B 2 .   ? -3.262  -11.122 5.748   1.00 18.13 ? 254 HOH A O   1 
HETATM 1516 O  O   . HOH B 2 .   ? 10.545  -11.231 -6.785  1.00 40.63 ? 255 HOH A O   1 
HETATM 1517 O  O   . HOH B 2 .   ? 0.184   -5.247  8.501   1.00 20.62 ? 256 HOH A O   1 
HETATM 1518 O  O   . HOH B 2 .   ? 6.452   -1.935  -13.252 1.00 28.04 ? 257 HOH A O   1 
HETATM 1519 O  O   . HOH B 2 .   ? 1.053   -12.095 3.421   1.00 21.09 ? 258 HOH A O   1 
HETATM 1520 O  O   . HOH B 2 .   ? -3.090  -2.937  17.064  1.00 20.60 ? 259 HOH A O   1 
HETATM 1521 O  O   . HOH B 2 .   ? -4.061  19.020  -5.413  1.00 24.88 ? 260 HOH A O   1 
HETATM 1522 O  O   . HOH B 2 .   ? 0.794   16.678  -9.193  1.00 23.08 ? 261 HOH A O   1 
HETATM 1523 O  O   . HOH B 2 .   ? 12.988  -1.639  11.483  1.00 25.33 ? 262 HOH A O   1 
HETATM 1524 O  O   . HOH B 2 .   ? -22.386 -4.760  -3.618  1.00 19.22 ? 263 HOH A O   1 
HETATM 1525 O  O   . HOH B 2 .   ? 6.619   -13.031 2.236   1.00 28.12 ? 264 HOH A O   1 
HETATM 1526 O  O   . HOH B 2 .   ? 7.101   0.393   18.405  1.00 58.74 ? 265 HOH A O   1 
HETATM 1527 O  O   . HOH B 2 .   ? -16.559 -14.265 1.566   1.00 21.65 ? 266 HOH A O   1 
HETATM 1528 O  O   . HOH B 2 .   ? -17.827 7.695   -7.827  1.00 18.83 ? 267 HOH A O   1 
HETATM 1529 O  O   . HOH B 2 .   ? 0.399   7.286   1.836   1.00 28.98 ? 268 HOH A O   1 
HETATM 1530 O  O   . HOH B 2 .   ? -8.688  7.045   13.915  1.00 31.30 ? 269 HOH A O   1 
HETATM 1531 O  O   . HOH B 2 .   ? -8.981  -9.771  9.055   1.00 28.61 ? 270 HOH A O   1 
HETATM 1532 O  O   . HOH B 2 .   ? -0.650  3.770   -10.265 1.00 21.15 ? 271 HOH A O   1 
HETATM 1533 O  O   . HOH B 2 .   ? 11.241  3.036   -15.091 1.00 48.17 ? 272 HOH A O   1 
HETATM 1534 O  O   . HOH B 2 .   ? 14.692  9.295   7.315   1.00 24.21 ? 273 HOH A O   1 
HETATM 1535 O  O   . HOH B 2 .   ? 22.132  -2.051  5.061   1.00 30.92 ? 274 HOH A O   1 
HETATM 1536 O  O   . HOH B 2 .   ? -5.109  12.995  12.721  1.00 26.81 ? 275 HOH A O   1 
HETATM 1537 O  O   . HOH B 2 .   ? -6.716  -0.517  -15.084 1.00 25.26 ? 276 HOH A O   1 
HETATM 1538 O  O   . HOH B 2 .   ? -2.285  5.897   -9.174  1.00 28.14 ? 277 HOH A O   1 
HETATM 1539 O  O   . HOH B 2 .   ? 3.135   -9.330  -8.486  1.00 22.38 ? 278 HOH A O   1 
HETATM 1540 O  O   . HOH B 2 .   ? -2.553  4.103   11.766  1.00 26.68 ? 279 HOH A O   1 
HETATM 1541 O  O   . HOH B 2 .   ? -6.596  5.030   -15.829 1.00 25.73 ? 280 HOH A O   1 
HETATM 1542 O  O   . HOH B 2 .   ? -15.899 -7.014  -8.759  1.00 24.60 ? 282 HOH A O   1 
HETATM 1543 O  O   . HOH B 2 .   ? 3.240   -11.963 -9.713  1.00 25.46 ? 283 HOH A O   1 
HETATM 1544 O  O   . HOH B 2 .   ? 18.353  -3.829  12.459  1.00 26.59 ? 284 HOH A O   1 
HETATM 1545 O  O   . HOH B 2 .   ? -3.522  17.939  8.367   1.00 21.95 ? 285 HOH A O   1 
HETATM 1546 O  O   . HOH B 2 .   ? 2.743   6.159   2.158   1.00 32.14 ? 286 HOH A O   1 
HETATM 1547 O  O   . HOH B 2 .   ? 16.467  2.831   17.673  1.00 42.96 ? 287 HOH A O   1 
HETATM 1548 O  O   . HOH B 2 .   ? -9.663  -8.846  -9.915  1.00 24.38 ? 288 HOH A O   1 
HETATM 1549 O  O   . HOH B 2 .   ? -15.284 7.458   -9.276  1.00 26.07 ? 289 HOH A O   1 
HETATM 1550 O  O   . HOH B 2 .   ? 0.788   -6.360  12.648  1.00 24.01 ? 290 HOH A O   1 
HETATM 1551 O  O   . HOH B 2 .   ? -2.506  -7.546  8.661   1.00 28.73 ? 291 HOH A O   1 
HETATM 1552 O  O   . HOH B 2 .   ? -8.588  0.585   15.493  1.00 30.58 ? 292 HOH A O   1 
HETATM 1553 O  O   . HOH B 2 .   ? -24.844 -19.133 6.498   1.00 24.44 ? 293 HOH A O   1 
HETATM 1554 O  O   . HOH B 2 .   ? -18.816 1.186   -8.723  1.00 27.58 ? 294 HOH A O   1 
HETATM 1555 O  O   . HOH B 2 .   ? 8.201   13.014  6.915   1.00 31.19 ? 295 HOH A O   1 
HETATM 1556 O  O   . HOH B 2 .   ? 16.256  -5.505  7.184   1.00 29.81 ? 296 HOH A O   1 
HETATM 1557 O  O   . HOH B 2 .   ? 0.108   16.367  7.882   1.00 45.07 ? 297 HOH A O   1 
HETATM 1558 O  O   . HOH B 2 .   ? -22.822 3.595   -2.762  1.00 32.38 ? 298 HOH A O   1 
HETATM 1559 O  O   . HOH B 2 .   ? 6.559   7.873   -14.871 1.00 49.39 ? 299 HOH A O   1 
HETATM 1560 O  O   . HOH B 2 .   ? 1.528   11.488  -2.212  1.00 25.77 ? 300 HOH A O   1 
HETATM 1561 O  O   . HOH B 2 .   ? -5.596  19.357  9.113   1.00 47.21 ? 301 HOH A O   1 
HETATM 1562 O  O   . HOH B 2 .   ? 3.288   5.989   16.121  1.00 25.75 ? 302 HOH A O   1 
HETATM 1563 O  O   . HOH B 2 .   ? 0.891   18.817  -7.806  1.00 35.47 ? 303 HOH A O   1 
HETATM 1564 O  O   . HOH B 2 .   ? -9.504  15.765  -0.449  1.00 21.97 ? 304 HOH A O   1 
HETATM 1565 O  O   . HOH B 2 .   ? -2.461  17.487  0.759   1.00 47.08 ? 305 HOH A O   1 
HETATM 1566 O  O   . HOH B 2 .   ? 12.480  -15.951 -4.718  1.00 52.99 ? 306 HOH A O   1 
HETATM 1567 O  O   . HOH B 2 .   ? 16.948  -5.710  10.928  1.00 26.60 ? 307 HOH A O   1 
HETATM 1568 O  O   . HOH B 2 .   ? -13.380 12.075  6.461   1.00 23.54 ? 308 HOH A O   1 
HETATM 1569 O  O   . HOH B 2 .   ? -4.984  -13.488 5.381   1.00 32.96 ? 309 HOH A O   1 
HETATM 1570 O  O   . HOH B 2 .   ? -9.955  17.145  -2.498  1.00 29.04 ? 310 HOH A O   1 
HETATM 1571 O  O   . HOH B 2 .   ? 16.157  -8.406  -2.632  1.00 22.60 ? 311 HOH A O   1 
HETATM 1572 O  O   . HOH B 2 .   ? -12.829 -9.457  -9.130  1.00 44.89 ? 312 HOH A O   1 
HETATM 1573 O  O   . HOH B 2 .   ? 0.132   -9.620  5.361   1.00 28.88 ? 313 HOH A O   1 
HETATM 1574 O  O   . HOH B 2 .   ? 20.530  -2.040  12.094  1.00 33.89 ? 314 HOH A O   1 
HETATM 1575 O  O   . HOH B 2 .   ? -19.774 -15.201 3.012   1.00 34.42 ? 315 HOH A O   1 
HETATM 1576 O  O   . HOH B 2 .   ? -23.590 -3.059  -2.004  1.00 40.25 ? 316 HOH A O   1 
HETATM 1577 O  O   . HOH B 2 .   ? 12.411  -6.802  -16.708 1.00 40.45 ? 317 HOH A O   1 
HETATM 1578 O  O   . HOH B 2 .   ? 2.197   8.930   -10.176 1.00 40.31 ? 318 HOH A O   1 
HETATM 1579 O  O   . HOH B 2 .   ? -24.443 -0.630  -2.547  1.00 36.28 ? 319 HOH A O   1 
HETATM 1580 O  O   . HOH B 2 .   ? 4.839   -7.048  12.452  1.00 32.74 ? 320 HOH A O   1 
HETATM 1581 O  O   . HOH B 2 .   ? 13.986  -6.893  8.411   1.00 26.11 ? 321 HOH A O   1 
HETATM 1582 O  O   . HOH B 2 .   ? -16.462 16.232  -0.577  1.00 14.69 ? 322 HOH A O   1 
HETATM 1583 O  O   . HOH B 2 .   ? -16.216 15.183  -5.554  1.00 16.16 ? 323 HOH A O   1 
HETATM 1584 O  O   . HOH B 2 .   ? -6.745  18.104  -5.876  1.00 20.37 ? 324 HOH A O   1 
HETATM 1585 O  O   . HOH B 2 .   ? -5.297  -10.236 -9.789  1.00 16.14 ? 325 HOH A O   1 
HETATM 1586 O  O   . HOH B 2 .   ? -2.511  -5.909  17.091  1.00 18.26 ? 326 HOH A O   1 
HETATM 1587 O  O   . HOH B 2 .   ? -22.674 -9.218  3.531   1.00 23.37 ? 327 HOH A O   1 
HETATM 1588 O  O   . HOH B 2 .   ? 12.631  7.688   5.134   1.00 18.42 ? 328 HOH A O   1 
HETATM 1589 O  O   . HOH B 2 .   ? -0.107  13.982  -2.022  1.00 26.63 ? 329 HOH A O   1 
HETATM 1590 O  O   . HOH B 2 .   ? 15.958  7.596   9.227   1.00 36.50 ? 330 HOH A O   1 
HETATM 1591 O  O   . HOH B 2 .   ? 16.247  1.381   19.829  1.00 21.85 ? 331 HOH A O   1 
HETATM 1592 O  O   . HOH B 2 .   ? 10.060  6.871   -4.701  1.00 22.04 ? 332 HOH A O   1 
HETATM 1593 O  O   . HOH B 2 .   ? 7.621   0.927   -15.823 1.00 32.97 ? 333 HOH A O   1 
HETATM 1594 O  O   . HOH B 2 .   ? -7.703  -10.309 -8.945  1.00 26.13 ? 334 HOH A O   1 
HETATM 1595 O  O   . HOH B 2 .   ? -10.755 -8.659  10.862  1.00 23.39 ? 335 HOH A O   1 
HETATM 1596 O  O   . HOH B 2 .   ? -0.114  -6.869  15.759  1.00 23.88 ? 336 HOH A O   1 
HETATM 1597 O  O   . HOH B 2 .   ? 10.933  7.687   -11.107 1.00 28.77 ? 337 HOH A O   1 
HETATM 1598 O  O   . HOH B 2 .   ? 3.239   6.970   11.736  1.00 23.08 ? 338 HOH A O   1 
HETATM 1599 O  O   . HOH B 2 .   ? -5.259  -2.772  15.212  1.00 24.47 ? 339 HOH A O   1 
HETATM 1600 O  O   . HOH B 2 .   ? -19.247 -7.870  8.075   1.00 46.02 ? 340 HOH A O   1 
HETATM 1601 O  O   . HOH B 2 .   ? -13.493 9.996   -11.383 1.00 28.69 ? 341 HOH A O   1 
HETATM 1602 O  O   . HOH B 2 .   ? -7.196  -1.573  16.527  1.00 31.95 ? 342 HOH A O   1 
HETATM 1603 O  O   . HOH B 2 .   ? 7.642   -6.861  12.222  1.00 25.37 ? 343 HOH A O   1 
HETATM 1604 O  O   . HOH B 2 .   ? 22.258  -0.605  7.919   1.00 24.85 ? 344 HOH A O   1 
HETATM 1605 O  O   . HOH B 2 .   ? -21.135 1.923   -7.132  1.00 31.61 ? 345 HOH A O   1 
HETATM 1606 O  O   . HOH B 2 .   ? 14.467  -9.256  -0.439  1.00 31.34 ? 346 HOH A O   1 
HETATM 1607 O  O   . HOH B 2 .   ? 2.098   -7.114  8.674   1.00 29.68 ? 347 HOH A O   1 
HETATM 1608 O  O   . HOH B 2 .   ? 1.358   11.933  -10.488 1.00 40.77 ? 348 HOH A O   1 
HETATM 1609 O  O   . HOH B 2 .   ? 9.271   -10.187 -9.719  1.00 33.37 ? 349 HOH A O   1 
HETATM 1610 O  O   . HOH B 2 .   ? -11.499 -6.389  10.005  1.00 32.25 ? 350 HOH A O   1 
HETATM 1611 O  O   . HOH B 2 .   ? 22.106  -2.488  9.927   1.00 44.18 ? 351 HOH A O   1 
HETATM 1612 O  O   . HOH B 2 .   ? 4.681   4.558   5.805   1.00 28.20 ? 352 HOH A O   1 
HETATM 1613 O  O   . HOH B 2 .   ? 21.232  -4.507  5.571   1.00 33.31 ? 353 HOH A O   1 
HETATM 1614 O  O   . HOH B 2 .   ? 7.129   14.908  8.532   1.00 40.95 ? 354 HOH A O   1 
HETATM 1615 O  O   . HOH B 2 .   ? 12.669  -8.791  6.057   1.00 31.05 ? 355 HOH A O   1 
HETATM 1616 O  O   . HOH B 2 .   ? 14.502  4.673   16.428  1.00 39.55 ? 356 HOH A O   1 
HETATM 1617 O  O   . HOH B 2 .   ? 6.142   -14.145 -11.582 1.00 43.79 ? 357 HOH A O   1 
HETATM 1618 O  O   . HOH B 2 .   ? -18.523 8.915   4.398   1.00 28.97 ? 358 HOH A O   1 
HETATM 1619 O  O   . HOH B 2 .   ? -6.982  4.137   15.441  1.00 45.27 ? 359 HOH A O   1 
HETATM 1620 O  O   . HOH B 2 .   ? -13.432 -8.147  -11.257 1.00 27.24 ? 360 HOH A O   1 
HETATM 1621 O  O   . HOH B 2 .   ? 7.931   7.716   -19.995 1.00 39.73 ? 361 HOH A O   1 
HETATM 1622 O  O   . HOH B 2 .   ? -10.300 -2.120  14.726  1.00 39.67 ? 362 HOH A O   1 
HETATM 1623 O  O   . HOH B 2 .   ? 16.509  9.280   -6.173  1.00 28.35 ? 363 HOH A O   1 
HETATM 1624 O  O   . HOH B 2 .   ? 6.101   13.219  -7.918  1.00 35.50 ? 364 HOH A O   1 
HETATM 1625 O  O   . HOH B 2 .   ? -0.671  5.353   10.156  1.00 30.21 ? 365 HOH A O   1 
HETATM 1626 O  O   . HOH B 2 .   ? -14.808 -18.155 4.896   1.00 34.07 ? 366 HOH A O   1 
HETATM 1627 O  O   . HOH B 2 .   ? -10.181 9.451   13.671  1.00 34.75 ? 367 HOH A O   1 
HETATM 1628 O  O   . HOH B 2 .   ? 4.838   9.261   -4.567  1.00 45.29 ? 368 HOH A O   1 
HETATM 1629 O  O   . HOH B 2 .   ? -7.400  -12.767 6.723   1.00 35.43 ? 369 HOH A O   1 
HETATM 1630 O  O   . HOH B 2 .   ? -16.544 1.203   -10.446 1.00 30.66 ? 370 HOH A O   1 
HETATM 1631 O  O   . HOH B 2 .   ? 23.043  -5.350  -10.275 1.00 35.21 ? 371 HOH A O   1 
HETATM 1632 O  O   . HOH B 2 .   ? -15.865 11.121  -10.666 1.00 43.82 ? 372 HOH A O   1 
HETATM 1633 O  O   . HOH B 2 .   ? -11.712 3.913   -11.300 1.00 25.94 ? 373 HOH A O   1 
HETATM 1634 O  O   . HOH B 2 .   ? 7.020   7.199   -5.022  1.00 34.15 ? 374 HOH A O   1 
HETATM 1635 O  O   . HOH B 2 .   ? -1.513  5.627   -1.468  1.00 37.66 ? 375 HOH A O   1 
HETATM 1636 O  O   . HOH B 2 .   ? 22.378  -1.631  -2.639  1.00 47.23 ? 376 HOH A O   1 
HETATM 1637 O  O   . HOH B 2 .   ? -17.338 -4.937  8.060   1.00 47.98 ? 377 HOH A O   1 
HETATM 1638 O  O   . HOH B 2 .   ? 2.272   -9.771  6.898   1.00 44.90 ? 378 HOH A O   1 
HETATM 1639 O  O   . HOH B 2 .   ? 1.165   4.767   5.071   1.00 43.77 ? 379 HOH A O   1 
HETATM 1640 O  O   . HOH B 2 .   ? 1.060   7.830   -12.863 1.00 43.66 ? 380 HOH A O   1 
HETATM 1641 O  O   . HOH B 2 .   ? -26.203 -19.120 8.772   1.00 29.55 ? 381 HOH A O   1 
HETATM 1642 O  O   . HOH B 2 .   ? 1.911   14.559  8.039   1.00 35.91 ? 382 HOH A O   1 
HETATM 1643 O  O   . HOH B 2 .   ? -2.640  21.684  -1.060  1.00 47.11 ? 383 HOH A O   1 
HETATM 1644 O  O   . HOH B 2 .   ? -8.814  8.990   15.948  1.00 44.96 ? 384 HOH A O   1 
HETATM 1645 O  O   . HOH B 2 .   ? 19.036  5.559   -7.778  1.00 41.21 ? 385 HOH A O   1 
HETATM 1646 O  O   . HOH B 2 .   ? -4.258  11.161  14.754  1.00 48.17 ? 386 HOH A O   1 
HETATM 1647 O  O   . HOH B 2 .   ? -13.902 -15.587 5.679   1.00 34.77 ? 387 HOH A O   1 
HETATM 1648 O  O   . HOH B 2 .   ? -1.589  16.312  9.867   1.00 34.77 ? 388 HOH A O   1 
HETATM 1649 O  O   . HOH B 2 .   ? 8.096   3.759   -18.064 1.00 45.81 ? 389 HOH A O   1 
HETATM 1650 O  O   . HOH B 2 .   ? -20.120 8.287   0.452   1.00 49.03 ? 390 HOH A O   1 
HETATM 1651 O  O   . HOH B 2 .   ? 18.981  -7.212  -5.081  1.00 31.40 ? 391 HOH A O   1 
HETATM 1652 O  O   . HOH B 2 .   ? -6.508  0.578   18.897  1.00 56.79 ? 392 HOH A O   1 
HETATM 1653 O  O   . HOH B 2 .   ? 7.182   9.088   8.275   1.00 54.94 ? 393 HOH A O   1 
HETATM 1654 O  O   . HOH B 2 .   ? 18.785  -6.445  -11.246 1.00 36.77 ? 394 HOH A O   1 
HETATM 1655 O  O   . HOH B 2 .   ? 3.569   15.434  -9.415  1.00 37.91 ? 395 HOH A O   1 
HETATM 1656 O  O   . HOH B 2 .   ? 3.073   9.235   -0.573  1.00 24.95 ? 396 HOH A O   1 
HETATM 1657 O  O   . HOH B 2 .   ? -20.785 -9.294  5.089   1.00 36.62 ? 397 HOH A O   1 
HETATM 1658 O  O   . HOH B 2 .   ? -16.389 -6.506  -13.849 1.00 42.34 ? 398 HOH A O   1 
HETATM 1659 O  O   . HOH B 2 .   ? -6.859  10.498  14.375  1.00 27.86 ? 399 HOH A O   1 
HETATM 1660 O  O   . HOH B 2 .   ? 2.504   9.895   -13.325 1.00 33.72 ? 400 HOH A O   1 
HETATM 1661 O  O   . HOH B 2 .   ? 23.475  0.031   5.216   1.00 57.89 ? 401 HOH A O   1 
HETATM 1662 O  O   . HOH B 2 .   ? 17.393  -6.249  -13.477 1.00 59.02 ? 402 HOH A O   1 
HETATM 1663 O  O   . HOH B 2 .   ? -5.290  -5.647  13.056  1.00 46.31 ? 403 HOH A O   1 
HETATM 1664 O  O   . HOH B 2 .   ? 16.986  7.208   -7.867  1.00 31.11 ? 404 HOH A O   1 
HETATM 1665 O  O   . HOH B 2 .   ? 6.146   7.797   2.405   1.00 32.46 ? 405 HOH A O   1 
HETATM 1666 O  O   . HOH B 2 .   ? 6.213   5.264   -15.779 1.00 40.44 ? 406 HOH A O   1 
HETATM 1667 O  O   . HOH B 2 .   ? -4.616  -7.211  16.086  1.00 28.85 ? 407 HOH A O   1 
HETATM 1668 O  O   . HOH B 2 .   ? -22.403 -10.448 1.258   1.00 29.92 ? 408 HOH A O   1 
HETATM 1669 O  O   . HOH B 2 .   ? 3.030   3.640   8.021   1.00 36.95 ? 409 HOH A O   1 
HETATM 1670 O  O   . HOH B 2 .   ? -15.901 9.772   -8.360  1.00 39.42 ? 410 HOH A O   1 
HETATM 1671 O  O   . HOH B 2 .   ? -9.734  1.565   -10.763 1.00 38.11 ? 411 HOH A O   1 
HETATM 1672 O  O   . HOH B 2 .   ? 20.945  -5.785  7.930   1.00 36.84 ? 412 HOH A O   1 
HETATM 1673 O  O   . HOH B 2 .   ? 4.574   8.418   9.898   1.00 39.95 ? 413 HOH A O   1 
HETATM 1674 O  O   . HOH B 2 .   ? 9.318   7.410   0.967   1.00 33.64 ? 414 HOH A O   1 
HETATM 1675 O  O   . HOH B 2 .   ? -9.577  4.756   15.378  1.00 49.34 ? 415 HOH A O   1 
HETATM 1676 O  O   . HOH B 2 .   ? -6.690  -15.534 4.376   1.00 44.66 ? 416 HOH A O   1 
HETATM 1677 O  O   . HOH B 2 .   ? -10.500 -4.615  13.027  1.00 31.57 ? 417 HOH A O   1 
HETATM 1678 O  O   . HOH B 2 .   ? 7.405   -8.743  10.192  1.00 43.30 ? 418 HOH A O   1 
HETATM 1679 O  O   . HOH B 2 .   ? -12.571 -14.161 7.743   1.00 38.40 ? 419 HOH A O   1 
HETATM 1680 O  O   . HOH B 2 .   ? 8.468   -1.500  -16.700 1.00 44.07 ? 420 HOH A O   1 
HETATM 1681 O  O   . HOH B 2 .   ? 15.781  -10.231 1.899   1.00 33.13 ? 421 HOH A O   1 
HETATM 1682 O  O   . HOH B 2 .   ? -8.806  1.593   -14.597 1.00 39.63 ? 422 HOH A O   1 
HETATM 1683 O  O   . HOH B 2 .   ? -6.855  -4.877  14.953  1.00 43.13 ? 423 HOH A O   1 
HETATM 1684 O  O   . HOH B 2 .   ? -6.686  -11.179 8.893   1.00 33.55 ? 424 HOH A O   1 
HETATM 1685 O  O   . HOH B 2 .   ? 18.292  -7.040  8.940   1.00 46.53 ? 425 HOH A O   1 
HETATM 1686 O  O   . HOH B 2 .   ? 8.447   -0.555  -13.922 1.00 42.17 ? 426 HOH A O   1 
HETATM 1687 O  O   . HOH B 2 .   ? 0.509   7.133   11.784  1.00 32.03 ? 427 HOH A O   1 
HETATM 1688 O  O   . HOH B 2 .   ? 9.185   11.816  -0.215  1.00 31.34 ? 428 HOH A O   1 
HETATM 1689 O  O   . HOH B 2 .   ? -2.989  5.948   13.547  1.00 40.10 ? 429 HOH A O   1 
HETATM 1690 O  O   . HOH B 2 .   ? -8.841  -9.331  12.791  1.00 47.26 ? 430 HOH A O   1 
HETATM 1691 O  O   . HOH B 2 .   ? -9.306  4.308   -15.415 1.00 45.03 ? 431 HOH A O   1 
HETATM 1692 O  O   . HOH B 2 .   ? 16.095  -4.451  -14.959 1.00 43.35 ? 432 HOH A O   1 
HETATM 1693 O  O   . HOH B 2 .   ? -1.143  7.215   5.976   1.00 47.83 ? 433 HOH A O   1 
HETATM 1694 O  O   . HOH B 2 .   ? 1.096   5.482   7.921   1.00 47.45 ? 434 HOH A O   1 
HETATM 1695 O  O   . HOH B 2 .   ? 20.949  -6.309  -3.547  1.00 50.68 ? 435 HOH A O   1 
HETATM 1696 O  O   . HOH B 2 .   ? 20.465  -7.185  2.030   1.00 32.64 ? 436 HOH A O   1 
HETATM 1697 O  O   . HOH B 2 .   ? -11.797 9.977   15.914  1.00 40.11 ? 437 HOH A O   1 
HETATM 1698 O  O   . HOH B 2 .   ? -16.884 -15.550 5.646   1.00 39.66 ? 438 HOH A O   1 
HETATM 1699 O  O   . HOH B 2 .   ? -2.329  24.781  -0.492  1.00 36.36 ? 439 HOH A O   1 
HETATM 1700 O  O   . HOH B 2 .   ? -21.575 4.165   -5.546  1.00 44.65 ? 440 HOH A O   1 
HETATM 1701 O  O   . HOH B 2 .   ? 7.680   9.341   11.336  1.00 40.38 ? 441 HOH A O   1 
HETATM 1702 O  O   . HOH B 2 .   ? -4.686  5.660   15.518  1.00 56.83 ? 442 HOH A O   1 
HETATM 1703 O  O   . HOH B 2 .   ? 1.532   12.495  -13.715 1.00 38.03 ? 443 HOH A O   1 
HETATM 1704 O  O   . HOH B 2 .   ? 16.544  -16.521 -3.100  1.00 43.52 ? 444 HOH A O   1 
HETATM 1705 O  O   . HOH B 2 .   ? -11.166 11.982  12.588  1.00 49.92 ? 445 HOH A O   1 
HETATM 1706 O  O   . HOH B 2 .   ? -3.914  20.344  -3.032  1.00 38.73 ? 446 HOH A O   1 
HETATM 1707 O  O   . HOH B 2 .   ? -5.134  3.820   17.734  1.00 46.32 ? 447 HOH A O   1 
HETATM 1708 O  O   . HOH B 2 .   ? -19.291 3.821   -10.316 1.00 35.16 ? 448 HOH A O   1 
HETATM 1709 O  O   . HOH B 2 .   ? -0.863  21.611  -5.528  1.00 43.67 ? 449 HOH A O   1 
HETATM 1710 O  O   . HOH B 2 .   ? 12.259  9.751   6.786   1.00 43.28 ? 450 HOH A O   1 
HETATM 1711 O  O   . HOH B 2 .   ? 4.378   9.212   -17.072 1.00 48.69 ? 451 HOH A O   1 
HETATM 1712 O  O   . HOH B 2 .   ? 16.823  8.872   -10.050 1.00 40.71 ? 452 HOH A O   1 
HETATM 1713 O  O   . HOH B 2 .   ? 5.947   7.753   -2.613  1.00 35.62 ? 453 HOH A O   1 
# 
